data_4Z6Z
#
_entry.id   4Z6Z
#
_cell.length_a   110.399
_cell.length_b   151.247
_cell.length_c   96.158
_cell.angle_alpha   90.000
_cell.angle_beta   90.000
_cell.angle_gamma   90.000
#
_symmetry.space_group_name_H-M   'P 21 21 2'
#
loop_
_entity.id
_entity.type
_entity.pdbx_description
1 polymer 'Homoprotocatechuate 2,3-dioxygenase'
2 non-polymer 'FE (II) ION'
3 non-polymer 'HEXAETHYLENE GLYCOL'
4 non-polymer 'CHLORIDE ION'
5 non-polymer '3[N-MORPHOLINO]PROPANE SULFONIC ACID'
6 non-polymer 'CALCIUM ION'
7 non-polymer '3,4-dihydroxybenzenesulfonic acid'
8 non-polymer 'TETRAETHYLENE GLYCOL'
9 water water
#
_entity_poly.entity_id   1
_entity_poly.type   'polypeptide(L)'
_entity_poly.pdbx_seq_one_letter_code
;MSNEIPKPVAPAPDILRCAYAELVVTDLAKSRNFYVDVLGLHVSYEDENQIYLRSFEEFIHHNLVLTKGPVAALKAMAFR
VRTPEDVDKAEAYYQELGCRTERRKDGFVKGIGDALRVEDPLGFPYEFFFETTHVERLHMRYDLYSAGELVRLDHFNQVT
PDVPRGRKYLEDLGFRVTEDIQDDEGTTYAAWMHRKGTVHDTALTGGNGPRLHHVAFSTHEKHNIIQICDKMGALRISDR
IERGPGRHGVSNAFYLYILDPDNHRIEIYTQDYYTGDPDNPTITWNVHDNQRRDWWGNPVVPSWYTEASKVLDLDGNVQE
IIERTDDSELEVTIGADGFSFTRAGDEDGSYHGQASKGFKLGNQL
;
_entity_poly.pdbx_strand_id   A,B,C,D
#
loop_
_chem_comp.id
_chem_comp.type
_chem_comp.name
_chem_comp.formula
4SX non-polymer '3,4-dihydroxybenzenesulfonic acid' 'C6 H6 O5 S'
CA non-polymer 'CALCIUM ION' 'Ca 2'
CL non-polymer 'CHLORIDE ION' 'Cl -1'
FE2 non-polymer 'FE (II) ION' 'Fe 2'
MPO non-polymer '3[N-MORPHOLINO]PROPANE SULFONIC ACID' 'C7 H15 N O4 S'
P6G non-polymer 'HEXAETHYLENE GLYCOL' 'C12 H26 O7'
PG4 non-polymer 'TETRAETHYLENE GLYCOL' 'C8 H18 O5'
#
# COMPACT_ATOMS: atom_id res chain seq x y z
N GLU A 4 21.43 33.93 -26.52
CA GLU A 4 22.13 32.80 -25.82
C GLU A 4 22.86 33.30 -24.58
N ILE A 5 22.86 32.50 -23.53
CA ILE A 5 23.57 32.81 -22.31
C ILE A 5 24.98 32.20 -22.36
N PRO A 6 26.04 33.02 -22.28
CA PRO A 6 27.39 32.48 -22.42
C PRO A 6 27.77 31.57 -21.25
N LYS A 7 28.66 30.61 -21.52
CA LYS A 7 29.29 29.81 -20.48
C LYS A 7 30.41 30.58 -19.82
N PRO A 8 30.30 30.85 -18.50
CA PRO A 8 31.41 31.55 -17.84
C PRO A 8 32.73 30.80 -17.89
N VAL A 9 33.82 31.56 -17.92
CA VAL A 9 35.14 31.03 -17.61
C VAL A 9 35.20 30.55 -16.16
N ALA A 10 34.59 31.31 -15.26
CA ALA A 10 34.56 30.96 -13.83
C ALA A 10 33.85 29.60 -13.62
N PRO A 11 34.40 28.73 -12.76
CA PRO A 11 33.82 27.41 -12.57
C PRO A 11 32.46 27.47 -11.87
N ALA A 12 31.56 26.60 -12.30
CA ALA A 12 30.24 26.55 -11.69
C ALA A 12 30.38 26.04 -10.24
N PRO A 13 29.52 26.55 -9.34
CA PRO A 13 29.41 25.95 -8.01
C PRO A 13 28.87 24.52 -8.07
N ASP A 14 29.31 23.68 -7.14
CA ASP A 14 28.80 22.32 -6.99
C ASP A 14 27.47 22.33 -6.23
N ILE A 15 26.36 22.19 -6.95
CA ILE A 15 25.02 22.22 -6.36
C ILE A 15 24.60 20.80 -5.96
N LEU A 16 24.17 20.64 -4.72
CA LEU A 16 23.74 19.32 -4.19
C LEU A 16 22.32 18.96 -4.62
N ARG A 17 21.41 19.91 -4.47
CA ARG A 17 19.98 19.61 -4.50
C ARG A 17 19.20 20.89 -4.30
N CYS A 18 17.93 20.87 -4.70
CA CYS A 18 16.98 21.84 -4.17
C CYS A 18 16.82 21.64 -2.65
N ALA A 19 16.68 22.74 -1.93
CA ALA A 19 16.70 22.70 -0.47
C ALA A 19 15.51 23.38 0.21
N TYR A 20 15.15 24.60 -0.23
CA TYR A 20 13.96 25.26 0.28
C TYR A 20 13.44 26.32 -0.67
N ALA A 21 12.18 26.69 -0.47
CA ALA A 21 11.62 27.87 -1.14
C ALA A 21 11.12 28.87 -0.11
N GLU A 22 11.31 30.15 -0.40
CA GLU A 22 10.66 31.20 0.37
C GLU A 22 9.49 31.73 -0.43
N LEU A 23 8.29 31.55 0.13
CA LEU A 23 7.06 32.03 -0.50
C LEU A 23 6.49 33.18 0.29
N VAL A 24 6.19 34.29 -0.41
CA VAL A 24 5.43 35.34 0.22
C VAL A 24 3.93 35.01 0.17
N VAL A 25 3.28 35.21 1.32
CA VAL A 25 1.86 34.92 1.49
C VAL A 25 1.18 36.12 2.13
N THR A 26 -0.12 36.26 1.88
CA THR A 26 -0.86 37.46 2.32
C THR A 26 -1.50 37.33 3.71
N ASP A 27 -1.92 36.12 4.08
CA ASP A 27 -2.58 35.89 5.37
C ASP A 27 -1.88 34.70 6.02
N LEU A 28 -1.01 34.98 6.98
CA LEU A 28 -0.09 33.98 7.50
C LEU A 28 -0.88 32.87 8.22
N ALA A 29 -1.94 33.25 8.92
CA ALA A 29 -2.79 32.28 9.63
C ALA A 29 -3.49 31.29 8.68
N LYS A 30 -4.00 31.79 7.57
CA LYS A 30 -4.67 30.93 6.61
C LYS A 30 -3.67 30.00 5.94
N SER A 31 -2.51 30.54 5.59
CA SER A 31 -1.44 29.69 5.06
C SER A 31 -0.95 28.62 6.05
N ARG A 32 -0.79 28.98 7.31
CA ARG A 32 -0.46 28.00 8.35
C ARG A 32 -1.48 26.86 8.39
N ASN A 33 -2.75 27.20 8.35
CA ASN A 33 -3.79 26.18 8.39
C ASN A 33 -3.63 25.20 7.22
N PHE A 34 -3.37 25.73 6.03
CA PHE A 34 -3.12 24.88 4.86
C PHE A 34 -1.89 23.99 5.02
N TYR A 35 -0.74 24.61 5.29
CA TYR A 35 0.53 23.87 5.26
C TYR A 35 0.77 23.01 6.51
N VAL A 36 0.31 23.45 7.66
CA VAL A 36 0.45 22.69 8.90
C VAL A 36 -0.78 21.80 9.17
N ASP A 37 -1.97 22.38 9.24
CA ASP A 37 -3.14 21.58 9.66
C ASP A 37 -3.62 20.63 8.56
N VAL A 38 -3.65 21.10 7.30
CA VAL A 38 -4.10 20.24 6.22
C VAL A 38 -2.97 19.31 5.78
N LEU A 39 -1.81 19.87 5.46
CA LEU A 39 -0.73 19.08 4.85
C LEU A 39 0.24 18.45 5.83
N GLY A 40 0.26 18.91 7.10
CA GLY A 40 1.04 18.26 8.14
C GLY A 40 2.53 18.57 8.15
N LEU A 41 2.99 19.60 7.45
CA LEU A 41 4.40 19.97 7.55
C LEU A 41 4.75 20.38 8.99
N HIS A 42 6.02 20.24 9.33
CA HIS A 42 6.50 20.38 10.71
C HIS A 42 7.13 21.75 10.92
N VAL A 43 6.76 22.42 12.00
CA VAL A 43 7.23 23.80 12.27
C VAL A 43 8.61 23.78 12.92
N SER A 44 9.59 24.36 12.24
CA SER A 44 10.95 24.48 12.78
C SER A 44 11.06 25.74 13.65
N TYR A 45 10.26 26.74 13.31
CA TYR A 45 10.33 28.06 13.93
C TYR A 45 9.13 28.82 13.42
N GLU A 46 8.48 29.60 14.28
CA GLU A 46 7.54 30.59 13.78
C GLU A 46 7.50 31.86 14.61
N ASP A 47 7.14 32.95 13.95
CA ASP A 47 6.72 34.15 14.65
C ASP A 47 5.52 34.78 13.94
N GLU A 48 5.29 36.06 14.18
CA GLU A 48 4.13 36.76 13.61
C GLU A 48 4.36 37.11 12.13
N ASN A 49 5.58 36.99 11.65
CA ASN A 49 5.91 37.37 10.28
C ASN A 49 6.21 36.21 9.34
N GLN A 50 6.67 35.09 9.92
CA GLN A 50 7.18 33.97 9.13
C GLN A 50 6.90 32.65 9.82
N ILE A 51 6.70 31.62 8.99
CA ILE A 51 6.64 30.24 9.45
C ILE A 51 7.68 29.44 8.66
N TYR A 52 8.50 28.69 9.40
CA TYR A 52 9.57 27.85 8.85
C TYR A 52 9.14 26.40 8.99
N LEU A 53 9.00 25.71 7.85
CA LEU A 53 8.43 24.37 7.80
C LEU A 53 9.41 23.40 7.18
N ARG A 54 9.37 22.16 7.66
CA ARG A 54 10.21 21.09 7.10
C ARG A 54 9.42 19.81 6.93
N SER A 55 9.92 18.98 6.03
CA SER A 55 9.36 17.70 5.77
C SER A 55 9.82 16.66 6.82
N PHE A 56 9.18 15.49 6.82
CA PHE A 56 9.40 14.43 7.81
C PHE A 56 10.86 13.97 7.91
N GLU A 57 11.56 13.90 6.78
CA GLU A 57 12.93 13.33 6.77
C GLU A 57 14.03 14.38 6.70
N GLU A 58 13.67 15.65 6.79
CA GLU A 58 14.68 16.69 6.64
C GLU A 58 15.48 16.90 7.93
N PHE A 59 16.77 17.18 7.76
CA PHE A 59 17.61 17.61 8.90
C PHE A 59 18.10 19.06 8.80
N ILE A 60 18.08 19.66 7.60
CA ILE A 60 18.39 21.09 7.52
C ILE A 60 17.22 21.88 8.10
N HIS A 61 17.42 23.17 8.32
CA HIS A 61 16.47 23.87 9.17
C HIS A 61 15.03 23.90 8.64
N HIS A 62 14.86 24.00 7.32
CA HIS A 62 13.54 24.12 6.75
C HIS A 62 13.59 23.78 5.27
N ASN A 63 12.43 23.41 4.73
CA ASN A 63 12.20 23.26 3.29
C ASN A 63 11.29 24.33 2.70
N LEU A 64 10.59 25.07 3.55
CA LEU A 64 9.63 26.06 3.12
C LEU A 64 9.60 27.18 4.14
N VAL A 65 9.73 28.41 3.65
CA VAL A 65 9.53 29.59 4.49
C VAL A 65 8.36 30.36 3.94
N LEU A 66 7.37 30.56 4.79
CA LEU A 66 6.22 31.41 4.49
C LEU A 66 6.49 32.75 5.13
N THR A 67 6.54 33.78 4.31
CA THR A 67 6.84 35.13 4.75
C THR A 67 5.63 36.00 4.43
N LYS A 68 5.09 36.66 5.46
CA LYS A 68 3.96 37.56 5.28
C LYS A 68 4.42 38.75 4.44
N GLY A 69 3.60 39.12 3.47
CA GLY A 69 3.90 40.30 2.65
C GLY A 69 2.68 40.74 1.90
N PRO A 70 2.78 41.87 1.18
CA PRO A 70 1.62 42.46 0.52
C PRO A 70 1.24 41.73 -0.76
N VAL A 71 2.20 41.10 -1.45
CA VAL A 71 1.92 40.50 -2.75
C VAL A 71 2.43 39.07 -2.77
N ALA A 72 1.53 38.11 -2.92
CA ALA A 72 1.95 36.69 -2.94
C ALA A 72 2.86 36.39 -4.13
N ALA A 73 3.99 35.74 -3.88
CA ALA A 73 5.03 35.56 -4.89
C ALA A 73 6.10 34.63 -4.34
N LEU A 74 6.87 34.04 -5.25
CA LEU A 74 8.15 33.43 -4.89
C LEU A 74 9.21 34.49 -4.59
N LYS A 75 9.79 34.43 -3.38
CA LYS A 75 10.91 35.30 -3.03
C LYS A 75 12.29 34.72 -3.30
N ALA A 76 12.43 33.40 -3.14
CA ALA A 76 13.69 32.72 -3.37
C ALA A 76 13.44 31.22 -3.56
N MET A 77 14.12 30.65 -4.54
CA MET A 77 14.29 29.21 -4.63
C MET A 77 15.75 28.86 -4.35
N ALA A 78 15.97 28.08 -3.30
CA ALA A 78 17.29 27.86 -2.75
C ALA A 78 17.81 26.47 -3.02
N PHE A 79 19.06 26.42 -3.47
CA PHE A 79 19.82 25.20 -3.66
C PHE A 79 20.96 25.20 -2.67
N ARG A 80 21.18 24.04 -2.05
CA ARG A 80 22.34 23.84 -1.21
C ARG A 80 23.53 23.42 -2.06
N VAL A 81 24.69 24.02 -1.78
CA VAL A 81 25.95 23.68 -2.44
C VAL A 81 26.86 22.86 -1.51
N ARG A 82 27.90 22.25 -2.09
CA ARG A 82 28.62 21.17 -1.40
C ARG A 82 29.53 21.69 -0.29
N THR A 83 30.16 22.85 -0.51
CA THR A 83 31.11 23.44 0.47
C THR A 83 30.87 24.94 0.64
N PRO A 84 31.37 25.52 1.75
CA PRO A 84 31.32 26.97 1.86
C PRO A 84 31.96 27.70 0.66
N GLU A 85 33.04 27.14 0.12
CA GLU A 85 33.76 27.73 -1.04
C GLU A 85 32.88 27.76 -2.30
N ASP A 86 31.88 26.87 -2.39
CA ASP A 86 30.99 26.88 -3.53
C ASP A 86 30.06 28.09 -3.55
N VAL A 87 29.83 28.71 -2.39
CA VAL A 87 29.09 30.00 -2.39
C VAL A 87 29.93 31.09 -3.05
N ASP A 88 31.24 31.07 -2.81
CA ASP A 88 32.18 32.00 -3.50
C ASP A 88 32.17 31.75 -5.01
N LYS A 89 32.15 30.47 -5.40
CA LYS A 89 32.13 30.13 -6.81
C LYS A 89 30.84 30.58 -7.45
N ALA A 90 29.72 30.41 -6.76
CA ALA A 90 28.45 30.90 -7.27
C ALA A 90 28.45 32.42 -7.46
N GLU A 91 29.02 33.15 -6.50
CA GLU A 91 29.06 34.59 -6.61
C GLU A 91 29.87 35.02 -7.85
N ALA A 92 31.06 34.44 -8.04
CA ALA A 92 31.91 34.75 -9.19
C ALA A 92 31.23 34.37 -10.52
N TYR A 93 30.54 33.25 -10.50
CA TYR A 93 29.89 32.74 -11.71
C TYR A 93 28.79 33.69 -12.16
N TYR A 94 27.93 34.11 -11.24
CA TYR A 94 26.80 34.99 -11.61
C TYR A 94 27.23 36.42 -11.92
N GLN A 95 28.33 36.85 -11.31
CA GLN A 95 28.90 38.14 -11.64
C GLN A 95 29.46 38.16 -13.07
N GLU A 96 30.11 37.09 -13.48
CA GLU A 96 30.55 36.96 -14.88
C GLU A 96 29.38 36.94 -15.86
N LEU A 97 28.26 36.35 -15.48
CA LEU A 97 27.03 36.42 -16.29
C LEU A 97 26.38 37.78 -16.34
N GLY A 98 26.84 38.72 -15.51
CA GLY A 98 26.32 40.07 -15.50
C GLY A 98 25.03 40.18 -14.71
N CYS A 99 24.82 39.24 -13.79
CA CYS A 99 23.62 39.17 -12.98
C CYS A 99 23.81 39.94 -11.68
N ARG A 100 22.74 40.57 -11.24
CA ARG A 100 22.69 41.17 -9.93
C ARG A 100 22.75 40.12 -8.83
N THR A 101 23.62 40.34 -7.85
CA THR A 101 23.84 39.41 -6.75
C THR A 101 23.80 40.18 -5.42
N GLU A 102 23.48 39.45 -4.36
CA GLU A 102 23.58 39.99 -3.00
C GLU A 102 23.98 38.87 -2.05
N ARG A 103 25.09 39.09 -1.31
CA ARG A 103 25.63 38.09 -0.40
C ARG A 103 25.55 38.51 1.07
N ARG A 104 24.96 37.65 1.90
CA ARG A 104 24.88 37.90 3.35
C ARG A 104 25.51 36.80 4.18
N LYS A 105 26.55 37.14 4.92
CA LYS A 105 27.31 36.14 5.69
C LYS A 105 26.46 35.47 6.77
N ASP A 106 25.39 36.13 7.22
CA ASP A 106 24.50 35.58 8.24
C ASP A 106 23.11 35.24 7.69
N GLY A 107 23.00 35.12 6.36
CA GLY A 107 21.79 34.61 5.73
C GLY A 107 20.68 35.64 5.58
N PHE A 108 19.68 35.28 4.75
CA PHE A 108 18.47 36.09 4.51
C PHE A 108 17.29 35.65 5.37
N VAL A 109 17.28 34.36 5.73
CA VAL A 109 16.23 33.77 6.56
C VAL A 109 16.89 32.98 7.70
N LYS A 110 16.12 32.75 8.77
CA LYS A 110 16.64 32.04 9.95
C LYS A 110 17.04 30.62 9.57
N GLY A 111 18.10 30.13 10.19
CA GLY A 111 18.53 28.77 9.99
C GLY A 111 19.39 28.57 8.76
N ILE A 112 19.69 29.65 8.04
CA ILE A 112 20.64 29.60 6.95
C ILE A 112 21.76 30.61 7.26
N GLY A 113 23.01 30.22 7.06
CA GLY A 113 24.15 31.10 7.25
C GLY A 113 24.52 31.77 5.93
N ASP A 114 25.82 31.79 5.64
CA ASP A 114 26.35 32.54 4.48
C ASP A 114 25.59 32.12 3.23
N ALA A 115 24.93 33.10 2.59
CA ALA A 115 24.05 32.82 1.45
C ALA A 115 24.15 33.89 0.37
N LEU A 116 24.14 33.43 -0.90
CA LEU A 116 24.12 34.30 -2.06
C LEU A 116 22.75 34.25 -2.72
N ARG A 117 22.08 35.40 -2.85
CA ARG A 117 20.91 35.49 -3.74
C ARG A 117 21.24 36.20 -5.03
N VAL A 118 20.63 35.75 -6.13
CA VAL A 118 20.87 36.32 -7.46
C VAL A 118 19.53 36.49 -8.20
N GLU A 119 19.46 37.52 -9.05
CA GLU A 119 18.47 37.56 -10.12
C GLU A 119 19.09 36.87 -11.33
N ASP A 120 18.62 35.68 -11.64
CA ASP A 120 19.34 34.86 -12.62
C ASP A 120 19.01 35.29 -14.05
N PRO A 121 19.69 34.72 -15.06
CA PRO A 121 19.49 35.19 -16.44
C PRO A 121 18.06 35.05 -16.96
N LEU A 122 17.25 34.21 -16.32
CA LEU A 122 15.85 34.05 -16.67
C LEU A 122 14.90 34.88 -15.78
N GLY A 123 15.46 35.69 -14.90
CA GLY A 123 14.68 36.53 -14.02
C GLY A 123 14.19 35.88 -12.73
N PHE A 124 14.78 34.75 -12.34
CA PHE A 124 14.35 34.05 -11.12
C PHE A 124 15.28 34.35 -9.96
N PRO A 125 14.72 34.44 -8.75
CA PRO A 125 15.53 34.62 -7.54
C PRO A 125 16.06 33.30 -7.02
N TYR A 126 17.30 32.97 -7.37
CA TYR A 126 18.00 31.81 -6.86
C TYR A 126 18.75 32.16 -5.58
N GLU A 127 18.76 31.26 -4.59
CA GLU A 127 19.74 31.29 -3.48
C GLU A 127 20.67 30.09 -3.52
N PHE A 128 21.93 30.33 -3.15
CA PHE A 128 22.93 29.29 -2.95
C PHE A 128 23.54 29.46 -1.56
N PHE A 129 23.55 28.37 -0.81
CA PHE A 129 24.08 28.36 0.55
C PHE A 129 24.67 26.98 0.86
N PHE A 130 25.60 26.96 1.82
CA PHE A 130 26.02 25.73 2.48
C PHE A 130 25.53 25.68 3.92
N GLU A 131 25.86 26.72 4.69
CA GLU A 131 25.66 26.73 6.16
C GLU A 131 24.17 26.73 6.48
N THR A 132 23.75 25.79 7.31
CA THR A 132 22.40 25.76 7.82
C THR A 132 22.39 25.10 9.22
N THR A 133 21.45 25.54 10.02
CA THR A 133 21.20 25.01 11.38
C THR A 133 20.54 23.64 11.29
N HIS A 134 21.20 22.60 11.82
CA HIS A 134 20.62 21.27 11.83
C HIS A 134 19.52 21.22 12.87
N VAL A 135 18.48 20.46 12.57
CA VAL A 135 17.35 20.27 13.49
C VAL A 135 17.11 18.76 13.69
N GLU A 136 16.19 18.38 14.57
CA GLU A 136 15.88 16.99 14.79
C GLU A 136 15.31 16.38 13.52
N ARG A 137 16.01 15.38 12.97
N ARG A 137 15.99 15.38 12.99
CA ARG A 137 15.50 14.63 11.84
CA ARG A 137 15.47 14.68 11.82
C ARG A 137 14.32 13.75 12.29
C ARG A 137 14.34 13.73 12.25
N LEU A 138 13.14 13.98 11.73
CA LEU A 138 11.92 13.32 12.23
C LEU A 138 11.58 12.01 11.53
N HIS A 139 12.55 11.46 10.79
CA HIS A 139 12.30 10.36 9.87
C HIS A 139 11.79 9.06 10.51
N MET A 140 12.01 8.87 11.82
CA MET A 140 11.49 7.72 12.54
C MET A 140 10.46 8.09 13.63
N ARG A 141 9.94 9.33 13.55
CA ARG A 141 8.94 9.81 14.52
C ARG A 141 7.55 9.39 14.06
N TYR A 142 7.34 8.07 14.07
CA TYR A 142 6.07 7.52 13.63
C TYR A 142 4.90 7.82 14.56
N ASP A 143 5.20 8.31 15.77
CA ASP A 143 4.22 8.94 16.63
C ASP A 143 3.64 10.23 16.09
N LEU A 144 4.36 10.87 15.15
CA LEU A 144 3.90 12.09 14.49
C LEU A 144 3.38 11.84 13.06
N TYR A 145 3.68 10.69 12.49
CA TYR A 145 3.47 10.44 11.08
C TYR A 145 1.98 10.52 10.74
N SER A 146 1.66 11.31 9.73
N SER A 146 1.62 11.34 9.77
CA SER A 146 0.30 11.49 9.22
CA SER A 146 0.24 11.44 9.31
C SER A 146 0.03 10.51 8.08
C SER A 146 0.02 10.51 8.12
N ALA A 147 -1.24 10.16 7.88
CA ALA A 147 -1.61 9.31 6.77
C ALA A 147 -1.28 9.94 5.42
N GLY A 148 -1.11 11.27 5.39
CA GLY A 148 -0.66 11.99 4.19
C GLY A 148 0.75 12.55 4.24
N GLU A 149 1.63 11.96 5.04
CA GLU A 149 2.89 12.61 5.41
C GLU A 149 3.76 13.00 4.20
N LEU A 150 4.19 14.27 4.18
CA LEU A 150 5.20 14.78 3.25
C LEU A 150 6.61 14.56 3.77
N VAL A 151 7.40 13.79 3.03
CA VAL A 151 8.65 13.21 3.56
C VAL A 151 9.93 13.98 3.11
N ARG A 152 9.90 14.54 1.90
N ARG A 152 9.93 14.49 1.88
CA ARG A 152 11.03 15.30 1.36
CA ARG A 152 11.06 15.26 1.33
C ARG A 152 10.52 16.46 0.52
C ARG A 152 10.55 16.43 0.51
N LEU A 153 11.37 17.47 0.38
CA LEU A 153 11.25 18.42 -0.76
C LEU A 153 11.86 17.76 -1.98
N ASP A 154 11.15 17.75 -3.10
CA ASP A 154 11.69 17.12 -4.29
C ASP A 154 12.20 18.08 -5.37
N HIS A 155 11.41 19.08 -5.74
CA HIS A 155 11.78 19.95 -6.88
C HIS A 155 10.99 21.23 -6.96
N PHE A 156 11.49 22.14 -7.80
CA PHE A 156 10.80 23.32 -8.25
C PHE A 156 10.44 23.14 -9.72
N ASN A 157 9.46 23.91 -10.18
CA ASN A 157 9.17 24.00 -11.61
C ASN A 157 8.92 25.47 -11.97
N GLN A 158 9.65 25.95 -12.97
CA GLN A 158 9.69 27.34 -13.39
C GLN A 158 9.04 27.53 -14.76
N VAL A 159 8.22 28.57 -14.91
CA VAL A 159 7.67 28.97 -16.22
C VAL A 159 8.56 30.04 -16.84
N THR A 160 9.01 29.77 -18.06
CA THR A 160 9.95 30.63 -18.77
C THR A 160 9.61 30.59 -20.27
N PRO A 161 9.77 31.71 -20.99
CA PRO A 161 9.25 31.75 -22.36
C PRO A 161 10.06 30.95 -23.39
N ASP A 162 11.36 30.81 -23.15
CA ASP A 162 12.28 30.22 -24.13
C ASP A 162 13.03 29.06 -23.47
N VAL A 163 12.57 27.84 -23.70
CA VAL A 163 13.08 26.71 -22.94
C VAL A 163 14.50 26.33 -23.30
N PRO A 164 14.84 26.27 -24.61
CA PRO A 164 16.23 25.97 -24.96
C PRO A 164 17.25 26.94 -24.37
N ARG A 165 16.91 28.22 -24.32
CA ARG A 165 17.79 29.24 -23.76
C ARG A 165 18.11 28.93 -22.29
N GLY A 166 17.06 28.64 -21.54
CA GLY A 166 17.19 28.25 -20.14
C GLY A 166 17.88 26.93 -19.92
N ARG A 167 17.57 25.96 -20.75
CA ARG A 167 18.18 24.64 -20.65
C ARG A 167 19.72 24.70 -20.76
N LYS A 168 20.22 25.45 -21.73
CA LYS A 168 21.66 25.59 -21.94
C LYS A 168 22.35 26.20 -20.71
N TYR A 169 21.72 27.24 -20.16
CA TYR A 169 22.23 27.91 -18.96
C TYR A 169 22.26 26.96 -17.77
N LEU A 170 21.21 26.18 -17.60
CA LEU A 170 21.19 25.26 -16.47
C LEU A 170 22.16 24.09 -16.67
N GLU A 171 22.35 23.67 -17.92
CA GLU A 171 23.35 22.64 -18.19
C GLU A 171 24.76 23.11 -17.85
N ASP A 172 25.06 24.36 -18.19
CA ASP A 172 26.39 24.91 -17.87
C ASP A 172 26.60 24.97 -16.37
N LEU A 173 25.50 25.18 -15.64
CA LEU A 173 25.52 25.21 -14.19
C LEU A 173 25.62 23.82 -13.57
N GLY A 174 25.50 22.77 -14.39
CA GLY A 174 25.78 21.40 -13.98
C GLY A 174 24.54 20.51 -13.87
N PHE A 175 23.36 21.07 -14.08
CA PHE A 175 22.10 20.27 -14.14
C PHE A 175 22.13 19.42 -15.42
N ARG A 176 21.62 18.20 -15.33
CA ARG A 176 21.57 17.28 -16.46
C ARG A 176 20.12 17.06 -16.81
N VAL A 177 19.79 17.28 -18.10
CA VAL A 177 18.43 17.03 -18.58
C VAL A 177 18.12 15.53 -18.58
N THR A 178 17.01 15.17 -17.94
CA THR A 178 16.58 13.77 -17.86
C THR A 178 15.46 13.44 -18.84
N GLU A 179 14.53 14.37 -18.99
CA GLU A 179 13.37 14.21 -19.87
C GLU A 179 13.01 15.56 -20.45
N ASP A 180 12.40 15.54 -21.64
CA ASP A 180 11.86 16.76 -22.21
C ASP A 180 10.65 16.47 -23.11
N ILE A 181 9.94 17.53 -23.50
CA ILE A 181 8.82 17.46 -24.43
C ILE A 181 9.10 18.39 -25.60
N GLN A 182 9.05 17.83 -26.82
CA GLN A 182 9.31 18.59 -28.04
C GLN A 182 8.23 18.22 -29.06
N ASP A 183 8.22 18.90 -30.19
CA ASP A 183 7.42 18.44 -31.33
C ASP A 183 8.29 18.18 -32.56
N ASP A 184 7.65 17.90 -33.69
CA ASP A 184 8.39 17.60 -34.90
C ASP A 184 8.83 18.84 -35.71
N GLU A 185 8.63 20.02 -35.15
CA GLU A 185 8.90 21.29 -35.84
C GLU A 185 9.94 22.12 -35.13
N GLY A 186 10.68 21.51 -34.20
CA GLY A 186 11.82 22.17 -33.58
C GLY A 186 11.46 22.92 -32.32
N THR A 187 10.24 22.77 -31.81
CA THR A 187 9.85 23.50 -30.59
C THR A 187 10.08 22.62 -29.35
N THR A 188 10.63 23.21 -28.29
CA THR A 188 10.70 22.55 -26.99
C THR A 188 9.66 23.20 -26.08
N TYR A 189 8.87 22.37 -25.40
CA TYR A 189 7.77 22.83 -24.54
C TYR A 189 8.10 22.75 -23.06
N ALA A 190 9.03 21.86 -22.68
CA ALA A 190 9.38 21.62 -21.28
C ALA A 190 10.64 20.79 -21.20
N ALA A 191 11.37 20.94 -20.08
CA ALA A 191 12.56 20.15 -19.81
C ALA A 191 12.69 19.99 -18.31
N TRP A 192 13.23 18.82 -17.93
CA TRP A 192 13.46 18.43 -16.56
C TRP A 192 14.95 18.22 -16.33
N MET A 193 15.50 18.72 -15.23
CA MET A 193 16.94 18.59 -15.03
C MET A 193 17.34 18.48 -13.56
N HIS A 194 18.42 17.73 -13.30
CA HIS A 194 18.72 17.32 -11.93
C HIS A 194 20.17 17.53 -11.54
N ARG A 195 20.35 17.64 -10.22
CA ARG A 195 21.64 17.43 -9.57
C ARG A 195 21.68 16.22 -8.65
N LYS A 196 20.61 15.98 -7.89
CA LYS A 196 20.68 15.00 -6.80
C LYS A 196 20.43 13.53 -7.20
N GLY A 197 20.10 13.26 -8.45
CA GLY A 197 19.99 11.85 -8.90
C GLY A 197 18.56 11.33 -8.90
N THR A 198 17.61 12.25 -8.83
CA THR A 198 16.21 11.96 -9.16
C THR A 198 15.91 12.62 -10.50
N VAL A 199 14.68 12.49 -10.97
CA VAL A 199 14.34 13.06 -12.28
C VAL A 199 14.63 14.55 -12.37
N HIS A 200 14.40 15.29 -11.29
CA HIS A 200 14.72 16.71 -11.29
C HIS A 200 14.87 17.35 -9.93
N ASP A 201 15.63 18.43 -9.94
CA ASP A 201 15.63 19.45 -8.89
C ASP A 201 14.93 20.73 -9.32
N THR A 202 15.04 21.07 -10.60
CA THR A 202 14.14 22.04 -11.17
C THR A 202 13.71 21.61 -12.58
N ALA A 203 12.74 22.32 -13.11
CA ALA A 203 12.22 22.03 -14.43
C ALA A 203 11.81 23.34 -15.05
N LEU A 204 11.85 23.37 -16.38
CA LEU A 204 11.35 24.50 -17.12
C LEU A 204 10.10 24.11 -17.92
N THR A 205 9.06 24.92 -17.74
CA THR A 205 7.80 24.81 -18.48
C THR A 205 7.68 26.05 -19.37
N GLY A 206 7.45 25.83 -20.66
CA GLY A 206 7.32 26.95 -21.58
C GLY A 206 6.05 27.75 -21.33
N GLY A 207 6.21 29.05 -21.15
CA GLY A 207 5.08 29.91 -20.96
C GLY A 207 5.56 31.30 -20.62
N ASN A 208 4.62 32.21 -20.41
CA ASN A 208 5.00 33.57 -20.05
C ASN A 208 5.67 33.56 -18.68
N GLY A 209 6.78 34.25 -18.54
CA GLY A 209 7.58 34.18 -17.31
C GLY A 209 8.52 35.34 -17.17
N PRO A 210 9.27 35.41 -16.04
CA PRO A 210 9.38 34.37 -14.99
C PRO A 210 8.16 34.25 -14.09
N ARG A 211 7.62 33.03 -13.98
CA ARG A 211 6.72 32.65 -12.91
C ARG A 211 7.12 31.30 -12.33
N LEU A 212 6.73 31.06 -11.08
CA LEU A 212 6.92 29.78 -10.43
C LEU A 212 5.71 28.91 -10.68
N HIS A 213 5.91 27.79 -11.35
CA HIS A 213 4.80 26.89 -11.58
C HIS A 213 4.36 26.15 -10.32
N HIS A 214 5.29 25.48 -9.67
CA HIS A 214 5.00 24.82 -8.40
C HIS A 214 6.25 24.47 -7.63
N VAL A 215 6.02 24.11 -6.35
CA VAL A 215 6.98 23.44 -5.52
C VAL A 215 6.44 22.04 -5.22
N ALA A 216 7.31 21.03 -5.23
CA ALA A 216 6.90 19.66 -5.04
C ALA A 216 7.51 19.02 -3.80
N PHE A 217 6.66 18.31 -3.05
CA PHE A 217 7.08 17.45 -1.93
C PHE A 217 6.76 16.00 -2.24
N SER A 218 7.58 15.10 -1.68
N SER A 218 7.55 15.07 -1.69
CA SER A 218 7.43 13.66 -1.85
CA SER A 218 7.31 13.67 -1.93
C SER A 218 6.60 13.05 -0.71
C SER A 218 6.68 12.99 -0.72
N THR A 219 5.99 11.90 -1.00
CA THR A 219 5.50 10.97 0.03
C THR A 219 6.22 9.63 -0.10
N HIS A 220 6.06 8.75 0.87
CA HIS A 220 6.61 7.40 0.75
C HIS A 220 5.87 6.57 -0.29
N GLU A 221 4.55 6.59 -0.23
CA GLU A 221 3.74 5.66 -1.01
C GLU A 221 2.58 6.37 -1.70
N LYS A 222 1.99 5.69 -2.67
CA LYS A 222 0.90 6.28 -3.44
C LYS A 222 -0.35 6.52 -2.57
N HIS A 223 -0.62 5.63 -1.62
CA HIS A 223 -1.78 5.83 -0.76
C HIS A 223 -1.69 7.10 0.09
N ASN A 224 -0.48 7.60 0.35
CA ASN A 224 -0.33 8.84 1.09
C ASN A 224 -0.90 10.03 0.29
N ILE A 225 -0.72 9.98 -1.04
CA ILE A 225 -1.27 11.01 -1.91
C ILE A 225 -2.79 10.90 -1.98
N ILE A 226 -3.29 9.68 -2.08
N ILE A 226 -3.28 9.67 -2.09
CA ILE A 226 -4.72 9.46 -2.05
CA ILE A 226 -4.70 9.44 -2.05
C ILE A 226 -5.34 10.00 -0.76
C ILE A 226 -5.33 9.98 -0.77
N GLN A 227 -4.69 9.78 0.36
CA GLN A 227 -5.17 10.33 1.64
C GLN A 227 -5.29 11.87 1.60
N ILE A 228 -4.35 12.57 0.98
CA ILE A 228 -4.42 14.02 0.93
C ILE A 228 -5.74 14.44 0.21
N CYS A 229 -6.04 13.75 -0.89
CA CYS A 229 -7.27 13.98 -1.61
C CYS A 229 -8.51 13.70 -0.74
N ASP A 230 -8.50 12.55 -0.08
CA ASP A 230 -9.60 12.14 0.81
C ASP A 230 -9.83 13.16 1.95
N LYS A 231 -8.73 13.63 2.52
CA LYS A 231 -8.81 14.62 3.61
C LYS A 231 -9.38 15.93 3.10
N MET A 232 -8.96 16.34 1.90
CA MET A 232 -9.50 17.56 1.30
C MET A 232 -10.99 17.47 1.04
N GLY A 233 -11.46 16.29 0.62
CA GLY A 233 -12.90 16.04 0.51
C GLY A 233 -13.60 16.15 1.85
N ALA A 234 -13.04 15.56 2.89
CA ALA A 234 -13.64 15.62 4.22
C ALA A 234 -13.70 17.03 4.78
N LEU A 235 -12.67 17.81 4.49
CA LEU A 235 -12.65 19.22 4.85
C LEU A 235 -13.48 20.10 3.91
N ARG A 236 -14.11 19.49 2.90
CA ARG A 236 -14.93 20.19 1.92
C ARG A 236 -14.16 21.32 1.25
N ILE A 237 -12.91 21.02 0.88
CA ILE A 237 -12.06 21.92 0.13
C ILE A 237 -11.51 21.22 -1.13
N SER A 238 -12.31 20.30 -1.68
CA SER A 238 -11.96 19.60 -2.90
C SER A 238 -11.77 20.52 -4.10
N ASP A 239 -12.36 21.70 -4.05
CA ASP A 239 -12.14 22.72 -5.06
C ASP A 239 -10.70 23.28 -5.15
N ARG A 240 -9.88 22.99 -4.15
CA ARG A 240 -8.47 23.34 -4.17
C ARG A 240 -7.59 22.18 -4.69
N ILE A 241 -8.20 21.07 -5.08
CA ILE A 241 -7.52 20.06 -5.90
C ILE A 241 -7.63 20.50 -7.35
N GLU A 242 -6.49 20.76 -7.98
CA GLU A 242 -6.48 21.29 -9.33
C GLU A 242 -6.44 20.18 -10.38
N ARG A 243 -5.53 19.24 -10.17
CA ARG A 243 -5.23 18.22 -11.19
C ARG A 243 -4.71 16.98 -10.50
N GLY A 244 -5.16 15.82 -10.97
CA GLY A 244 -4.73 14.55 -10.39
C GLY A 244 -5.78 14.02 -9.42
N PRO A 245 -5.44 12.98 -8.65
CA PRO A 245 -4.14 12.31 -8.68
C PRO A 245 -3.97 11.52 -9.96
N GLY A 246 -2.72 11.26 -10.28
CA GLY A 246 -2.39 10.58 -11.52
C GLY A 246 -1.03 9.93 -11.50
N ARG A 247 -0.71 9.29 -12.61
CA ARG A 247 0.64 8.81 -12.90
C ARG A 247 1.16 9.72 -13.99
N HIS A 248 2.33 10.31 -13.77
CA HIS A 248 2.98 11.10 -14.82
C HIS A 248 3.55 10.16 -15.92
N GLY A 249 3.53 10.64 -17.16
CA GLY A 249 4.38 10.04 -18.19
C GLY A 249 5.83 10.41 -17.97
N VAL A 250 6.16 11.66 -18.28
CA VAL A 250 7.44 12.24 -17.92
C VAL A 250 7.64 12.05 -16.42
N SER A 251 8.75 11.44 -16.03
CA SER A 251 9.14 11.18 -14.63
C SER A 251 8.63 9.87 -14.04
N ASN A 252 7.52 9.37 -14.57
CA ASN A 252 6.90 8.13 -14.07
C ASN A 252 6.43 8.22 -12.61
N ALA A 253 6.32 9.43 -12.06
CA ALA A 253 5.93 9.59 -10.65
C ALA A 253 4.39 9.63 -10.51
N PHE A 254 3.93 9.17 -9.37
CA PHE A 254 2.54 9.35 -8.96
C PHE A 254 2.43 10.77 -8.38
N TYR A 255 1.33 11.47 -8.68
CA TYR A 255 1.28 12.91 -8.47
C TYR A 255 -0.10 13.45 -8.10
N LEU A 256 -0.08 14.67 -7.54
CA LEU A 256 -1.26 15.46 -7.26
C LEU A 256 -0.87 16.92 -7.24
N TYR A 257 -1.73 17.80 -7.77
CA TYR A 257 -1.54 19.26 -7.68
C TYR A 257 -2.69 19.91 -6.92
N ILE A 258 -2.32 20.69 -5.91
CA ILE A 258 -3.28 21.42 -5.10
C ILE A 258 -2.85 22.89 -5.00
N LEU A 259 -3.79 23.74 -4.57
CA LEU A 259 -3.59 25.18 -4.54
C LEU A 259 -3.71 25.71 -3.13
N ASP A 260 -2.69 26.43 -2.68
CA ASP A 260 -2.68 27.07 -1.36
C ASP A 260 -3.59 28.32 -1.36
N PRO A 261 -3.77 28.97 -0.19
CA PRO A 261 -4.70 30.06 -0.10
C PRO A 261 -4.38 31.28 -0.98
N ASP A 262 -3.13 31.46 -1.40
CA ASP A 262 -2.74 32.49 -2.37
C ASP A 262 -2.57 31.95 -3.79
N ASN A 263 -3.10 30.75 -4.02
N ASN A 263 -3.10 30.74 -4.02
CA ASN A 263 -3.01 30.06 -5.31
CA ASN A 263 -3.00 30.03 -5.29
C ASN A 263 -1.62 29.56 -5.71
C ASN A 263 -1.58 29.68 -5.74
N HIS A 264 -0.65 29.62 -4.80
CA HIS A 264 0.61 28.92 -5.02
C HIS A 264 0.29 27.42 -5.17
N ARG A 265 0.83 26.83 -6.23
CA ARG A 265 0.58 25.45 -6.57
C ARG A 265 1.62 24.55 -5.92
N ILE A 266 1.13 23.54 -5.22
CA ILE A 266 1.98 22.54 -4.58
C ILE A 266 1.72 21.21 -5.26
N GLU A 267 2.78 20.53 -5.66
CA GLU A 267 2.70 19.15 -6.13
C GLU A 267 3.08 18.19 -5.01
N ILE A 268 2.33 17.08 -4.91
CA ILE A 268 2.77 15.92 -4.13
C ILE A 268 3.14 14.80 -5.10
N TYR A 269 4.27 14.15 -4.85
CA TYR A 269 5.01 13.37 -5.87
C TYR A 269 5.62 12.14 -5.24
N THR A 270 5.63 11.00 -5.91
CA THR A 270 6.36 9.85 -5.37
C THR A 270 6.78 8.90 -6.47
N GLN A 271 7.93 8.26 -6.24
CA GLN A 271 8.36 7.06 -6.97
C GLN A 271 8.76 7.31 -8.41
N ASP A 272 9.56 8.35 -8.60
CA ASP A 272 10.39 8.46 -9.80
C ASP A 272 11.65 7.58 -9.70
N TYR A 273 12.60 7.71 -10.63
CA TYR A 273 13.66 6.71 -10.82
C TYR A 273 15.04 7.38 -10.67
N TYR A 274 16.10 6.57 -10.62
CA TYR A 274 17.46 7.04 -10.38
C TYR A 274 18.08 7.58 -11.68
N THR A 275 18.68 8.76 -11.59
CA THR A 275 19.26 9.43 -12.77
C THR A 275 20.73 9.76 -12.59
N GLY A 276 21.35 9.25 -11.52
CA GLY A 276 22.66 9.75 -11.12
C GLY A 276 23.84 9.37 -12.01
N ASP A 277 23.65 8.43 -12.93
CA ASP A 277 24.73 8.07 -13.85
C ASP A 277 24.85 9.16 -14.92
N PRO A 278 26.06 9.51 -15.34
CA PRO A 278 26.21 10.69 -16.18
C PRO A 278 25.71 10.51 -17.63
N ASP A 279 25.57 9.25 -18.04
CA ASP A 279 25.01 8.89 -19.36
C ASP A 279 23.57 8.37 -19.21
N ASN A 280 22.94 8.71 -18.10
CA ASN A 280 21.51 8.46 -17.93
C ASN A 280 20.75 8.77 -19.22
N PRO A 281 19.98 7.80 -19.71
CA PRO A 281 19.34 8.01 -21.00
C PRO A 281 18.29 9.11 -20.93
N THR A 282 18.38 10.09 -21.82
N THR A 282 18.38 10.10 -21.82
CA THR A 282 17.42 11.17 -21.91
CA THR A 282 17.42 11.18 -21.86
C THR A 282 16.17 10.64 -22.59
C THR A 282 16.18 10.70 -22.61
N ILE A 283 15.01 11.02 -22.08
CA ILE A 283 13.74 10.60 -22.70
C ILE A 283 13.04 11.82 -23.29
N THR A 284 12.65 11.75 -24.57
CA THR A 284 11.92 12.84 -25.19
C THR A 284 10.54 12.35 -25.59
N TRP A 285 9.55 13.14 -25.19
CA TRP A 285 8.17 12.89 -25.54
C TRP A 285 7.72 13.87 -26.60
N ASN A 286 6.80 13.41 -27.43
CA ASN A 286 6.12 14.32 -28.32
C ASN A 286 4.99 15.06 -27.62
N VAL A 287 4.88 16.36 -27.89
CA VAL A 287 3.89 17.21 -27.22
C VAL A 287 2.45 16.73 -27.46
N HIS A 288 2.18 16.03 -28.58
CA HIS A 288 0.83 15.53 -28.86
C HIS A 288 0.52 14.16 -28.26
N ASP A 289 1.47 13.57 -27.56
CA ASP A 289 1.29 12.27 -26.91
C ASP A 289 0.44 12.45 -25.65
N ASN A 290 -0.80 11.96 -25.69
CA ASN A 290 -1.75 12.15 -24.60
C ASN A 290 -1.41 11.36 -23.35
N GLN A 291 -0.35 10.53 -23.37
CA GLN A 291 0.15 9.87 -22.15
C GLN A 291 1.38 10.54 -21.55
N ARG A 292 1.81 11.69 -22.09
CA ARG A 292 3.08 12.29 -21.66
C ARG A 292 2.99 12.97 -20.27
N ARG A 293 1.87 13.60 -19.96
CA ARG A 293 1.71 14.31 -18.69
C ARG A 293 0.93 13.50 -17.69
N ASP A 294 -0.18 12.94 -18.12
CA ASP A 294 -0.88 11.91 -17.39
C ASP A 294 -0.86 10.64 -18.20
N TRP A 295 -0.18 9.62 -17.68
CA TRP A 295 0.02 8.35 -18.36
C TRP A 295 -1.28 7.63 -18.65
N TRP A 296 -2.31 7.93 -17.86
CA TRP A 296 -3.63 7.32 -18.02
C TRP A 296 -4.49 8.09 -19.02
N GLY A 297 -3.94 9.16 -19.59
CA GLY A 297 -4.64 9.93 -20.60
C GLY A 297 -5.64 10.91 -20.05
N ASN A 298 -5.65 11.12 -18.73
CA ASN A 298 -6.57 12.10 -18.19
C ASN A 298 -6.21 13.52 -18.67
N PRO A 299 -7.23 14.34 -18.88
CA PRO A 299 -6.94 15.64 -19.49
C PRO A 299 -6.25 16.58 -18.50
N VAL A 300 -5.36 17.43 -19.04
CA VAL A 300 -4.76 18.52 -18.28
C VAL A 300 -5.64 19.78 -18.35
N VAL A 301 -6.18 20.20 -17.19
CA VAL A 301 -7.04 21.38 -17.14
C VAL A 301 -6.27 22.64 -17.58
N PRO A 302 -6.97 23.56 -18.29
CA PRO A 302 -6.28 24.75 -18.83
C PRO A 302 -5.57 25.61 -17.77
N SER A 303 -6.12 25.71 -16.57
CA SER A 303 -5.46 26.45 -15.49
C SER A 303 -4.07 25.96 -15.16
N TRP A 304 -3.83 24.67 -15.34
CA TRP A 304 -2.50 24.12 -15.07
C TRP A 304 -1.46 24.70 -16.03
N TYR A 305 -1.89 25.01 -17.26
CA TYR A 305 -1.01 25.64 -18.24
C TYR A 305 -0.94 27.15 -18.08
N THR A 306 -2.03 27.79 -17.66
CA THR A 306 -2.08 29.25 -17.69
C THR A 306 -1.70 29.94 -16.37
N GLU A 307 -1.95 29.27 -15.25
CA GLU A 307 -1.80 29.92 -13.93
C GLU A 307 -0.47 29.55 -13.31
N ALA A 308 0.22 30.55 -12.78
CA ALA A 308 1.46 30.33 -12.02
C ALA A 308 1.77 31.56 -11.16
N SER A 309 2.69 31.41 -10.22
CA SER A 309 2.97 32.46 -9.23
C SER A 309 3.92 33.52 -9.74
N LYS A 310 3.69 34.77 -9.33
CA LYS A 310 4.67 35.82 -9.54
C LYS A 310 5.97 35.48 -8.84
N VAL A 311 7.08 36.07 -9.31
CA VAL A 311 8.38 35.98 -8.62
C VAL A 311 8.93 37.38 -8.38
N LEU A 312 9.76 37.53 -7.36
CA LEU A 312 10.28 38.83 -6.94
C LEU A 312 11.72 38.95 -7.38
N ASP A 313 12.16 40.20 -7.59
CA ASP A 313 13.59 40.49 -7.71
C ASP A 313 14.21 40.71 -6.31
N LEU A 314 15.50 41.09 -6.23
CA LEU A 314 16.18 41.15 -4.94
C LEU A 314 15.71 42.30 -4.06
N ASP A 315 15.01 43.27 -4.66
CA ASP A 315 14.42 44.38 -3.91
C ASP A 315 13.00 44.05 -3.46
N GLY A 316 12.51 42.88 -3.85
CA GLY A 316 11.22 42.42 -3.43
C GLY A 316 10.08 42.90 -4.31
N ASN A 317 10.41 43.39 -5.50
CA ASN A 317 9.39 43.79 -6.48
C ASN A 317 9.11 42.68 -7.48
N VAL A 318 7.89 42.65 -7.97
CA VAL A 318 7.46 41.61 -8.90
C VAL A 318 8.20 41.75 -10.23
N GLN A 319 8.74 40.65 -10.74
CA GLN A 319 9.39 40.63 -12.04
C GLN A 319 8.33 40.81 -13.13
N GLU A 320 8.64 41.68 -14.10
CA GLU A 320 7.79 41.82 -15.28
C GLU A 320 7.73 40.52 -16.10
N ILE A 321 6.55 40.23 -16.64
CA ILE A 321 6.30 39.00 -17.37
C ILE A 321 6.61 39.21 -18.85
N ILE A 322 7.48 38.37 -19.40
CA ILE A 322 7.78 38.35 -20.84
C ILE A 322 6.96 37.26 -21.52
N GLU A 323 6.34 37.60 -22.64
CA GLU A 323 5.44 36.70 -23.35
C GLU A 323 6.22 35.66 -24.16
N ARG A 324 5.79 34.41 -24.05
CA ARG A 324 6.27 33.35 -24.93
C ARG A 324 5.79 33.57 -26.35
N THR A 325 6.69 33.47 -27.31
CA THR A 325 6.30 33.49 -28.72
C THR A 325 6.35 32.13 -29.43
N ASP A 326 7.10 31.19 -28.87
CA ASP A 326 7.02 29.76 -29.29
C ASP A 326 5.59 29.23 -29.11
N ASP A 327 5.26 28.15 -29.80
CA ASP A 327 3.94 27.54 -29.74
C ASP A 327 3.56 27.18 -28.29
N SER A 328 2.28 27.29 -27.98
CA SER A 328 1.75 27.01 -26.64
C SER A 328 1.31 25.57 -26.53
N GLU A 329 1.81 24.87 -25.52
CA GLU A 329 1.40 23.49 -25.28
C GLU A 329 -0.12 23.35 -25.12
N LEU A 330 -0.75 24.27 -24.39
CA LEU A 330 -2.22 24.30 -24.29
C LEU A 330 -2.84 24.33 -25.69
N GLU A 331 -2.43 25.30 -26.48
CA GLU A 331 -3.09 25.52 -27.77
C GLU A 331 -2.91 24.32 -28.68
N VAL A 332 -1.73 23.73 -28.71
CA VAL A 332 -1.48 22.68 -29.68
C VAL A 332 -2.03 21.31 -29.28
N THR A 333 -2.46 21.16 -28.01
CA THR A 333 -2.99 19.89 -27.54
C THR A 333 -4.49 19.92 -27.22
N ILE A 334 -4.96 20.97 -26.56
CA ILE A 334 -6.36 21.04 -26.10
C ILE A 334 -7.12 22.28 -26.55
N GLY A 335 -6.47 23.21 -27.25
CA GLY A 335 -7.15 24.36 -27.82
C GLY A 335 -8.01 23.98 -29.02
N ALA A 336 -8.64 24.98 -29.63
CA ALA A 336 -9.60 24.76 -30.71
C ALA A 336 -8.97 24.10 -31.94
N ASP A 337 -7.67 24.34 -32.18
CA ASP A 337 -6.93 23.65 -33.25
C ASP A 337 -5.92 22.64 -32.71
N GLY A 338 -6.15 22.16 -31.49
CA GLY A 338 -5.25 21.21 -30.85
C GLY A 338 -5.40 19.80 -31.37
N PHE A 339 -4.44 18.96 -31.01
CA PHE A 339 -4.47 17.55 -31.34
C PHE A 339 -3.70 16.77 -30.29
N SER A 340 -4.24 15.62 -29.90
N SER A 340 -4.24 15.61 -29.91
CA SER A 340 -3.44 14.60 -29.23
CA SER A 340 -3.47 14.61 -29.20
C SER A 340 -3.81 13.18 -29.65
C SER A 340 -3.83 13.17 -29.58
N PHE A 341 -2.88 12.27 -29.37
CA PHE A 341 -3.05 10.84 -29.73
C PHE A 341 -2.81 9.94 -28.53
N THR A 342 -3.44 8.77 -28.57
CA THR A 342 -3.16 7.69 -27.63
C THR A 342 -2.05 6.79 -28.19
N ARG A 343 -2.25 6.33 -29.42
CA ARG A 343 -1.28 5.54 -30.17
C ARG A 343 -0.83 6.35 -31.39
N ALA A 344 0.47 6.56 -31.53
CA ALA A 344 0.99 7.32 -32.66
C ALA A 344 0.49 6.68 -33.95
N GLY A 345 -0.11 7.52 -34.80
CA GLY A 345 -0.56 7.10 -36.12
C GLY A 345 -1.96 6.49 -36.15
N ASP A 346 -2.59 6.32 -34.99
CA ASP A 346 -3.92 5.74 -34.89
C ASP A 346 -4.92 6.86 -34.68
N GLU A 347 -5.90 6.97 -35.59
CA GLU A 347 -7.02 7.90 -35.43
C GLU A 347 -7.90 7.56 -34.24
N ASP A 348 -8.06 6.28 -33.97
N ASP A 348 -8.08 6.26 -33.97
CA ASP A 348 -8.81 5.81 -32.83
CA ASP A 348 -8.82 5.82 -32.80
C ASP A 348 -8.06 6.19 -31.54
C ASP A 348 -8.06 6.24 -31.55
N GLY A 349 -8.75 6.87 -30.63
CA GLY A 349 -8.14 7.36 -29.38
C GLY A 349 -7.37 8.67 -29.56
N SER A 350 -7.60 9.34 -30.70
CA SER A 350 -7.04 10.65 -30.90
C SER A 350 -8.14 11.70 -30.65
N TYR A 351 -7.71 12.93 -30.39
CA TYR A 351 -8.57 14.02 -29.97
C TYR A 351 -8.25 15.26 -30.82
N HIS A 352 -9.28 15.85 -31.43
CA HIS A 352 -9.14 17.00 -32.31
C HIS A 352 -9.90 18.16 -31.71
N GLY A 353 -9.19 19.22 -31.34
CA GLY A 353 -9.82 20.46 -30.92
C GLY A 353 -10.45 20.35 -29.54
N GLN A 354 -9.99 19.39 -28.74
CA GLN A 354 -10.55 19.21 -27.40
C GLN A 354 -9.68 18.32 -26.60
N ALA A 355 -9.98 18.28 -25.30
CA ALA A 355 -9.23 17.45 -24.37
C ALA A 355 -9.75 16.00 -24.38
N SER A 356 -8.97 15.11 -23.79
CA SER A 356 -9.34 13.70 -23.72
C SER A 356 -10.53 13.49 -22.80
N LYS A 357 -11.18 12.33 -22.93
CA LYS A 357 -12.22 11.89 -22.02
C LYS A 357 -13.32 12.94 -21.96
N GLY A 358 -13.78 13.38 -23.14
CA GLY A 358 -15.20 13.71 -23.37
C GLY A 358 -15.52 15.14 -23.03
N GLU B 4 46.52 -0.01 10.33
CA GLU B 4 45.64 0.86 9.52
C GLU B 4 46.08 0.93 8.06
N ILE B 5 45.11 1.15 7.19
CA ILE B 5 45.33 1.17 5.75
C ILE B 5 45.64 2.63 5.41
N PRO B 6 46.82 2.88 4.83
CA PRO B 6 47.19 4.28 4.57
C PRO B 6 46.31 4.91 3.49
N LYS B 7 46.16 6.24 3.57
CA LYS B 7 45.56 7.01 2.49
C LYS B 7 46.59 7.18 1.36
N PRO B 8 46.29 6.68 0.16
CA PRO B 8 47.18 6.89 -0.98
C PRO B 8 47.36 8.35 -1.34
N VAL B 9 48.52 8.69 -1.91
CA VAL B 9 48.68 9.99 -2.54
C VAL B 9 47.87 10.08 -3.84
N ALA B 10 47.79 8.99 -4.59
CA ALA B 10 46.99 8.95 -5.81
C ALA B 10 45.51 9.23 -5.50
N PRO B 11 44.83 10.04 -6.34
CA PRO B 11 43.42 10.38 -6.06
C PRO B 11 42.50 9.16 -6.19
N ALA B 12 41.49 9.11 -5.33
CA ALA B 12 40.50 8.04 -5.39
C ALA B 12 39.66 8.16 -6.66
N PRO B 13 39.24 7.03 -7.24
CA PRO B 13 38.25 7.08 -8.34
C PRO B 13 36.94 7.68 -7.84
N ASP B 14 36.22 8.37 -8.72
CA ASP B 14 34.88 8.88 -8.43
C ASP B 14 33.86 7.78 -8.66
N ILE B 15 33.40 7.19 -7.56
CA ILE B 15 32.45 6.08 -7.61
C ILE B 15 31.03 6.63 -7.59
N LEU B 16 30.20 6.14 -8.52
CA LEU B 16 28.80 6.58 -8.62
C LEU B 16 27.89 5.80 -7.64
N ARG B 17 28.04 4.48 -7.60
CA ARG B 17 27.02 3.58 -7.02
C ARG B 17 27.50 2.15 -7.12
N CYS B 18 26.98 1.27 -6.27
CA CYS B 18 26.98 -0.15 -6.57
C CYS B 18 26.22 -0.39 -7.88
N ALA B 19 26.69 -1.36 -8.68
CA ALA B 19 26.13 -1.61 -10.01
C ALA B 19 25.71 -3.04 -10.27
N TYR B 20 26.54 -4.01 -9.92
CA TYR B 20 26.18 -5.41 -10.07
C TYR B 20 27.05 -6.27 -9.19
N ALA B 21 26.57 -7.47 -8.94
CA ALA B 21 27.36 -8.57 -8.35
C ALA B 21 27.43 -9.74 -9.29
N GLU B 22 28.60 -10.37 -9.33
CA GLU B 22 28.73 -11.67 -9.96
C GLU B 22 28.81 -12.74 -8.86
N LEU B 23 27.81 -13.63 -8.85
CA LEU B 23 27.74 -14.74 -7.91
C LEU B 23 28.01 -16.03 -8.65
N VAL B 24 28.91 -16.84 -8.12
CA VAL B 24 29.07 -18.22 -8.58
C VAL B 24 28.00 -19.12 -7.93
N VAL B 25 27.33 -19.89 -8.76
CA VAL B 25 26.28 -20.79 -8.36
C VAL B 25 26.59 -22.21 -8.86
N THR B 26 26.11 -23.22 -8.14
CA THR B 26 26.42 -24.60 -8.48
C THR B 26 25.46 -25.22 -9.51
N ASP B 27 24.20 -24.83 -9.50
CA ASP B 27 23.18 -25.40 -10.42
C ASP B 27 22.44 -24.22 -11.06
N LEU B 28 22.79 -23.93 -12.31
CA LEU B 28 22.38 -22.72 -12.95
C LEU B 28 20.84 -22.71 -13.13
N ALA B 29 20.27 -23.85 -13.47
CA ALA B 29 18.81 -23.94 -13.67
C ALA B 29 18.05 -23.70 -12.36
N LYS B 30 18.55 -24.26 -11.25
CA LYS B 30 17.90 -24.00 -9.96
C LYS B 30 18.02 -22.54 -9.54
N SER B 31 19.17 -21.93 -9.80
CA SER B 31 19.33 -20.51 -9.51
C SER B 31 18.45 -19.63 -10.41
N ARG B 32 18.35 -19.97 -11.68
CA ARG B 32 17.45 -19.24 -12.57
C ARG B 32 16.00 -19.29 -12.05
N ASN B 33 15.57 -20.47 -11.58
CA ASN B 33 14.20 -20.60 -11.05
C ASN B 33 13.98 -19.61 -9.91
N PHE B 34 14.98 -19.48 -9.04
CA PHE B 34 14.87 -18.56 -7.91
C PHE B 34 14.84 -17.09 -8.37
N TYR B 35 15.83 -16.65 -9.13
CA TYR B 35 15.95 -15.23 -9.44
C TYR B 35 14.97 -14.74 -10.50
N VAL B 36 14.59 -15.63 -11.43
CA VAL B 36 13.66 -15.27 -12.49
C VAL B 36 12.22 -15.68 -12.12
N ASP B 37 12.00 -16.96 -11.84
CA ASP B 37 10.61 -17.42 -11.64
C ASP B 37 10.05 -16.99 -10.29
N VAL B 38 10.85 -17.04 -9.24
CA VAL B 38 10.39 -16.57 -7.94
C VAL B 38 10.47 -15.06 -7.80
N LEU B 39 11.66 -14.49 -8.00
CA LEU B 39 11.86 -13.06 -7.76
C LEU B 39 11.55 -12.12 -8.93
N GLY B 40 11.44 -12.62 -10.16
CA GLY B 40 11.00 -11.79 -11.26
C GLY B 40 12.04 -10.89 -11.90
N LEU B 41 13.32 -11.10 -11.63
CA LEU B 41 14.32 -10.29 -12.33
C LEU B 41 14.28 -10.56 -13.84
N HIS B 42 14.77 -9.57 -14.59
CA HIS B 42 14.65 -9.57 -16.05
C HIS B 42 15.94 -10.05 -16.70
N VAL B 43 15.82 -10.95 -17.65
CA VAL B 43 16.97 -11.57 -18.31
C VAL B 43 17.49 -10.67 -19.43
N SER B 44 18.73 -10.20 -19.27
CA SER B 44 19.42 -9.45 -20.33
C SER B 44 20.11 -10.39 -21.32
N TYR B 45 20.63 -11.50 -20.83
CA TYR B 45 21.32 -12.51 -21.64
C TYR B 45 21.43 -13.76 -20.82
N GLU B 46 21.37 -14.91 -21.47
CA GLU B 46 21.77 -16.15 -20.82
C GLU B 46 22.33 -17.17 -21.76
N ASP B 47 23.12 -18.09 -21.20
CA ASP B 47 23.56 -19.30 -21.90
C ASP B 47 23.70 -20.45 -20.90
N GLU B 48 24.38 -21.53 -21.30
CA GLU B 48 24.55 -22.73 -20.47
C GLU B 48 25.42 -22.45 -19.23
N ASN B 49 26.16 -21.34 -19.25
CA ASN B 49 27.17 -21.03 -18.23
C ASN B 49 26.80 -19.86 -17.32
N GLN B 50 26.04 -18.90 -17.83
CA GLN B 50 25.73 -17.68 -17.10
C GLN B 50 24.34 -17.19 -17.34
N ILE B 51 23.81 -16.47 -16.36
CA ILE B 51 22.58 -15.67 -16.55
C ILE B 51 22.82 -14.24 -16.10
N TYR B 52 22.45 -13.30 -16.96
CA TYR B 52 22.59 -11.88 -16.73
C TYR B 52 21.22 -11.27 -16.46
N LEU B 53 21.07 -10.67 -15.27
CA LEU B 53 19.75 -10.22 -14.79
C LEU B 53 19.78 -8.74 -14.45
N ARG B 54 18.65 -8.07 -14.65
CA ARG B 54 18.52 -6.69 -14.24
C ARG B 54 17.17 -6.40 -13.58
N SER B 55 17.18 -5.32 -12.78
CA SER B 55 15.97 -4.83 -12.14
C SER B 55 15.09 -3.97 -13.07
N PHE B 56 13.88 -3.71 -12.61
CA PHE B 56 12.86 -3.05 -13.44
C PHE B 56 13.27 -1.68 -13.98
N GLU B 57 14.01 -0.89 -13.19
CA GLU B 57 14.33 0.47 -13.60
C GLU B 57 15.74 0.62 -14.17
N GLU B 58 16.47 -0.48 -14.33
CA GLU B 58 17.88 -0.40 -14.72
C GLU B 58 18.04 -0.17 -16.24
N PHE B 59 19.05 0.61 -16.62
CA PHE B 59 19.40 0.78 -18.04
C PHE B 59 20.78 0.24 -18.40
N ILE B 60 21.67 0.04 -17.43
CA ILE B 60 22.90 -0.68 -17.71
C ILE B 60 22.62 -2.16 -17.92
N HIS B 61 23.60 -2.90 -18.40
CA HIS B 61 23.30 -4.22 -18.95
C HIS B 61 22.70 -5.21 -17.92
N HIS B 62 23.17 -5.14 -16.68
CA HIS B 62 22.75 -6.08 -15.66
C HIS B 62 23.08 -5.56 -14.26
N ASN B 63 22.35 -6.11 -13.28
CA ASN B 63 22.64 -5.92 -11.85
C ASN B 63 23.13 -7.18 -11.16
N LEU B 64 23.04 -8.32 -11.83
CA LEU B 64 23.38 -9.60 -11.23
C LEU B 64 23.81 -10.53 -12.35
N VAL B 65 24.99 -11.12 -12.20
CA VAL B 65 25.44 -12.18 -13.08
C VAL B 65 25.57 -13.46 -12.25
N LEU B 66 24.89 -14.49 -12.70
CA LEU B 66 25.01 -15.80 -12.12
C LEU B 66 25.93 -16.63 -13.01
N THR B 67 27.01 -17.14 -12.43
CA THR B 67 28.03 -17.86 -13.17
C THR B 67 28.15 -19.26 -12.60
N LYS B 68 27.95 -20.26 -13.45
CA LYS B 68 28.12 -21.65 -13.01
C LYS B 68 29.57 -21.93 -12.61
N GLY B 69 29.76 -22.57 -11.46
CA GLY B 69 31.08 -22.99 -11.02
C GLY B 69 31.02 -24.04 -9.92
N PRO B 70 32.19 -24.58 -9.54
CA PRO B 70 32.19 -25.72 -8.62
C PRO B 70 31.89 -25.33 -7.17
N VAL B 71 32.18 -24.10 -6.80
CA VAL B 71 32.07 -23.62 -5.41
C VAL B 71 31.28 -22.29 -5.38
N ALA B 72 30.12 -22.30 -4.75
CA ALA B 72 29.32 -21.07 -4.66
C ALA B 72 30.05 -20.04 -3.84
N ALA B 73 30.07 -18.82 -4.36
CA ALA B 73 30.86 -17.72 -3.79
C ALA B 73 30.55 -16.43 -4.51
N LEU B 74 30.88 -15.31 -3.88
CA LEU B 74 30.95 -14.02 -4.56
C LEU B 74 32.23 -13.95 -5.40
N LYS B 75 32.08 -13.67 -6.69
CA LYS B 75 33.25 -13.50 -7.57
C LYS B 75 33.64 -12.05 -7.79
N ALA B 76 32.65 -11.14 -7.78
CA ALA B 76 32.93 -9.71 -7.85
C ALA B 76 31.76 -8.90 -7.37
N MET B 77 32.05 -7.83 -6.64
N MET B 77 32.06 -7.87 -6.57
CA MET B 77 31.08 -6.80 -6.38
CA MET B 77 31.17 -6.75 -6.28
C MET B 77 31.51 -5.51 -7.06
C MET B 77 31.58 -5.56 -7.14
N ALA B 78 30.68 -5.09 -8.01
CA ALA B 78 31.04 -4.06 -8.96
C ALA B 78 30.39 -2.71 -8.70
N PHE B 79 31.24 -1.70 -8.81
CA PHE B 79 30.86 -0.31 -8.68
C PHE B 79 31.09 0.40 -10.01
N ARG B 80 30.13 1.24 -10.42
CA ARG B 80 30.29 2.04 -11.60
C ARG B 80 30.97 3.35 -11.21
N VAL B 81 31.95 3.76 -12.01
CA VAL B 81 32.63 5.02 -11.79
C VAL B 81 32.17 6.08 -12.80
N ARG B 82 32.51 7.33 -12.51
CA ARG B 82 31.89 8.44 -13.25
C ARG B 82 32.39 8.56 -14.70
N THR B 83 33.67 8.29 -14.95
CA THR B 83 34.28 8.46 -16.28
C THR B 83 35.20 7.29 -16.59
N PRO B 84 35.55 7.12 -17.90
CA PRO B 84 36.54 6.11 -18.26
C PRO B 84 37.85 6.27 -17.48
N GLU B 85 38.23 7.52 -17.26
CA GLU B 85 39.49 7.89 -16.63
C GLU B 85 39.51 7.46 -15.18
N ASP B 86 38.34 7.33 -14.56
CA ASP B 86 38.26 6.84 -13.19
C ASP B 86 38.66 5.38 -13.03
N VAL B 87 38.56 4.59 -14.10
CA VAL B 87 39.06 3.22 -14.04
C VAL B 87 40.60 3.22 -13.92
N ASP B 88 41.27 4.08 -14.70
CA ASP B 88 42.70 4.34 -14.51
C ASP B 88 43.03 4.78 -13.10
N LYS B 89 42.26 5.71 -12.56
CA LYS B 89 42.50 6.17 -11.18
C LYS B 89 42.36 5.03 -10.19
N ALA B 90 41.34 4.21 -10.37
CA ALA B 90 41.17 3.04 -9.52
C ALA B 90 42.39 2.12 -9.54
N GLU B 91 42.96 1.90 -10.73
CA GLU B 91 44.06 0.96 -10.85
C GLU B 91 45.28 1.51 -10.08
N ALA B 92 45.54 2.80 -10.25
CA ALA B 92 46.66 3.49 -9.57
C ALA B 92 46.47 3.49 -8.07
N TYR B 93 45.23 3.72 -7.64
CA TYR B 93 44.90 3.81 -6.21
C TYR B 93 45.16 2.49 -5.50
N TYR B 94 44.62 1.42 -6.07
CA TYR B 94 44.79 0.11 -5.48
C TYR B 94 46.23 -0.40 -5.59
N GLN B 95 46.94 -0.01 -6.65
CA GLN B 95 48.37 -0.32 -6.77
C GLN B 95 49.17 0.33 -5.68
N GLU B 96 48.88 1.57 -5.38
CA GLU B 96 49.52 2.24 -4.25
C GLU B 96 49.22 1.56 -2.92
N LEU B 97 47.99 1.06 -2.75
CA LEU B 97 47.62 0.28 -1.58
C LEU B 97 48.32 -1.09 -1.51
N GLY B 98 49.00 -1.52 -2.57
CA GLY B 98 49.70 -2.81 -2.57
C GLY B 98 48.81 -4.01 -2.91
N CYS B 99 47.70 -3.75 -3.59
CA CYS B 99 46.70 -4.78 -3.87
C CYS B 99 46.93 -5.37 -5.25
N ARG B 100 46.59 -6.64 -5.40
CA ARG B 100 46.58 -7.27 -6.72
C ARG B 100 45.43 -6.74 -7.55
N THR B 101 45.70 -6.49 -8.82
CA THR B 101 44.76 -5.92 -9.75
C THR B 101 44.82 -6.66 -11.09
N GLU B 102 43.68 -6.66 -11.78
CA GLU B 102 43.58 -7.20 -13.11
C GLU B 102 42.70 -6.31 -13.96
N ARG B 103 43.21 -5.96 -15.14
CA ARG B 103 42.58 -5.02 -16.03
C ARG B 103 42.22 -5.73 -17.33
N ARG B 104 40.95 -5.67 -17.72
CA ARG B 104 40.49 -6.25 -18.99
C ARG B 104 39.76 -5.19 -19.80
N LYS B 105 40.37 -4.82 -20.92
CA LYS B 105 39.90 -3.75 -21.78
C LYS B 105 38.51 -4.02 -22.32
N ASP B 106 38.13 -5.29 -22.45
CA ASP B 106 36.83 -5.65 -22.99
C ASP B 106 35.97 -6.37 -21.98
N GLY B 107 36.35 -6.29 -20.71
CA GLY B 107 35.48 -6.72 -19.61
C GLY B 107 35.72 -8.13 -19.13
N PHE B 108 35.22 -8.41 -17.92
CA PHE B 108 35.22 -9.76 -17.37
C PHE B 108 33.93 -10.51 -17.69
N VAL B 109 32.84 -9.77 -17.76
CA VAL B 109 31.52 -10.32 -18.06
C VAL B 109 30.92 -9.56 -19.22
N LYS B 110 29.97 -10.22 -19.90
CA LYS B 110 29.30 -9.61 -21.02
C LYS B 110 28.58 -8.35 -20.61
N GLY B 111 28.58 -7.39 -21.52
CA GLY B 111 27.91 -6.12 -21.33
C GLY B 111 28.62 -5.11 -20.48
N ILE B 112 29.84 -5.44 -20.04
CA ILE B 112 30.75 -4.52 -19.39
C ILE B 112 31.97 -4.41 -20.28
N GLY B 113 32.42 -3.17 -20.48
CA GLY B 113 33.65 -2.87 -21.19
C GLY B 113 34.86 -2.83 -20.29
N ASP B 114 35.70 -1.84 -20.53
CA ASP B 114 36.95 -1.70 -19.79
C ASP B 114 36.71 -1.80 -18.27
N ALA B 115 37.33 -2.78 -17.63
CA ALA B 115 37.03 -3.06 -16.21
C ALA B 115 38.29 -3.42 -15.44
N LEU B 116 38.34 -2.94 -14.20
CA LEU B 116 39.41 -3.28 -13.27
C LEU B 116 38.85 -4.12 -12.14
N ARG B 117 39.39 -5.33 -11.92
CA ARG B 117 39.10 -6.07 -10.70
C ARG B 117 40.32 -6.10 -9.76
N VAL B 118 40.04 -6.02 -8.47
CA VAL B 118 41.06 -5.89 -7.43
C VAL B 118 40.75 -6.84 -6.30
N GLU B 119 41.78 -7.39 -5.69
CA GLU B 119 41.68 -7.97 -4.34
C GLU B 119 41.93 -6.84 -3.37
N ASP B 120 40.88 -6.34 -2.73
CA ASP B 120 41.01 -5.12 -1.93
C ASP B 120 41.67 -5.44 -0.57
N PRO B 121 41.98 -4.40 0.23
CA PRO B 121 42.73 -4.66 1.46
C PRO B 121 41.98 -5.48 2.51
N LEU B 122 40.66 -5.61 2.35
CA LEU B 122 39.88 -6.51 3.20
C LEU B 122 39.67 -7.91 2.60
N GLY B 123 40.29 -8.18 1.45
CA GLY B 123 40.18 -9.47 0.81
C GLY B 123 38.98 -9.62 -0.12
N PHE B 124 38.31 -8.52 -0.46
CA PHE B 124 37.12 -8.60 -1.31
C PHE B 124 37.43 -8.32 -2.76
N PRO B 125 36.75 -9.06 -3.67
CA PRO B 125 36.89 -8.82 -5.10
C PRO B 125 35.98 -7.68 -5.53
N TYR B 126 36.55 -6.50 -5.70
CA TYR B 126 35.85 -5.33 -6.19
C TYR B 126 36.12 -5.19 -7.69
N GLU B 127 35.10 -4.75 -8.44
CA GLU B 127 35.25 -4.31 -9.82
C GLU B 127 34.90 -2.83 -9.93
N PHE B 128 35.68 -2.12 -10.73
CA PHE B 128 35.35 -0.77 -11.16
C PHE B 128 35.28 -0.72 -12.66
N PHE B 129 34.21 -0.12 -13.19
CA PHE B 129 34.03 0.02 -14.63
C PHE B 129 33.25 1.29 -14.90
N PHE B 130 33.40 1.84 -16.09
CA PHE B 130 32.47 2.83 -16.62
C PHE B 130 31.62 2.26 -17.77
N GLU B 131 32.30 1.69 -18.78
CA GLU B 131 31.66 1.29 -20.03
C GLU B 131 30.69 0.13 -19.81
N THR B 132 29.48 0.25 -20.32
CA THR B 132 28.50 -0.84 -20.21
C THR B 132 27.47 -0.70 -21.34
N THR B 133 27.00 -1.82 -21.84
CA THR B 133 25.97 -1.85 -22.87
C THR B 133 24.63 -1.43 -22.29
N HIS B 134 24.02 -0.40 -22.86
CA HIS B 134 22.70 0.03 -22.39
C HIS B 134 21.65 -0.91 -22.95
N VAL B 135 20.60 -1.12 -22.16
CA VAL B 135 19.49 -1.97 -22.57
C VAL B 135 18.18 -1.20 -22.39
N GLU B 136 17.06 -1.80 -22.79
CA GLU B 136 15.76 -1.15 -22.63
C GLU B 136 15.46 -0.93 -21.15
N ARG B 137 15.27 0.32 -20.78
CA ARG B 137 14.93 0.63 -19.40
C ARG B 137 13.45 0.29 -19.20
N LEU B 138 13.16 -0.63 -18.29
CA LEU B 138 11.79 -1.18 -18.18
C LEU B 138 10.87 -0.46 -17.20
N HIS B 139 11.25 0.76 -16.81
CA HIS B 139 10.62 1.47 -15.68
C HIS B 139 9.14 1.78 -15.85
N MET B 140 8.65 1.82 -17.08
CA MET B 140 7.21 2.07 -17.34
C MET B 140 6.54 0.87 -18.03
N ARG B 141 7.20 -0.29 -17.98
CA ARG B 141 6.66 -1.52 -18.58
C ARG B 141 5.76 -2.21 -17.61
N TYR B 142 4.65 -1.54 -17.30
CA TYR B 142 3.71 -2.05 -16.33
C TYR B 142 2.98 -3.32 -16.78
N ASP B 143 3.05 -3.60 -18.08
CA ASP B 143 2.68 -4.89 -18.61
C ASP B 143 3.52 -6.07 -18.13
N LEU B 144 4.72 -5.76 -17.63
CA LEU B 144 5.63 -6.76 -17.08
C LEU B 144 5.69 -6.76 -15.54
N TYR B 145 5.25 -5.67 -14.94
CA TYR B 145 5.44 -5.42 -13.52
C TYR B 145 4.77 -6.49 -12.69
N SER B 146 5.56 -7.05 -11.78
N SER B 146 5.53 -7.11 -11.82
CA SER B 146 5.16 -8.11 -10.86
CA SER B 146 4.99 -8.14 -10.95
C SER B 146 4.65 -7.48 -9.57
C SER B 146 4.67 -7.53 -9.59
N ALA B 147 3.80 -8.22 -8.86
CA ALA B 147 3.35 -7.80 -7.55
C ALA B 147 4.49 -7.70 -6.55
N GLY B 148 5.59 -8.39 -6.81
CA GLY B 148 6.80 -8.29 -5.99
C GLY B 148 7.99 -7.62 -6.66
N GLU B 149 7.75 -6.70 -7.59
CA GLU B 149 8.79 -6.26 -8.53
C GLU B 149 10.01 -5.66 -7.84
N LEU B 150 11.18 -6.16 -8.19
CA LEU B 150 12.46 -5.57 -7.75
C LEU B 150 12.86 -4.46 -8.72
N VAL B 151 12.98 -3.25 -8.20
CA VAL B 151 13.09 -2.07 -9.05
C VAL B 151 14.51 -1.53 -9.25
N ARG B 152 15.39 -1.76 -8.28
N ARG B 152 15.37 -1.65 -8.24
CA ARG B 152 16.75 -1.25 -8.30
CA ARG B 152 16.77 -1.19 -8.32
C ARG B 152 17.65 -2.21 -7.56
C ARG B 152 17.66 -2.11 -7.52
N LEU B 153 18.93 -2.20 -7.90
CA LEU B 153 19.97 -2.68 -6.99
C LEU B 153 20.27 -1.58 -6.00
N ASP B 154 20.27 -1.93 -4.71
CA ASP B 154 20.53 -0.90 -3.68
C ASP B 154 21.90 -0.94 -3.01
N HIS B 155 22.34 -2.13 -2.56
CA HIS B 155 23.61 -2.23 -1.83
C HIS B 155 24.20 -3.62 -1.73
N PHE B 156 25.44 -3.67 -1.28
CA PHE B 156 26.07 -4.90 -0.80
C PHE B 156 26.29 -4.78 0.71
N ASN B 157 26.53 -5.90 1.36
CA ASN B 157 26.95 -5.92 2.75
C ASN B 157 28.00 -6.99 2.94
N GLN B 158 29.13 -6.59 3.52
CA GLN B 158 30.37 -7.38 3.60
C GLN B 158 30.64 -7.74 5.05
N VAL B 159 31.02 -8.98 5.31
CA VAL B 159 31.46 -9.40 6.64
C VAL B 159 32.98 -9.34 6.73
N THR B 160 33.47 -8.61 7.75
CA THR B 160 34.90 -8.36 7.89
C THR B 160 35.23 -8.29 9.38
N PRO B 161 36.41 -8.81 9.78
CA PRO B 161 36.67 -8.94 11.23
C PRO B 161 36.92 -7.61 11.98
N ASP B 162 37.44 -6.60 11.29
CA ASP B 162 37.86 -5.33 11.93
C ASP B 162 37.14 -4.15 11.25
N VAL B 163 36.03 -3.70 11.83
CA VAL B 163 35.21 -2.72 11.12
C VAL B 163 35.86 -1.35 11.02
N PRO B 164 36.50 -0.88 12.10
CA PRO B 164 37.16 0.42 11.96
C PRO B 164 38.22 0.48 10.87
N ARG B 165 39.00 -0.59 10.74
CA ARG B 165 40.04 -0.65 9.71
C ARG B 165 39.42 -0.50 8.32
N GLY B 166 38.32 -1.24 8.09
CA GLY B 166 37.63 -1.18 6.81
C GLY B 166 36.94 0.16 6.58
N ARG B 167 36.36 0.70 7.65
CA ARG B 167 35.66 1.99 7.57
C ARG B 167 36.58 3.11 7.10
N LYS B 168 37.78 3.18 7.67
CA LYS B 168 38.72 4.23 7.32
C LYS B 168 39.10 4.15 5.84
N TYR B 169 39.38 2.93 5.39
CA TYR B 169 39.72 2.66 3.98
C TYR B 169 38.59 3.08 3.04
N LEU B 170 37.36 2.72 3.36
CA LEU B 170 36.24 3.16 2.51
C LEU B 170 35.95 4.65 2.55
N GLU B 171 36.19 5.31 3.70
CA GLU B 171 36.06 6.76 3.78
C GLU B 171 37.06 7.49 2.88
N ASP B 172 38.28 6.98 2.82
CA ASP B 172 39.33 7.54 1.97
C ASP B 172 38.97 7.36 0.49
N LEU B 173 38.30 6.25 0.18
CA LEU B 173 37.79 5.97 -1.16
C LEU B 173 36.57 6.82 -1.52
N GLY B 174 36.01 7.53 -0.53
CA GLY B 174 35.01 8.56 -0.74
C GLY B 174 33.61 8.15 -0.25
N PHE B 175 33.47 6.97 0.35
CA PHE B 175 32.20 6.57 0.98
C PHE B 175 31.99 7.36 2.27
N ARG B 176 30.78 7.82 2.53
CA ARG B 176 30.51 8.52 3.79
C ARG B 176 29.67 7.63 4.69
N VAL B 177 30.06 7.50 5.94
CA VAL B 177 29.32 6.68 6.89
C VAL B 177 28.04 7.42 7.29
N THR B 178 26.92 6.72 7.17
CA THR B 178 25.61 7.29 7.47
C THR B 178 25.10 6.84 8.83
N GLU B 179 25.36 5.57 9.18
CA GLU B 179 24.94 4.98 10.45
C GLU B 179 25.95 3.95 10.86
N ASP B 180 26.02 3.69 12.17
CA ASP B 180 26.86 2.62 12.68
C ASP B 180 26.26 2.07 13.97
N ILE B 181 26.78 0.92 14.37
CA ILE B 181 26.44 0.30 15.66
C ILE B 181 27.73 0.15 16.47
N GLN B 182 27.73 0.71 17.67
CA GLN B 182 28.90 0.66 18.57
C GLN B 182 28.42 0.31 19.96
N ASP B 183 29.35 -0.01 20.85
CA ASP B 183 29.01 -0.04 22.26
C ASP B 183 29.80 1.01 23.03
N ASP B 184 29.67 0.98 24.36
CA ASP B 184 30.30 1.98 25.20
C ASP B 184 31.74 1.67 25.55
N GLU B 185 32.29 0.61 24.97
CA GLU B 185 33.64 0.14 25.28
C GLU B 185 34.55 0.16 24.06
N GLY B 186 34.18 0.94 23.05
CA GLY B 186 35.07 1.19 21.92
C GLY B 186 34.94 0.25 20.74
N THR B 187 33.96 -0.64 20.78
CA THR B 187 33.83 -1.65 19.73
C THR B 187 32.81 -1.16 18.69
N THR B 188 33.16 -1.28 17.41
CA THR B 188 32.24 -1.09 16.31
C THR B 188 31.81 -2.45 15.77
N TYR B 189 30.50 -2.66 15.71
CA TYR B 189 29.93 -3.93 15.24
C TYR B 189 29.52 -3.89 13.77
N ALA B 190 29.24 -2.69 13.24
CA ALA B 190 28.72 -2.54 11.88
C ALA B 190 28.75 -1.08 11.49
N ALA B 191 28.96 -0.84 10.18
CA ALA B 191 28.87 0.50 9.63
C ALA B 191 28.30 0.48 8.21
N TRP B 192 27.58 1.54 7.88
CA TRP B 192 26.88 1.71 6.60
C TRP B 192 27.46 2.93 5.89
N MET B 193 27.75 2.82 4.59
CA MET B 193 28.41 3.95 3.91
C MET B 193 27.98 4.07 2.45
N HIS B 194 27.90 5.32 1.96
CA HIS B 194 27.28 5.57 0.67
C HIS B 194 28.17 6.43 -0.27
N ARG B 195 27.90 6.27 -1.56
CA ARG B 195 28.19 7.25 -2.59
C ARG B 195 26.95 7.90 -3.23
N LYS B 196 25.89 7.11 -3.48
CA LYS B 196 24.79 7.59 -4.32
C LYS B 196 23.70 8.44 -3.63
N GLY B 197 23.78 8.59 -2.33
CA GLY B 197 22.85 9.47 -1.64
C GLY B 197 21.65 8.73 -1.04
N THR B 198 21.78 7.40 -0.92
CA THR B 198 20.91 6.60 -0.05
C THR B 198 21.68 6.19 1.19
N VAL B 199 21.08 5.42 2.09
CA VAL B 199 21.80 5.08 3.31
C VAL B 199 23.12 4.38 3.01
N HIS B 200 23.14 3.56 1.97
CA HIS B 200 24.37 2.88 1.64
C HIS B 200 24.46 2.33 0.24
N ASP B 201 25.70 2.21 -0.23
CA ASP B 201 26.08 1.36 -1.33
C ASP B 201 26.79 0.08 -0.89
N THR B 202 27.54 0.15 0.22
CA THR B 202 28.02 -1.06 0.88
C THR B 202 28.01 -0.83 2.38
N ALA B 203 28.24 -1.91 3.09
CA ALA B 203 28.21 -1.87 4.53
C ALA B 203 29.17 -2.92 5.03
N LEU B 204 29.67 -2.71 6.24
CA LEU B 204 30.53 -3.68 6.90
C LEU B 204 29.83 -4.22 8.13
N THR B 205 29.79 -5.53 8.23
CA THR B 205 29.24 -6.25 9.36
C THR B 205 30.39 -6.98 10.04
N GLY B 206 30.56 -6.79 11.32
CA GLY B 206 31.63 -7.48 12.04
C GLY B 206 31.46 -8.99 12.06
N GLY B 207 32.50 -9.71 11.65
CA GLY B 207 32.49 -11.15 11.77
C GLY B 207 33.69 -11.74 11.05
N ASN B 208 33.78 -13.05 11.05
CA ASN B 208 34.88 -13.70 10.34
C ASN B 208 34.77 -13.41 8.86
N GLY B 209 35.89 -13.10 8.20
CA GLY B 209 35.80 -12.68 6.80
C GLY B 209 37.14 -12.67 6.12
N PRO B 210 37.14 -12.38 4.81
CA PRO B 210 36.04 -11.81 4.01
C PRO B 210 34.94 -12.82 3.63
N ARG B 211 33.69 -12.43 3.89
CA ARG B 211 32.54 -13.12 3.33
C ARG B 211 31.52 -12.08 2.92
N LEU B 212 30.66 -12.44 1.97
CA LEU B 212 29.59 -11.54 1.50
C LEU B 212 28.34 -11.82 2.32
N HIS B 213 27.85 -10.81 3.02
CA HIS B 213 26.66 -11.01 3.83
C HIS B 213 25.41 -11.11 2.95
N HIS B 214 25.23 -10.10 2.12
CA HIS B 214 24.07 -10.09 1.18
C HIS B 214 24.27 -9.09 0.07
N VAL B 215 23.41 -9.24 -0.94
CA VAL B 215 23.12 -8.22 -1.93
C VAL B 215 21.67 -7.81 -1.76
N ALA B 216 21.39 -6.51 -1.88
CA ALA B 216 20.04 -5.99 -1.65
C ALA B 216 19.44 -5.34 -2.88
N PHE B 217 18.17 -5.66 -3.14
CA PHE B 217 17.37 -4.99 -4.15
C PHE B 217 16.22 -4.23 -3.50
N SER B 218 15.77 -3.15 -4.14
N SER B 218 15.80 -3.16 -4.17
CA SER B 218 14.67 -2.38 -3.60
CA SER B 218 14.68 -2.30 -3.73
C SER B 218 13.39 -2.60 -4.38
C SER B 218 13.37 -2.74 -4.36
N THR B 219 12.28 -2.37 -3.69
CA THR B 219 10.95 -2.33 -4.27
C THR B 219 10.39 -0.91 -4.16
N HIS B 220 9.26 -0.65 -4.81
CA HIS B 220 8.62 0.64 -4.69
C HIS B 220 7.98 0.82 -3.30
N GLU B 221 7.23 -0.18 -2.88
CA GLU B 221 6.37 -0.06 -1.71
C GLU B 221 6.50 -1.29 -0.80
N LYS B 222 6.03 -1.12 0.42
CA LYS B 222 6.11 -2.18 1.42
C LYS B 222 5.30 -3.43 1.03
N HIS B 223 4.15 -3.22 0.39
CA HIS B 223 3.33 -4.35 -0.01
C HIS B 223 4.03 -5.25 -1.05
N ASN B 224 5.00 -4.70 -1.78
CA ASN B 224 5.75 -5.51 -2.73
C ASN B 224 6.61 -6.52 -2.00
N ILE B 225 7.18 -6.12 -0.86
CA ILE B 225 7.95 -7.03 -0.03
C ILE B 225 7.05 -8.11 0.61
N ILE B 226 5.88 -7.69 1.08
N ILE B 226 5.88 -7.70 1.09
CA ILE B 226 4.89 -8.61 1.63
CA ILE B 226 4.91 -8.63 1.64
C ILE B 226 4.52 -9.69 0.60
C ILE B 226 4.52 -9.69 0.60
N GLN B 227 4.31 -9.26 -0.64
CA GLN B 227 4.00 -10.18 -1.74
C GLN B 227 5.09 -11.22 -1.94
N ILE B 228 6.36 -10.82 -1.84
CA ILE B 228 7.44 -11.83 -1.99
C ILE B 228 7.29 -12.94 -0.93
N CYS B 229 7.04 -12.55 0.31
CA CYS B 229 6.79 -13.49 1.39
C CYS B 229 5.59 -14.39 1.06
N ASP B 230 4.50 -13.75 0.67
CA ASP B 230 3.27 -14.46 0.34
C ASP B 230 3.49 -15.51 -0.78
N LYS B 231 4.24 -15.12 -1.80
CA LYS B 231 4.54 -15.98 -2.94
C LYS B 231 5.41 -17.16 -2.49
N MET B 232 6.38 -16.89 -1.61
CA MET B 232 7.22 -17.97 -1.12
C MET B 232 6.40 -18.97 -0.27
N GLY B 233 5.43 -18.48 0.49
CA GLY B 233 4.50 -19.39 1.12
C GLY B 233 3.69 -20.24 0.15
N ALA B 234 3.20 -19.62 -0.91
CA ALA B 234 2.41 -20.35 -1.90
C ALA B 234 3.25 -21.40 -2.63
N LEU B 235 4.52 -21.07 -2.86
CA LEU B 235 5.45 -22.02 -3.47
C LEU B 235 6.01 -23.05 -2.48
N ARG B 236 5.59 -22.94 -1.22
CA ARG B 236 5.99 -23.87 -0.15
C ARG B 236 7.52 -23.89 0.01
N ILE B 237 8.10 -22.69 -0.08
CA ILE B 237 9.53 -22.46 0.17
C ILE B 237 9.71 -21.38 1.24
N SER B 238 8.79 -21.34 2.21
CA SER B 238 8.93 -20.40 3.33
C SER B 238 10.16 -20.67 4.20
N ASP B 239 10.72 -21.88 4.12
CA ASP B 239 11.99 -22.20 4.77
C ASP B 239 13.16 -21.43 4.20
N ARG B 240 12.96 -20.80 3.04
CA ARG B 240 14.00 -19.93 2.45
C ARG B 240 13.85 -18.46 2.82
N ILE B 241 12.82 -18.12 3.62
CA ILE B 241 12.73 -16.83 4.27
C ILE B 241 13.54 -16.92 5.56
N GLU B 242 14.63 -16.16 5.67
CA GLU B 242 15.52 -16.27 6.82
C GLU B 242 15.10 -15.36 7.96
N ARG B 243 14.77 -14.12 7.63
CA ARG B 243 14.55 -13.07 8.63
C ARG B 243 13.66 -12.00 8.02
N GLY B 244 12.64 -11.61 8.78
CA GLY B 244 11.76 -10.56 8.38
C GLY B 244 10.39 -11.10 8.03
N PRO B 245 9.54 -10.27 7.39
CA PRO B 245 9.81 -8.89 7.06
C PRO B 245 9.79 -8.01 8.32
N GLY B 246 10.45 -6.87 8.21
CA GLY B 246 10.53 -5.94 9.31
C GLY B 246 10.77 -4.51 8.90
N ARG B 247 10.86 -3.65 9.91
CA ARG B 247 11.35 -2.29 9.75
C ARG B 247 12.72 -2.26 10.40
N HIS B 248 13.72 -1.80 9.67
CA HIS B 248 15.07 -1.65 10.25
C HIS B 248 15.08 -0.45 11.18
N GLY B 249 15.90 -0.52 12.23
CA GLY B 249 16.25 0.67 12.98
C GLY B 249 17.25 1.47 12.17
N VAL B 250 18.47 0.94 12.07
CA VAL B 250 19.46 1.48 11.16
C VAL B 250 18.90 1.43 9.73
N SER B 251 18.85 2.59 9.10
CA SER B 251 18.40 2.85 7.72
C SER B 251 16.92 3.18 7.63
N ASN B 252 16.11 2.77 8.62
CA ASN B 252 14.66 3.01 8.61
C ASN B 252 13.92 2.33 7.43
N ALA B 253 14.60 1.39 6.76
CA ALA B 253 13.98 0.71 5.61
C ALA B 253 13.13 -0.48 6.04
N PHE B 254 12.09 -0.73 5.24
CA PHE B 254 11.35 -1.96 5.35
C PHE B 254 12.12 -3.05 4.60
N TYR B 255 12.18 -4.25 5.15
CA TYR B 255 13.16 -5.24 4.71
C TYR B 255 12.70 -6.69 4.79
N LEU B 256 13.40 -7.55 4.08
CA LEU B 256 13.20 -8.99 4.08
C LEU B 256 14.53 -9.65 3.66
N TYR B 257 14.93 -10.71 4.35
CA TYR B 257 16.06 -11.55 3.93
C TYR B 257 15.64 -12.96 3.55
N ILE B 258 16.06 -13.37 2.35
CA ILE B 258 15.78 -14.69 1.80
C ILE B 258 17.08 -15.32 1.33
N LEU B 259 17.04 -16.63 1.12
CA LEU B 259 18.24 -17.42 0.79
C LEU B 259 18.06 -18.13 -0.56
N ASP B 260 19.01 -17.92 -1.46
CA ASP B 260 18.98 -18.54 -2.77
C ASP B 260 19.44 -20.01 -2.68
N PRO B 261 19.43 -20.75 -3.81
CA PRO B 261 19.68 -22.19 -3.71
C PRO B 261 21.07 -22.59 -3.21
N ASP B 262 22.05 -21.70 -3.33
CA ASP B 262 23.38 -21.91 -2.75
C ASP B 262 23.59 -21.21 -1.41
N ASN B 263 22.48 -20.79 -0.80
N ASN B 263 22.48 -20.80 -0.79
CA ASN B 263 22.47 -20.03 0.46
CA ASN B 263 22.49 -20.02 0.45
C ASN B 263 23.04 -18.61 0.39
C ASN B 263 23.17 -18.65 0.37
N HIS B 264 23.21 -18.07 -0.82
CA HIS B 264 23.49 -16.64 -0.95
C HIS B 264 22.28 -15.87 -0.45
N ARG B 265 22.52 -14.90 0.42
CA ARG B 265 21.46 -14.15 1.06
C ARG B 265 21.13 -12.91 0.24
N ILE B 266 19.84 -12.70 -0.01
CA ILE B 266 19.35 -11.56 -0.75
C ILE B 266 18.43 -10.77 0.18
N GLU B 267 18.64 -9.47 0.26
CA GLU B 267 17.75 -8.57 0.99
C GLU B 267 16.85 -7.87 -0.01
N ILE B 268 15.58 -7.74 0.37
CA ILE B 268 14.66 -6.82 -0.30
C ILE B 268 14.38 -5.66 0.65
N TYR B 269 14.38 -4.44 0.10
CA TYR B 269 14.60 -3.22 0.89
C TYR B 269 13.76 -2.10 0.31
N THR B 270 13.17 -1.24 1.12
CA THR B 270 12.51 -0.07 0.57
C THR B 270 12.43 1.07 1.58
N GLN B 271 12.48 2.30 1.05
CA GLN B 271 12.06 3.51 1.76
C GLN B 271 13.01 3.91 2.90
N ASP B 272 14.30 3.89 2.59
CA ASP B 272 15.28 4.66 3.36
C ASP B 272 15.27 6.15 2.93
N TYR B 273 16.23 6.92 3.42
CA TYR B 273 16.16 8.38 3.37
C TYR B 273 17.38 8.96 2.61
N TYR B 274 17.34 10.26 2.34
CA TYR B 274 18.36 10.95 1.55
C TYR B 274 19.59 11.30 2.39
N THR B 275 20.76 10.95 1.86
CA THR B 275 22.03 11.14 2.58
C THR B 275 23.06 11.96 1.82
N GLY B 276 22.65 12.60 0.72
CA GLY B 276 23.61 13.18 -0.23
C GLY B 276 24.30 14.44 0.24
N ASP B 277 23.75 15.13 1.24
CA ASP B 277 24.47 16.28 1.79
C ASP B 277 25.75 15.83 2.52
N PRO B 278 26.86 16.57 2.36
CA PRO B 278 28.16 16.07 2.85
C PRO B 278 28.28 16.05 4.38
N ASP B 279 27.42 16.82 5.05
CA ASP B 279 27.37 16.83 6.52
C ASP B 279 26.13 16.07 7.03
N ASN B 280 25.64 15.15 6.22
CA ASN B 280 24.55 14.29 6.64
C ASN B 280 24.80 13.77 8.06
N PRO B 281 23.82 13.92 8.97
CA PRO B 281 24.13 13.52 10.33
C PRO B 281 24.34 12.02 10.46
N THR B 282 25.38 11.62 11.15
N THR B 282 25.46 11.63 11.02
CA THR B 282 25.76 10.23 11.26
CA THR B 282 25.74 10.24 11.30
C THR B 282 25.13 9.64 12.51
C THR B 282 24.82 9.83 12.41
N ILE B 283 24.28 8.62 12.33
CA ILE B 283 23.50 8.07 13.44
C ILE B 283 24.25 6.88 14.05
N THR B 284 24.47 6.91 15.37
CA THR B 284 25.08 5.76 16.06
C THR B 284 24.06 5.11 17.00
N TRP B 285 23.90 3.80 16.86
CA TRP B 285 23.08 3.01 17.71
C TRP B 285 23.94 2.21 18.66
N ASN B 286 23.45 2.03 19.88
CA ASN B 286 24.12 1.13 20.80
C ASN B 286 23.77 -0.33 20.47
N VAL B 287 24.77 -1.19 20.55
CA VAL B 287 24.61 -2.61 20.18
C VAL B 287 23.53 -3.30 21.04
N HIS B 288 23.29 -2.82 22.26
CA HIS B 288 22.29 -3.45 23.13
C HIS B 288 20.87 -2.94 22.94
N ASP B 289 20.70 -1.97 22.04
CA ASP B 289 19.37 -1.40 21.76
C ASP B 289 18.60 -2.40 20.88
N ASN B 290 17.56 -3.00 21.47
CA ASN B 290 16.77 -4.00 20.78
C ASN B 290 15.89 -3.50 19.62
N GLN B 291 15.88 -2.17 19.38
CA GLN B 291 15.24 -1.60 18.18
C GLN B 291 16.20 -1.24 17.04
N ARG B 292 17.48 -1.57 17.19
CA ARG B 292 18.47 -1.06 16.23
C ARG B 292 18.41 -1.82 14.90
N ARG B 293 18.15 -3.12 14.93
CA ARG B 293 18.16 -3.93 13.70
C ARG B 293 16.74 -4.19 13.21
N ASP B 294 15.89 -4.60 14.14
CA ASP B 294 14.44 -4.61 13.92
C ASP B 294 13.79 -3.62 14.88
N TRP B 295 13.19 -2.60 14.30
CA TRP B 295 12.61 -1.46 15.03
C TRP B 295 11.46 -1.91 15.90
N TRP B 296 10.82 -3.02 15.52
CA TRP B 296 9.71 -3.58 16.27
C TRP B 296 10.17 -4.52 17.38
N GLY B 297 11.49 -4.69 17.50
CA GLY B 297 12.04 -5.54 18.51
C GLY B 297 12.09 -7.02 18.24
N ASN B 298 11.73 -7.45 17.02
CA ASN B 298 11.78 -8.86 16.71
C ASN B 298 13.21 -9.37 16.76
N PRO B 299 13.39 -10.60 17.24
CA PRO B 299 14.75 -11.09 17.44
C PRO B 299 15.47 -11.35 16.10
N VAL B 300 16.77 -11.21 16.12
CA VAL B 300 17.59 -11.44 14.94
C VAL B 300 18.03 -12.90 14.99
N VAL B 301 17.66 -13.69 13.99
CA VAL B 301 18.00 -15.12 14.00
C VAL B 301 19.51 -15.32 13.97
N PRO B 302 20.00 -16.34 14.71
CA PRO B 302 21.45 -16.52 14.82
C PRO B 302 22.17 -16.73 13.47
N SER B 303 21.53 -17.39 12.52
CA SER B 303 22.14 -17.57 11.19
C SER B 303 22.47 -16.25 10.51
N TRP B 304 21.71 -15.21 10.83
CA TRP B 304 21.95 -13.90 10.25
C TRP B 304 23.32 -13.37 10.67
N TYR B 305 23.73 -13.72 11.88
CA TYR B 305 25.02 -13.28 12.40
C TYR B 305 26.15 -14.22 12.01
N THR B 306 25.87 -15.50 11.79
CA THR B 306 26.93 -16.48 11.63
C THR B 306 27.19 -16.89 10.16
N GLU B 307 26.20 -16.78 9.28
CA GLU B 307 26.29 -17.37 7.95
C GLU B 307 26.45 -16.29 6.91
N ALA B 308 27.35 -16.56 5.95
CA ALA B 308 27.61 -15.61 4.86
C ALA B 308 28.38 -16.36 3.77
N SER B 309 28.41 -15.77 2.59
CA SER B 309 28.98 -16.44 1.41
C SER B 309 30.49 -16.29 1.35
N LYS B 310 31.15 -17.34 0.87
CA LYS B 310 32.57 -17.27 0.49
C LYS B 310 32.78 -16.19 -0.56
N VAL B 311 34.01 -15.63 -0.62
CA VAL B 311 34.40 -14.75 -1.72
C VAL B 311 35.63 -15.30 -2.40
N LEU B 312 35.76 -15.01 -3.70
CA LEU B 312 36.90 -15.52 -4.45
C LEU B 312 37.99 -14.43 -4.61
N ASP B 313 39.23 -14.91 -4.73
CA ASP B 313 40.32 -14.12 -5.26
C ASP B 313 40.30 -14.05 -6.79
N LEU B 314 41.25 -13.32 -7.38
CA LEU B 314 41.26 -13.09 -8.82
C LEU B 314 41.55 -14.34 -9.64
N ASP B 315 42.15 -15.35 -9.00
CA ASP B 315 42.34 -16.68 -9.61
C ASP B 315 41.12 -17.59 -9.53
N GLY B 316 40.09 -17.14 -8.82
CA GLY B 316 38.87 -17.92 -8.63
C GLY B 316 38.94 -18.90 -7.48
N ASN B 317 39.97 -18.78 -6.65
CA ASN B 317 40.07 -19.59 -5.43
C ASN B 317 39.41 -18.88 -4.28
N VAL B 318 38.87 -19.64 -3.34
CA VAL B 318 38.21 -19.08 -2.15
C VAL B 318 39.26 -18.33 -1.28
N GLN B 319 38.91 -17.14 -0.84
CA GLN B 319 39.70 -16.40 0.15
C GLN B 319 39.65 -17.07 1.53
N GLU B 320 40.81 -17.21 2.15
CA GLU B 320 40.87 -17.75 3.53
C GLU B 320 40.16 -16.78 4.48
N ILE B 321 39.53 -17.34 5.48
CA ILE B 321 38.73 -16.60 6.47
C ILE B 321 39.62 -16.22 7.64
N ILE B 322 39.57 -14.96 8.05
CA ILE B 322 40.27 -14.46 9.24
C ILE B 322 39.22 -14.27 10.34
N GLU B 323 39.50 -14.84 11.52
CA GLU B 323 38.58 -14.77 12.65
C GLU B 323 38.55 -13.36 13.26
N ARG B 324 37.34 -12.89 13.56
CA ARG B 324 37.14 -11.68 14.35
C ARG B 324 37.57 -11.92 15.79
N THR B 325 38.34 -10.99 16.34
CA THR B 325 38.70 -11.02 17.74
C THR B 325 37.92 -10.01 18.58
N ASP B 326 37.42 -8.93 17.95
CA ASP B 326 36.52 -8.01 18.62
C ASP B 326 35.26 -8.78 19.08
N ASP B 327 34.52 -8.17 19.97
CA ASP B 327 33.32 -8.79 20.53
C ASP B 327 32.28 -9.09 19.45
N SER B 328 31.52 -10.15 19.66
CA SER B 328 30.50 -10.62 18.69
C SER B 328 29.15 -10.01 19.02
N GLU B 329 28.51 -9.39 18.02
CA GLU B 329 27.17 -8.83 18.21
C GLU B 329 26.18 -9.89 18.69
N LEU B 330 26.23 -11.09 18.09
CA LEU B 330 25.42 -12.20 18.57
C LEU B 330 25.63 -12.40 20.08
N GLU B 331 26.88 -12.60 20.47
CA GLU B 331 27.19 -12.97 21.84
C GLU B 331 26.75 -11.89 22.83
N VAL B 332 26.98 -10.63 22.51
CA VAL B 332 26.71 -9.55 23.48
C VAL B 332 25.23 -9.18 23.54
N THR B 333 24.41 -9.65 22.60
CA THR B 333 22.98 -9.30 22.58
C THR B 333 22.02 -10.45 22.88
N ILE B 334 22.27 -11.61 22.28
CA ILE B 334 21.37 -12.76 22.43
C ILE B 334 22.03 -14.01 22.96
N GLY B 335 23.34 -13.97 23.16
CA GLY B 335 24.08 -15.09 23.72
C GLY B 335 23.88 -15.23 25.21
N ALA B 336 24.61 -16.15 25.80
CA ALA B 336 24.34 -16.56 27.19
C ALA B 336 24.61 -15.44 28.19
N ASP B 337 25.59 -14.58 27.90
CA ASP B 337 25.87 -13.39 28.73
C ASP B 337 25.38 -12.11 28.02
N GLY B 338 24.47 -12.26 27.07
CA GLY B 338 24.01 -11.13 26.30
C GLY B 338 23.03 -10.26 27.06
N PHE B 339 22.79 -9.07 26.50
CA PHE B 339 21.85 -8.13 27.05
C PHE B 339 21.27 -7.30 25.94
N SER B 340 19.96 -7.02 26.01
N SER B 340 19.96 -7.02 26.01
CA SER B 340 19.36 -5.99 25.19
CA SER B 340 19.37 -5.96 25.20
C SER B 340 18.31 -5.24 26.00
C SER B 340 18.22 -5.27 25.92
N PHE B 341 18.01 -4.01 25.57
CA PHE B 341 16.99 -3.16 26.18
C PHE B 341 16.01 -2.65 25.14
N THR B 342 14.82 -2.35 25.62
CA THR B 342 13.84 -1.62 24.81
C THR B 342 13.95 -0.13 25.08
N ARG B 343 14.02 0.26 26.36
CA ARG B 343 14.20 1.64 26.78
C ARG B 343 15.49 1.67 27.63
N ALA B 344 16.43 2.53 27.24
CA ALA B 344 17.69 2.72 27.97
C ALA B 344 17.40 2.97 29.43
N GLY B 345 18.08 2.19 30.28
CA GLY B 345 17.96 2.32 31.72
C GLY B 345 16.75 1.69 32.37
N ASP B 346 15.85 1.09 31.58
CA ASP B 346 14.65 0.42 32.10
C ASP B 346 14.87 -1.09 32.10
N GLU B 347 14.66 -1.70 33.25
CA GLU B 347 14.71 -3.16 33.39
C GLU B 347 13.52 -3.83 32.69
N ASP B 348 12.37 -3.18 32.74
N ASP B 348 12.34 -3.19 32.76
CA ASP B 348 11.19 -3.67 32.05
CA ASP B 348 11.17 -3.66 32.03
C ASP B 348 11.40 -3.57 30.54
C ASP B 348 11.46 -3.59 30.54
N GLY B 349 11.20 -4.67 29.83
CA GLY B 349 11.48 -4.75 28.38
C GLY B 349 12.95 -5.02 28.05
N SER B 350 13.73 -5.39 29.06
CA SER B 350 15.10 -5.80 28.81
C SER B 350 15.20 -7.34 28.84
N TYR B 351 16.25 -7.84 28.20
CA TYR B 351 16.45 -9.25 27.95
C TYR B 351 17.86 -9.64 28.39
N HIS B 352 17.95 -10.66 29.24
CA HIS B 352 19.21 -11.10 29.81
C HIS B 352 19.46 -12.54 29.37
N GLY B 353 20.52 -12.74 28.60
CA GLY B 353 20.93 -14.09 28.16
C GLY B 353 19.97 -14.81 27.22
N GLN B 354 19.13 -14.05 26.51
N GLN B 354 19.19 -14.03 26.48
CA GLN B 354 18.30 -14.65 25.48
CA GLN B 354 18.27 -14.62 25.51
C GLN B 354 17.82 -13.57 24.55
C GLN B 354 17.83 -13.56 24.54
N ALA B 355 17.11 -13.98 23.50
CA ALA B 355 16.60 -13.07 22.50
C ALA B 355 15.27 -12.50 22.99
N SER B 356 14.77 -11.49 22.28
CA SER B 356 13.48 -10.90 22.55
C SER B 356 12.32 -11.83 22.23
N LYS B 357 11.14 -11.43 22.69
CA LYS B 357 9.86 -12.04 22.32
C LYS B 357 9.73 -13.50 22.71
N GLY B 358 10.52 -13.99 23.67
CA GLY B 358 10.30 -15.32 24.26
C GLY B 358 11.15 -16.44 23.68
N PHE B 359 12.15 -16.09 22.87
CA PHE B 359 13.04 -17.06 22.26
C PHE B 359 14.46 -17.11 22.83
N LYS B 360 15.09 -18.25 22.66
CA LYS B 360 16.51 -18.47 22.93
C LYS B 360 17.20 -19.03 21.68
N LEU B 361 18.52 -18.87 21.61
CA LEU B 361 19.36 -19.56 20.61
C LEU B 361 19.02 -21.06 20.51
N GLY B 362 18.75 -21.56 19.30
CA GLY B 362 18.70 -23.01 19.07
C GLY B 362 20.01 -23.73 19.39
N GLU C 4 -46.86 0.50 -10.74
CA GLU C 4 -46.14 -0.04 -9.56
C GLU C 4 -46.15 -1.57 -9.57
N ILE C 5 -45.06 -2.18 -9.12
CA ILE C 5 -44.93 -3.63 -9.23
C ILE C 5 -45.47 -4.24 -7.93
N PRO C 6 -46.54 -5.06 -8.01
CA PRO C 6 -47.13 -5.52 -6.76
C PRO C 6 -46.22 -6.53 -6.08
N LYS C 7 -46.27 -6.61 -4.76
CA LYS C 7 -45.56 -7.65 -4.04
C LYS C 7 -46.31 -8.99 -4.20
N PRO C 8 -45.64 -10.03 -4.73
CA PRO C 8 -46.25 -11.36 -4.71
C PRO C 8 -46.62 -11.85 -3.31
N VAL C 9 -47.67 -12.66 -3.24
CA VAL C 9 -47.92 -13.44 -2.04
C VAL C 9 -46.91 -14.56 -1.89
N ALA C 10 -46.40 -15.08 -3.00
CA ALA C 10 -45.39 -16.16 -2.95
C ALA C 10 -44.14 -15.62 -2.25
N PRO C 11 -43.53 -16.44 -1.40
CA PRO C 11 -42.34 -15.96 -0.70
C PRO C 11 -41.15 -15.66 -1.65
N ALA C 12 -40.42 -14.59 -1.37
CA ALA C 12 -39.24 -14.28 -2.18
C ALA C 12 -38.17 -15.35 -1.99
N PRO C 13 -37.41 -15.64 -3.05
CA PRO C 13 -36.21 -16.47 -2.85
C PRO C 13 -35.23 -15.75 -1.94
N ASP C 14 -34.50 -16.51 -1.12
CA ASP C 14 -33.43 -15.99 -0.28
C ASP C 14 -32.15 -15.85 -1.14
N ILE C 15 -31.83 -14.61 -1.52
CA ILE C 15 -30.70 -14.31 -2.40
C ILE C 15 -29.46 -14.07 -1.54
N LEU C 16 -28.37 -14.76 -1.88
CA LEU C 16 -27.11 -14.62 -1.13
C LEU C 16 -26.30 -13.40 -1.57
N ARG C 17 -26.16 -13.27 -2.88
CA ARG C 17 -25.21 -12.33 -3.49
C ARG C 17 -25.33 -12.36 -4.99
N CYS C 18 -24.84 -11.32 -5.63
CA CYS C 18 -24.46 -11.39 -7.03
C CYS C 18 -23.38 -12.46 -7.23
N ALA C 19 -23.48 -13.22 -8.30
CA ALA C 19 -22.60 -14.39 -8.50
C ALA C 19 -21.84 -14.38 -9.83
N TYR C 20 -22.52 -14.12 -10.94
CA TYR C 20 -21.85 -14.00 -12.24
C TYR C 20 -22.68 -13.23 -13.23
N ALA C 21 -22.02 -12.73 -14.28
CA ALA C 21 -22.71 -12.20 -15.43
C ALA C 21 -22.30 -12.96 -16.69
N GLU C 22 -23.26 -13.15 -17.60
CA GLU C 22 -22.96 -13.69 -18.92
C GLU C 22 -23.06 -12.54 -19.90
N LEU C 23 -21.93 -12.19 -20.50
CA LEU C 23 -21.85 -11.11 -21.48
C LEU C 23 -21.66 -11.74 -22.86
N VAL C 24 -22.48 -11.32 -23.81
CA VAL C 24 -22.20 -11.63 -25.21
C VAL C 24 -21.15 -10.66 -25.76
N VAL C 25 -20.15 -11.24 -26.42
CA VAL C 25 -19.06 -10.50 -27.03
C VAL C 25 -18.97 -10.89 -28.50
N THR C 26 -18.46 -9.98 -29.33
CA THR C 26 -18.44 -10.20 -30.79
C THR C 26 -17.17 -10.88 -31.30
N ASP C 27 -16.04 -10.69 -30.62
CA ASP C 27 -14.74 -11.27 -30.99
C ASP C 27 -14.13 -11.90 -29.74
N LEU C 28 -14.27 -13.22 -29.64
CA LEU C 28 -13.92 -13.92 -28.41
C LEU C 28 -12.44 -13.77 -28.07
N ALA C 29 -11.57 -13.84 -29.08
CA ALA C 29 -10.14 -13.74 -28.82
C ALA C 29 -9.74 -12.34 -28.28
N LYS C 30 -10.34 -11.29 -28.83
CA LYS C 30 -10.09 -9.94 -28.35
C LYS C 30 -10.60 -9.77 -26.93
N SER C 31 -11.75 -10.33 -26.66
CA SER C 31 -12.30 -10.26 -25.32
C SER C 31 -11.43 -11.07 -24.34
N ARG C 32 -10.96 -12.24 -24.75
CA ARG C 32 -10.06 -13.01 -23.93
C ARG C 32 -8.80 -12.22 -23.58
N ASN C 33 -8.24 -11.53 -24.57
CA ASN C 33 -7.05 -10.73 -24.33
C ASN C 33 -7.31 -9.69 -23.23
N PHE C 34 -8.50 -9.06 -23.27
CA PHE C 34 -8.83 -8.03 -22.29
C PHE C 34 -9.01 -8.64 -20.89
N TYR C 35 -9.84 -9.66 -20.78
CA TYR C 35 -10.21 -10.17 -19.45
C TYR C 35 -9.14 -11.08 -18.82
N VAL C 36 -8.39 -11.82 -19.64
CA VAL C 36 -7.35 -12.70 -19.13
C VAL C 36 -6.00 -11.98 -19.17
N ASP C 37 -5.57 -11.52 -20.33
CA ASP C 37 -4.19 -10.99 -20.44
C ASP C 37 -4.06 -9.62 -19.81
N VAL C 38 -5.06 -8.76 -19.97
CA VAL C 38 -4.97 -7.43 -19.34
C VAL C 38 -5.40 -7.50 -17.87
N LEU C 39 -6.60 -8.01 -17.61
CA LEU C 39 -7.17 -7.96 -16.26
C LEU C 39 -6.81 -9.13 -15.36
N GLY C 40 -6.35 -10.24 -15.92
CA GLY C 40 -5.83 -11.35 -15.11
C GLY C 40 -6.84 -12.25 -14.47
N LEU C 41 -8.09 -12.26 -14.97
CA LEU C 41 -9.04 -13.23 -14.47
C LEU C 41 -8.60 -14.67 -14.80
N HIS C 42 -9.08 -15.62 -14.01
CA HIS C 42 -8.63 -16.99 -14.06
C HIS C 42 -9.59 -17.84 -14.84
N VAL C 43 -9.05 -18.65 -15.74
CA VAL C 43 -9.87 -19.50 -16.60
C VAL C 43 -10.38 -20.74 -15.88
N SER C 44 -11.70 -20.85 -15.81
CA SER C 44 -12.35 -22.05 -15.30
C SER C 44 -12.71 -23.08 -16.37
N TYR C 45 -12.90 -22.62 -17.60
CA TYR C 45 -13.22 -23.45 -18.79
C TYR C 45 -13.16 -22.53 -19.99
N GLU C 46 -12.68 -23.04 -21.12
CA GLU C 46 -12.91 -22.36 -22.38
C GLU C 46 -13.01 -23.32 -23.55
N ASP C 47 -13.73 -22.86 -24.55
CA ASP C 47 -13.77 -23.52 -25.85
C ASP C 47 -13.86 -22.40 -26.92
N GLU C 48 -14.21 -22.77 -28.16
N GLU C 48 -14.17 -22.75 -28.17
CA GLU C 48 -14.24 -21.83 -29.27
CA GLU C 48 -14.18 -21.74 -29.24
C GLU C 48 -15.42 -20.85 -29.19
C GLU C 48 -15.43 -20.85 -29.22
N ASN C 49 -16.39 -21.16 -28.34
CA ASN C 49 -17.60 -20.34 -28.22
C ASN C 49 -17.70 -19.53 -26.95
N GLN C 50 -17.02 -19.97 -25.88
CA GLN C 50 -17.20 -19.34 -24.56
C GLN C 50 -15.92 -19.40 -23.76
N ILE C 51 -15.76 -18.40 -22.90
CA ILE C 51 -14.72 -18.38 -21.88
C ILE C 51 -15.37 -18.13 -20.51
N TYR C 52 -15.06 -18.99 -19.56
CA TYR C 52 -15.57 -18.95 -18.19
C TYR C 52 -14.43 -18.49 -17.29
N LEU C 53 -14.65 -17.41 -16.56
CA LEU C 53 -13.61 -16.73 -15.79
C LEU C 53 -14.03 -16.52 -14.35
N ARG C 54 -13.05 -16.55 -13.43
CA ARG C 54 -13.33 -16.27 -12.03
C ARG C 54 -12.25 -15.42 -11.40
N SER C 55 -12.64 -14.77 -10.31
CA SER C 55 -11.75 -13.95 -9.51
C SER C 55 -10.90 -14.78 -8.55
N PHE C 56 -9.92 -14.11 -7.94
CA PHE C 56 -8.88 -14.80 -7.16
C PHE C 56 -9.45 -15.57 -5.97
N GLU C 57 -10.50 -15.03 -5.32
CA GLU C 57 -10.97 -15.65 -4.07
C GLU C 57 -12.25 -16.50 -4.27
N GLU C 58 -12.66 -16.71 -5.52
CA GLU C 58 -13.92 -17.42 -5.78
C GLU C 58 -13.77 -18.94 -5.69
N PHE C 59 -14.81 -19.61 -5.17
CA PHE C 59 -14.88 -21.08 -5.18
C PHE C 59 -15.99 -21.64 -6.07
N ILE C 60 -17.00 -20.83 -6.41
CA ILE C 60 -17.99 -21.28 -7.40
C ILE C 60 -17.37 -21.26 -8.80
N HIS C 61 -18.05 -21.85 -9.78
CA HIS C 61 -17.37 -22.16 -11.02
C HIS C 61 -16.81 -20.92 -11.75
N HIS C 62 -17.56 -19.82 -11.75
CA HIS C 62 -17.19 -18.63 -12.49
C HIS C 62 -17.93 -17.40 -11.96
N ASN C 63 -17.33 -16.24 -12.22
CA ASN C 63 -17.97 -14.93 -12.04
C ASN C 63 -18.33 -14.21 -13.35
N LEU C 64 -17.83 -14.72 -14.46
CA LEU C 64 -18.01 -14.08 -15.75
C LEU C 64 -17.98 -15.14 -16.84
N VAL C 65 -19.01 -15.10 -17.69
CA VAL C 65 -19.05 -15.95 -18.87
C VAL C 65 -19.06 -15.03 -20.07
N LEU C 66 -18.10 -15.23 -20.97
CA LEU C 66 -18.03 -14.51 -22.23
C LEU C 66 -18.52 -15.48 -23.31
N THR C 67 -19.59 -15.09 -23.97
CA THR C 67 -20.23 -15.94 -24.98
C THR C 67 -20.19 -15.24 -26.33
N LYS C 68 -19.63 -15.91 -27.32
CA LYS C 68 -19.58 -15.34 -28.66
C LYS C 68 -21.01 -15.23 -29.24
N GLY C 69 -21.30 -14.08 -29.82
CA GLY C 69 -22.60 -13.84 -30.46
C GLY C 69 -22.56 -12.63 -31.37
N PRO C 70 -23.66 -12.40 -32.13
CA PRO C 70 -23.65 -11.38 -33.18
C PRO C 70 -23.73 -9.93 -32.65
N VAL C 71 -24.32 -9.78 -31.46
CA VAL C 71 -24.61 -8.47 -30.89
C VAL C 71 -24.18 -8.45 -29.42
N ALA C 72 -23.22 -7.60 -29.11
CA ALA C 72 -22.73 -7.47 -27.74
C ALA C 72 -23.84 -6.95 -26.83
N ALA C 73 -24.00 -7.63 -25.69
CA ALA C 73 -25.09 -7.38 -24.78
C ALA C 73 -24.91 -8.18 -23.50
N LEU C 74 -25.61 -7.76 -22.44
CA LEU C 74 -25.82 -8.62 -21.27
C LEU C 74 -26.83 -9.70 -21.58
N LYS C 75 -26.45 -10.97 -21.39
CA LYS C 75 -27.38 -12.09 -21.54
C LYS C 75 -28.02 -12.55 -20.24
N ALA C 76 -27.28 -12.48 -19.12
CA ALA C 76 -27.87 -12.75 -17.81
C ALA C 76 -27.03 -12.18 -16.70
N MET C 77 -27.70 -11.60 -15.72
N MET C 77 -27.72 -11.60 -15.72
CA MET C 77 -27.08 -11.26 -14.44
CA MET C 77 -27.17 -11.22 -14.40
C MET C 77 -27.59 -12.24 -13.40
C MET C 77 -27.61 -12.26 -13.40
N ALA C 78 -26.68 -12.99 -12.81
CA ALA C 78 -27.02 -14.17 -11.99
C ALA C 78 -26.75 -13.91 -10.52
N PHE C 79 -27.72 -14.30 -9.69
CA PHE C 79 -27.65 -14.23 -8.24
C PHE C 79 -27.73 -15.65 -7.70
N ARG C 80 -26.87 -15.96 -6.72
CA ARG C 80 -26.94 -17.23 -6.05
C ARG C 80 -27.95 -17.15 -4.92
N VAL C 81 -28.73 -18.22 -4.77
CA VAL C 81 -29.72 -18.32 -3.70
C VAL C 81 -29.29 -19.33 -2.68
N ARG C 82 -29.91 -19.32 -1.49
CA ARG C 82 -29.37 -20.02 -0.34
C ARG C 82 -29.51 -21.52 -0.41
N THR C 83 -30.61 -22.00 -1.00
CA THR C 83 -30.90 -23.44 -1.05
C THR C 83 -31.44 -23.83 -2.41
N PRO C 84 -31.40 -25.14 -2.74
CA PRO C 84 -32.06 -25.61 -3.98
C PRO C 84 -33.54 -25.19 -4.12
N GLU C 85 -34.25 -25.14 -2.99
CA GLU C 85 -35.68 -24.85 -2.97
C GLU C 85 -35.95 -23.38 -3.27
N ASP C 86 -34.95 -22.53 -3.07
CA ASP C 86 -35.10 -21.14 -3.42
C ASP C 86 -35.22 -20.92 -4.92
N VAL C 87 -34.78 -21.87 -5.76
CA VAL C 87 -34.97 -21.74 -7.19
C VAL C 87 -36.46 -21.95 -7.56
N ASP C 88 -37.09 -22.94 -6.93
CA ASP C 88 -38.55 -23.10 -6.99
C ASP C 88 -39.28 -21.83 -6.51
N LYS C 89 -38.82 -21.24 -5.41
CA LYS C 89 -39.46 -20.02 -4.90
C LYS C 89 -39.34 -18.90 -5.93
N ALA C 90 -38.16 -18.75 -6.53
CA ALA C 90 -37.96 -17.74 -7.55
C ALA C 90 -38.92 -17.94 -8.72
N GLU C 91 -39.08 -19.18 -9.17
CA GLU C 91 -39.99 -19.46 -10.28
C GLU C 91 -41.43 -19.05 -9.95
N ALA C 92 -41.92 -19.44 -8.78
CA ALA C 92 -43.27 -19.08 -8.36
C ALA C 92 -43.43 -17.57 -8.20
N TYR C 93 -42.40 -16.92 -7.68
CA TYR C 93 -42.42 -15.48 -7.45
C TYR C 93 -42.56 -14.69 -8.76
N TYR C 94 -41.70 -15.01 -9.74
CA TYR C 94 -41.73 -14.33 -11.01
C TYR C 94 -42.94 -14.69 -11.86
N GLN C 95 -43.46 -15.91 -11.69
CA GLN C 95 -44.68 -16.31 -12.39
C GLN C 95 -45.85 -15.47 -11.89
N GLU C 96 -45.92 -15.29 -10.58
CA GLU C 96 -46.94 -14.40 -10.00
C GLU C 96 -46.80 -12.95 -10.45
N LEU C 97 -45.57 -12.46 -10.61
CA LEU C 97 -45.33 -11.15 -11.21
C LEU C 97 -45.75 -11.03 -12.66
N GLY C 98 -46.02 -12.15 -13.32
CA GLY C 98 -46.44 -12.13 -14.73
C GLY C 98 -45.29 -12.14 -15.71
N CYS C 99 -44.10 -12.49 -15.24
CA CYS C 99 -42.89 -12.43 -16.04
C CYS C 99 -42.67 -13.71 -16.82
N ARG C 100 -42.08 -13.58 -17.99
CA ARG C 100 -41.60 -14.74 -18.73
C ARG C 100 -40.42 -15.41 -18.01
N THR C 101 -40.49 -16.72 -17.86
CA THR C 101 -39.47 -17.48 -17.14
C THR C 101 -39.09 -18.74 -17.94
N GLU C 102 -37.86 -19.18 -17.70
CA GLU C 102 -37.35 -20.41 -18.28
C GLU C 102 -36.50 -21.14 -17.27
N ARG C 103 -36.87 -22.37 -16.97
CA ARG C 103 -36.15 -23.22 -16.02
C ARG C 103 -35.39 -24.30 -16.77
N ARG C 104 -34.08 -24.40 -16.51
CA ARG C 104 -33.27 -25.50 -17.02
C ARG C 104 -32.65 -26.26 -15.85
N LYS C 105 -33.08 -27.50 -15.69
CA LYS C 105 -32.69 -28.28 -14.53
C LYS C 105 -31.19 -28.59 -14.56
N ASP C 106 -30.58 -28.56 -15.76
CA ASP C 106 -29.14 -28.77 -15.90
C ASP C 106 -28.35 -27.49 -16.23
N GLY C 107 -28.99 -26.33 -16.07
CA GLY C 107 -28.35 -25.04 -16.25
C GLY C 107 -28.33 -24.51 -17.69
N PHE C 108 -28.01 -23.22 -17.80
CA PHE C 108 -27.85 -22.53 -19.07
C PHE C 108 -26.39 -22.49 -19.52
N VAL C 109 -25.48 -22.44 -18.56
CA VAL C 109 -24.04 -22.36 -18.80
C VAL C 109 -23.33 -23.45 -18.00
N LYS C 110 -22.12 -23.78 -18.42
CA LYS C 110 -21.37 -24.83 -17.72
C LYS C 110 -21.08 -24.40 -16.30
N GLY C 111 -21.07 -25.38 -15.40
CA GLY C 111 -20.68 -25.18 -14.02
C GLY C 111 -21.82 -24.62 -13.17
N ILE C 112 -23.00 -24.44 -13.77
CA ILE C 112 -24.22 -24.10 -13.02
C ILE C 112 -25.21 -25.23 -13.26
N GLY C 113 -25.88 -25.66 -12.21
CA GLY C 113 -26.94 -26.67 -12.29
C GLY C 113 -28.31 -26.04 -12.44
N ASP C 114 -29.28 -26.55 -11.70
CA ASP C 114 -30.66 -26.12 -11.83
C ASP C 114 -30.76 -24.59 -11.69
N ALA C 115 -31.31 -23.96 -12.71
CA ALA C 115 -31.28 -22.52 -12.84
C ALA C 115 -32.57 -21.98 -13.49
N LEU C 116 -33.01 -20.84 -12.96
CA LEU C 116 -34.13 -20.09 -13.52
C LEU C 116 -33.67 -18.75 -14.12
N ARG C 117 -33.99 -18.53 -15.39
CA ARG C 117 -33.83 -17.21 -15.99
C ARG C 117 -35.20 -16.59 -16.20
N VAL C 118 -35.26 -15.29 -15.99
CA VAL C 118 -36.49 -14.50 -16.09
C VAL C 118 -36.22 -13.22 -16.84
N GLU C 119 -37.23 -12.75 -17.56
CA GLU C 119 -37.27 -11.36 -17.98
C GLU C 119 -37.99 -10.61 -16.89
N ASP C 120 -37.25 -9.84 -16.10
CA ASP C 120 -37.81 -9.29 -14.87
C ASP C 120 -38.70 -8.08 -15.19
N PRO C 121 -39.39 -7.52 -14.18
CA PRO C 121 -40.31 -6.43 -14.48
C PRO C 121 -39.67 -5.15 -15.02
N LEU C 122 -38.38 -4.96 -14.81
CA LEU C 122 -37.63 -3.86 -15.41
C LEU C 122 -36.97 -4.21 -16.76
N GLY C 123 -37.21 -5.41 -17.25
CA GLY C 123 -36.72 -5.83 -18.56
C GLY C 123 -35.37 -6.51 -18.52
N PHE C 124 -34.84 -6.80 -17.32
CA PHE C 124 -33.50 -7.37 -17.19
C PHE C 124 -33.52 -8.89 -17.11
N PRO C 125 -32.52 -9.55 -17.74
CA PRO C 125 -32.41 -11.00 -17.67
C PRO C 125 -31.70 -11.42 -16.39
N TYR C 126 -32.47 -11.85 -15.41
CA TYR C 126 -31.94 -12.28 -14.13
C TYR C 126 -31.86 -13.81 -14.16
N GLU C 127 -30.81 -14.37 -13.56
CA GLU C 127 -30.78 -15.80 -13.26
C GLU C 127 -30.72 -16.00 -11.76
N PHE C 128 -31.40 -17.05 -11.30
CA PHE C 128 -31.30 -17.56 -9.94
C PHE C 128 -30.88 -19.02 -9.95
N PHE C 129 -29.85 -19.34 -9.16
CA PHE C 129 -29.36 -20.73 -9.07
C PHE C 129 -28.80 -20.97 -7.69
N PHE C 130 -28.79 -22.24 -7.28
CA PHE C 130 -27.99 -22.66 -6.14
C PHE C 130 -26.80 -23.51 -6.59
N GLU C 131 -27.09 -24.56 -7.33
CA GLU C 131 -26.11 -25.61 -7.66
C GLU C 131 -25.03 -25.05 -8.56
N THR C 132 -23.78 -25.28 -8.18
CA THR C 132 -22.65 -24.88 -9.01
C THR C 132 -21.48 -25.79 -8.72
N THR C 133 -20.67 -26.03 -9.75
CA THR C 133 -19.45 -26.85 -9.60
C THR C 133 -18.39 -26.05 -8.85
N HIS C 134 -17.95 -26.57 -7.71
CA HIS C 134 -16.88 -25.92 -6.96
C HIS C 134 -15.54 -26.14 -7.67
N VAL C 135 -14.69 -25.14 -7.59
CA VAL C 135 -13.37 -25.21 -8.21
C VAL C 135 -12.33 -24.86 -7.13
N GLU C 136 -11.06 -24.93 -7.51
CA GLU C 136 -9.99 -24.54 -6.58
C GLU C 136 -10.11 -23.07 -6.23
N ARG C 137 -10.26 -22.79 -4.95
CA ARG C 137 -10.29 -21.43 -4.49
C ARG C 137 -8.84 -20.92 -4.48
N LEU C 138 -8.57 -19.90 -5.28
CA LEU C 138 -7.18 -19.43 -5.51
C LEU C 138 -6.69 -18.39 -4.50
N HIS C 139 -7.37 -18.24 -3.36
CA HIS C 139 -7.14 -17.07 -2.49
C HIS C 139 -5.76 -16.97 -1.87
N MET C 140 -5.04 -18.10 -1.76
CA MET C 140 -3.65 -18.10 -1.27
C MET C 140 -2.64 -18.47 -2.37
N ARG C 141 -3.06 -18.43 -3.63
CA ARG C 141 -2.17 -18.78 -4.75
C ARG C 141 -1.39 -17.54 -5.17
N TYR C 142 -0.53 -17.08 -4.28
CA TYR C 142 0.21 -15.88 -4.51
C TYR C 142 1.27 -16.02 -5.60
N ASP C 143 1.56 -17.25 -5.99
CA ASP C 143 2.31 -17.55 -7.22
C ASP C 143 1.60 -17.15 -8.52
N LEU C 144 0.27 -16.97 -8.44
CA LEU C 144 -0.54 -16.50 -9.55
C LEU C 144 -0.97 -15.04 -9.42
N TYR C 145 -0.77 -14.44 -8.25
CA TYR C 145 -1.29 -13.13 -7.94
C TYR C 145 -0.64 -12.03 -8.79
N SER C 146 -1.49 -11.24 -9.44
N SER C 146 -1.45 -11.26 -9.49
CA SER C 146 -1.13 -10.13 -10.30
CA SER C 146 -0.96 -10.16 -10.31
C SER C 146 -1.03 -8.85 -9.49
C SER C 146 -1.05 -8.84 -9.54
N ALA C 147 -0.21 -7.89 -9.93
CA ALA C 147 -0.17 -6.58 -9.32
C ALA C 147 -1.52 -5.83 -9.39
N GLY C 148 -2.38 -6.24 -10.33
CA GLY C 148 -3.75 -5.68 -10.44
C GLY C 148 -4.87 -6.65 -10.06
N GLU C 149 -4.59 -7.62 -9.21
CA GLU C 149 -5.47 -8.79 -9.04
C GLU C 149 -6.91 -8.44 -8.69
N LEU C 150 -7.84 -9.01 -9.45
CA LEU C 150 -9.27 -8.91 -9.15
C LEU C 150 -9.67 -10.06 -8.24
N VAL C 151 -10.14 -9.71 -7.06
CA VAL C 151 -10.30 -10.71 -6.00
C VAL C 151 -11.72 -11.26 -5.78
N ARG C 152 -12.74 -10.45 -6.03
N ARG C 152 -12.73 -10.45 -6.06
CA ARG C 152 -14.14 -10.85 -5.87
CA ARG C 152 -14.13 -10.82 -5.92
C ARG C 152 -14.99 -10.12 -6.89
C ARG C 152 -14.93 -10.17 -7.02
N LEU C 153 -16.06 -10.76 -7.34
CA LEU C 153 -17.15 -10.04 -7.99
C LEU C 153 -17.93 -9.28 -6.91
N ASP C 154 -18.14 -7.98 -7.11
CA ASP C 154 -18.82 -7.19 -6.10
C ASP C 154 -20.27 -6.83 -6.42
N HIS C 155 -20.56 -6.36 -7.63
CA HIS C 155 -21.93 -5.88 -7.91
C HIS C 155 -22.20 -5.72 -9.39
N PHE C 156 -23.49 -5.52 -9.68
CA PHE C 156 -23.95 -5.01 -10.95
C PHE C 156 -24.52 -3.61 -10.79
N ASN C 157 -24.65 -2.89 -11.89
CA ASN C 157 -25.34 -1.61 -11.90
C ASN C 157 -26.20 -1.53 -13.17
N GLN C 158 -27.49 -1.26 -12.96
CA GLN C 158 -28.54 -1.32 -13.98
C GLN C 158 -29.06 0.08 -14.27
N VAL C 159 -29.24 0.42 -15.55
CA VAL C 159 -29.88 1.67 -15.94
C VAL C 159 -31.36 1.39 -16.17
N THR C 160 -32.20 2.18 -15.53
CA THR C 160 -33.65 1.99 -15.60
C THR C 160 -34.32 3.38 -15.47
N PRO C 161 -35.45 3.59 -16.15
CA PRO C 161 -35.98 4.97 -16.21
C PRO C 161 -36.61 5.50 -14.92
N ASP C 162 -37.19 4.62 -14.12
CA ASP C 162 -37.96 5.00 -12.92
C ASP C 162 -37.35 4.31 -11.71
N VAL C 163 -36.54 5.04 -10.96
CA VAL C 163 -35.77 4.45 -9.90
C VAL C 163 -36.65 4.02 -8.72
N PRO C 164 -37.59 4.86 -8.28
CA PRO C 164 -38.47 4.41 -7.20
C PRO C 164 -39.24 3.10 -7.50
N ARG C 165 -39.71 2.96 -8.74
CA ARG C 165 -40.42 1.74 -9.13
C ARG C 165 -39.54 0.50 -9.01
N GLY C 166 -38.30 0.62 -9.50
CA GLY C 166 -37.37 -0.49 -9.41
C GLY C 166 -36.92 -0.77 -7.98
N ARG C 167 -36.69 0.30 -7.22
CA ARG C 167 -36.29 0.18 -5.83
C ARG C 167 -37.30 -0.61 -5.01
N LYS C 168 -38.58 -0.32 -5.19
CA LYS C 168 -39.59 -0.99 -4.39
C LYS C 168 -39.63 -2.47 -4.74
N TYR C 169 -39.49 -2.78 -6.04
CA TYR C 169 -39.44 -4.15 -6.51
C TYR C 169 -38.25 -4.92 -5.90
N LEU C 170 -37.09 -4.28 -5.88
CA LEU C 170 -35.91 -4.93 -5.29
C LEU C 170 -36.00 -5.07 -3.77
N GLU C 171 -36.63 -4.10 -3.09
CA GLU C 171 -36.83 -4.20 -1.66
C GLU C 171 -37.75 -5.38 -1.30
N ASP C 172 -38.76 -5.61 -2.13
CA ASP C 172 -39.66 -6.76 -1.94
C ASP C 172 -38.92 -8.10 -2.12
N LEU C 173 -37.89 -8.09 -2.96
CA LEU C 173 -37.00 -9.23 -3.18
C LEU C 173 -35.96 -9.40 -2.05
N GLY C 174 -35.92 -8.44 -1.11
CA GLY C 174 -35.12 -8.55 0.08
C GLY C 174 -33.84 -7.73 0.01
N PHE C 175 -33.65 -6.97 -1.06
CA PHE C 175 -32.50 -6.05 -1.12
C PHE C 175 -32.76 -4.83 -0.23
N ARG C 176 -31.77 -4.41 0.53
CA ARG C 176 -31.91 -3.21 1.37
C ARG C 176 -31.12 -2.05 0.81
N VAL C 177 -31.77 -0.90 0.69
CA VAL C 177 -31.12 0.29 0.18
C VAL C 177 -30.15 0.82 1.22
N THR C 178 -28.94 1.10 0.76
CA THR C 178 -27.88 1.59 1.60
C THR C 178 -27.59 3.06 1.37
N GLU C 179 -27.64 3.48 0.10
CA GLU C 179 -27.39 4.87 -0.32
C GLU C 179 -28.27 5.21 -1.51
N ASP C 180 -28.57 6.49 -1.64
CA ASP C 180 -29.26 7.01 -2.82
C ASP C 180 -28.90 8.48 -3.06
N ILE C 181 -29.30 8.96 -4.24
CA ILE C 181 -29.10 10.33 -4.67
C ILE C 181 -30.47 10.90 -5.06
N GLN C 182 -30.82 12.04 -4.46
CA GLN C 182 -32.13 12.69 -4.65
C GLN C 182 -31.94 14.20 -4.80
N ASP C 183 -32.99 14.90 -5.22
CA ASP C 183 -33.00 16.35 -5.04
C ASP C 183 -34.11 16.83 -4.13
N ASP C 184 -34.08 18.14 -3.82
CA ASP C 184 -35.08 18.76 -2.95
C ASP C 184 -36.49 18.75 -3.56
N GLU C 185 -36.59 18.65 -4.90
CA GLU C 185 -37.88 18.52 -5.57
C GLU C 185 -38.49 17.10 -5.44
N GLY C 186 -37.71 16.14 -4.94
CA GLY C 186 -38.21 14.78 -4.70
C GLY C 186 -37.87 13.77 -5.79
N THR C 187 -37.04 14.14 -6.76
CA THR C 187 -36.58 13.18 -7.76
C THR C 187 -35.47 12.28 -7.19
N THR C 188 -35.57 10.98 -7.50
CA THR C 188 -34.51 10.01 -7.22
C THR C 188 -33.73 9.72 -8.49
N TYR C 189 -32.42 9.85 -8.42
CA TYR C 189 -31.53 9.70 -9.56
C TYR C 189 -30.81 8.35 -9.59
N ALA C 190 -30.66 7.74 -8.42
CA ALA C 190 -29.87 6.52 -8.26
C ALA C 190 -30.09 5.93 -6.87
N ALA C 191 -30.02 4.61 -6.77
CA ALA C 191 -30.13 3.90 -5.49
C ALA C 191 -29.23 2.67 -5.51
N TRP C 192 -28.67 2.33 -4.35
CA TRP C 192 -27.75 1.20 -4.17
C TRP C 192 -28.36 0.25 -3.16
N MET C 193 -28.30 -1.06 -3.43
CA MET C 193 -28.99 -1.99 -2.55
C MET C 193 -28.28 -3.34 -2.45
N HIS C 194 -28.38 -3.97 -1.27
CA HIS C 194 -27.57 -5.17 -0.98
C HIS C 194 -28.32 -6.35 -0.39
N ARG C 195 -27.73 -7.52 -0.62
CA ARG C 195 -27.99 -8.72 0.21
C ARG C 195 -26.78 -9.15 1.06
N LYS C 196 -25.57 -9.05 0.52
CA LYS C 196 -24.44 -9.73 1.17
C LYS C 196 -23.72 -8.95 2.25
N GLY C 197 -24.13 -7.73 2.52
CA GLY C 197 -23.55 -6.97 3.65
C GLY C 197 -22.40 -6.04 3.25
N THR C 198 -22.30 -5.79 1.95
CA THR C 198 -21.52 -4.67 1.41
C THR C 198 -22.47 -3.56 0.94
N VAL C 199 -21.94 -2.48 0.37
CA VAL C 199 -22.82 -1.36 0.00
C VAL C 199 -23.87 -1.80 -1.03
N HIS C 200 -23.50 -2.72 -1.91
CA HIS C 200 -24.47 -3.23 -2.88
C HIS C 200 -24.13 -4.54 -3.54
N ASP C 201 -25.18 -5.23 -3.99
CA ASP C 201 -25.09 -6.32 -4.97
C ASP C 201 -25.64 -5.88 -6.31
N THR C 202 -26.62 -4.98 -6.29
CA THR C 202 -26.99 -4.29 -7.52
C THR C 202 -27.35 -2.87 -7.20
N ALA C 203 -27.48 -2.07 -8.24
CA ALA C 203 -27.77 -0.66 -8.09
C ALA C 203 -28.58 -0.23 -9.29
N LEU C 204 -29.36 0.81 -9.10
CA LEU C 204 -30.16 1.44 -10.15
C LEU C 204 -29.66 2.84 -10.44
N THR C 205 -29.36 3.09 -11.71
CA THR C 205 -28.97 4.39 -12.22
C THR C 205 -30.12 4.88 -13.10
N GLY C 206 -30.67 6.05 -12.79
CA GLY C 206 -31.74 6.64 -13.60
C GLY C 206 -31.27 6.90 -15.02
N GLY C 207 -31.94 6.31 -16.00
CA GLY C 207 -31.66 6.60 -17.39
C GLY C 207 -32.49 5.75 -18.30
N ASN C 208 -32.23 5.82 -19.60
CA ASN C 208 -32.97 4.98 -20.53
C ASN C 208 -32.61 3.52 -20.36
N GLY C 209 -33.61 2.64 -20.24
CA GLY C 209 -33.34 1.24 -19.97
C GLY C 209 -34.44 0.32 -20.36
N PRO C 210 -34.20 -1.01 -20.24
CA PRO C 210 -33.08 -1.65 -19.51
C PRO C 210 -31.75 -1.64 -20.29
N ARG C 211 -30.70 -1.18 -19.60
CA ARG C 211 -29.32 -1.30 -20.06
C ARG C 211 -28.47 -1.64 -18.86
N LEU C 212 -27.39 -2.37 -19.11
CA LEU C 212 -26.46 -2.72 -18.03
C LEU C 212 -25.38 -1.64 -17.97
N HIS C 213 -25.26 -0.96 -16.84
CA HIS C 213 -24.29 0.11 -16.75
C HIS C 213 -22.87 -0.46 -16.61
N HIS C 214 -22.68 -1.33 -15.64
CA HIS C 214 -21.38 -1.98 -15.42
C HIS C 214 -21.49 -3.24 -14.59
N VAL C 215 -20.41 -4.01 -14.62
CA VAL C 215 -20.16 -5.10 -13.67
C VAL C 215 -18.91 -4.67 -12.91
N ALA C 216 -18.90 -4.89 -11.59
CA ALA C 216 -17.78 -4.46 -10.74
C ALA C 216 -17.09 -5.64 -10.06
N PHE C 217 -15.76 -5.59 -10.09
CA PHE C 217 -14.89 -6.48 -9.36
C PHE C 217 -14.11 -5.70 -8.31
N SER C 218 -13.76 -6.35 -7.21
N SER C 218 -13.75 -6.39 -7.23
CA SER C 218 -12.97 -5.70 -6.17
CA SER C 218 -12.97 -5.84 -6.13
C SER C 218 -11.53 -6.15 -6.17
C SER C 218 -11.48 -6.12 -6.30
N THR C 219 -10.66 -5.27 -5.69
CA THR C 219 -9.26 -5.60 -5.40
C THR C 219 -9.06 -5.54 -3.90
N HIS C 220 -7.89 -6.02 -3.43
CA HIS C 220 -7.55 -5.88 -2.02
C HIS C 220 -7.26 -4.45 -1.61
N GLU C 221 -6.44 -3.75 -2.40
CA GLU C 221 -5.92 -2.45 -2.02
C GLU C 221 -5.99 -1.46 -3.15
N LYS C 222 -5.81 -0.18 -2.80
CA LYS C 222 -5.92 0.90 -3.76
C LYS C 222 -4.80 0.82 -4.83
N HIS C 223 -3.60 0.38 -4.44
CA HIS C 223 -2.51 0.31 -5.39
C HIS C 223 -2.79 -0.72 -6.49
N ASN C 224 -3.65 -1.71 -6.20
CA ASN C 224 -4.02 -2.69 -7.25
C ASN C 224 -4.81 -2.03 -8.39
N ILE C 225 -5.67 -1.08 -8.03
CA ILE C 225 -6.39 -0.28 -9.01
C ILE C 225 -5.48 0.64 -9.80
N ILE C 226 -4.55 1.30 -9.11
N ILE C 226 -4.55 1.28 -9.12
CA ILE C 226 -3.55 2.12 -9.75
CA ILE C 226 -3.56 2.12 -9.76
C ILE C 226 -2.80 1.30 -10.81
C ILE C 226 -2.74 1.33 -10.77
N GLN C 227 -2.42 0.09 -10.44
CA GLN C 227 -1.67 -0.77 -11.35
C GLN C 227 -2.44 -1.09 -12.62
N ILE C 228 -3.75 -1.28 -12.51
CA ILE C 228 -4.54 -1.50 -13.73
C ILE C 228 -4.42 -0.31 -14.67
N CYS C 229 -4.53 0.91 -14.14
CA CYS C 229 -4.35 2.12 -14.96
C CYS C 229 -2.95 2.16 -15.59
N ASP C 230 -1.95 1.90 -14.76
CA ASP C 230 -0.55 1.91 -15.23
C ASP C 230 -0.32 0.89 -16.36
N LYS C 231 -0.92 -0.28 -16.21
CA LYS C 231 -0.78 -1.34 -17.20
C LYS C 231 -1.45 -0.93 -18.51
N MET C 232 -2.63 -0.29 -18.41
CA MET C 232 -3.32 0.16 -19.63
C MET C 232 -2.53 1.27 -20.34
N GLY C 233 -1.85 2.14 -19.59
CA GLY C 233 -0.91 3.06 -20.19
C GLY C 233 0.22 2.35 -20.92
N ALA C 234 0.82 1.35 -20.29
CA ALA C 234 1.91 0.60 -20.92
C ALA C 234 1.49 -0.14 -22.18
N LEU C 235 0.27 -0.65 -22.17
CA LEU C 235 -0.30 -1.29 -23.35
C LEU C 235 -0.87 -0.31 -24.36
N ARG C 236 -0.74 1.00 -24.08
CA ARG C 236 -1.19 2.07 -24.94
C ARG C 236 -2.69 1.93 -25.28
N ILE C 237 -3.47 1.59 -24.24
CA ILE C 237 -4.94 1.52 -24.34
C ILE C 237 -5.57 2.41 -23.25
N SER C 238 -4.90 3.51 -22.93
CA SER C 238 -5.42 4.48 -21.94
C SER C 238 -6.73 5.13 -22.40
N ASP C 239 -7.01 5.12 -23.71
CA ASP C 239 -8.32 5.56 -24.19
C ASP C 239 -9.49 4.69 -23.70
N ARG C 240 -9.19 3.51 -23.19
CA ARG C 240 -10.22 2.62 -22.64
C ARG C 240 -10.42 2.79 -21.12
N ILE C 241 -9.67 3.72 -20.51
CA ILE C 241 -9.97 4.24 -19.18
C ILE C 241 -10.98 5.38 -19.36
N GLU C 242 -12.18 5.17 -18.82
CA GLU C 242 -13.31 6.08 -19.03
C GLU C 242 -13.38 7.14 -17.94
N ARG C 243 -13.30 6.69 -16.70
CA ARG C 243 -13.53 7.55 -15.53
C ARG C 243 -12.72 7.02 -14.34
N GLY C 244 -12.12 7.93 -13.59
CA GLY C 244 -11.27 7.59 -12.47
C GLY C 244 -9.82 7.50 -12.84
N PRO C 245 -8.98 6.97 -11.93
CA PRO C 245 -9.39 6.42 -10.63
C PRO C 245 -9.82 7.53 -9.68
N GLY C 246 -10.65 7.18 -8.72
CA GLY C 246 -11.20 8.15 -7.77
C GLY C 246 -11.63 7.52 -6.47
N ARG C 247 -12.09 8.36 -5.55
CA ARG C 247 -12.81 7.94 -4.37
C ARG C 247 -14.25 8.27 -4.61
N HIS C 248 -15.15 7.30 -4.44
CA HIS C 248 -16.58 7.59 -4.53
C HIS C 248 -17.06 8.36 -3.29
N GLY C 249 -18.07 9.18 -3.46
CA GLY C 249 -18.84 9.69 -2.31
C GLY C 249 -19.75 8.60 -1.80
N VAL C 250 -20.81 8.35 -2.56
CA VAL C 250 -21.61 7.16 -2.36
C VAL C 250 -20.70 5.92 -2.32
N SER C 251 -20.82 5.13 -1.26
CA SER C 251 -20.07 3.87 -1.00
C SER C 251 -18.72 4.04 -0.35
N ASN C 252 -18.10 5.22 -0.51
CA ASN C 252 -16.76 5.49 -0.02
C ASN C 252 -15.68 4.59 -0.64
N ALA C 253 -15.97 3.90 -1.75
CA ALA C 253 -15.00 2.99 -2.34
C ALA C 253 -14.03 3.71 -3.27
N PHE C 254 -12.83 3.16 -3.37
CA PHE C 254 -11.86 3.60 -4.37
C PHE C 254 -12.20 2.87 -5.66
N TYR C 255 -12.16 3.56 -6.80
CA TYR C 255 -12.80 3.02 -8.04
C TYR C 255 -12.05 3.40 -9.31
N LEU C 256 -12.38 2.68 -10.36
CA LEU C 256 -11.94 2.92 -11.72
C LEU C 256 -12.98 2.33 -12.67
N TYR C 257 -13.26 3.03 -13.78
CA TYR C 257 -14.10 2.45 -14.84
C TYR C 257 -13.33 2.35 -16.15
N ILE C 258 -13.39 1.16 -16.75
CA ILE C 258 -12.71 0.85 -17.99
C ILE C 258 -13.70 0.18 -18.96
N LEU C 259 -13.37 0.19 -20.25
CA LEU C 259 -14.27 -0.32 -21.31
C LEU C 259 -13.64 -1.51 -22.02
N ASP C 260 -14.37 -2.61 -22.09
CA ASP C 260 -13.94 -3.82 -22.79
C ASP C 260 -14.05 -3.62 -24.30
N PRO C 261 -13.60 -4.60 -25.09
CA PRO C 261 -13.60 -4.39 -26.56
C PRO C 261 -14.97 -4.15 -27.22
N ASP C 262 -16.05 -4.59 -26.58
CA ASP C 262 -17.42 -4.30 -27.05
C ASP C 262 -18.06 -3.12 -26.31
N ASN C 263 -17.24 -2.36 -25.61
N ASN C 263 -17.24 -2.35 -25.60
CA ASN C 263 -17.66 -1.22 -24.78
CA ASN C 263 -17.69 -1.21 -24.80
C ASN C 263 -18.52 -1.57 -23.59
C ASN C 263 -18.52 -1.57 -23.59
N HIS C 264 -18.50 -2.83 -23.17
CA HIS C 264 -19.04 -3.19 -21.84
C HIS C 264 -18.16 -2.52 -20.79
N ARG C 265 -18.79 -1.85 -19.85
CA ARG C 265 -18.07 -1.12 -18.79
C ARG C 265 -17.82 -2.01 -17.58
N ILE C 266 -16.58 -2.01 -17.11
CA ILE C 266 -16.15 -2.79 -15.95
C ILE C 266 -15.65 -1.80 -14.91
N GLU C 267 -16.17 -1.90 -13.69
CA GLU C 267 -15.66 -1.10 -12.58
C GLU C 267 -14.72 -1.96 -11.76
N ILE C 268 -13.62 -1.36 -11.31
CA ILE C 268 -12.78 -1.97 -10.28
C ILE C 268 -12.94 -1.14 -9.02
N TYR C 269 -13.08 -1.79 -7.87
CA TYR C 269 -13.72 -1.22 -6.67
C TYR C 269 -13.04 -1.80 -5.44
N THR C 270 -12.81 -1.00 -4.41
CA THR C 270 -12.28 -1.55 -3.15
C THR C 270 -12.66 -0.67 -1.98
N GLN C 271 -12.88 -1.32 -0.84
CA GLN C 271 -12.92 -0.68 0.47
C GLN C 271 -14.15 0.16 0.76
N ASP C 272 -15.30 -0.39 0.38
CA ASP C 272 -16.55 0.04 1.01
C ASP C 272 -16.74 -0.55 2.42
N TYR C 273 -17.92 -0.35 3.00
CA TYR C 273 -18.15 -0.58 4.43
C TYR C 273 -19.25 -1.64 4.66
N TYR C 274 -19.35 -2.11 5.89
CA TYR C 274 -20.29 -3.17 6.29
C TYR C 274 -21.72 -2.63 6.45
N THR C 275 -22.67 -3.35 5.86
CA THR C 275 -24.06 -2.91 5.84
C THR C 275 -25.01 -3.98 6.38
N GLY C 276 -24.48 -5.04 6.98
CA GLY C 276 -25.26 -6.23 7.30
C GLY C 276 -26.30 -6.06 8.42
N ASP C 277 -26.20 -5.03 9.23
CA ASP C 277 -27.20 -4.82 10.28
C ASP C 277 -28.50 -4.30 9.65
N PRO C 278 -29.65 -4.75 10.15
CA PRO C 278 -30.89 -4.46 9.42
C PRO C 278 -31.33 -2.99 9.53
N ASP C 279 -30.80 -2.27 10.52
CA ASP C 279 -31.02 -0.83 10.64
C ASP C 279 -29.80 -0.02 10.20
N ASN C 280 -28.96 -0.61 9.34
CA ASN C 280 -27.89 0.12 8.73
C ASN C 280 -28.37 1.48 8.25
N PRO C 281 -27.71 2.56 8.71
CA PRO C 281 -28.18 3.91 8.35
C PRO C 281 -28.08 4.19 6.85
N THR C 282 -29.18 4.62 6.26
N THR C 282 -29.20 4.55 6.24
CA THR C 282 -29.25 4.96 4.85
CA THR C 282 -29.21 5.00 4.87
C THR C 282 -28.77 6.39 4.61
C THR C 282 -28.50 6.34 4.76
N ILE C 283 -27.94 6.59 3.60
CA ILE C 283 -27.31 7.87 3.30
C ILE C 283 -27.92 8.39 2.01
N THR C 284 -28.48 9.58 2.07
CA THR C 284 -29.00 10.27 0.90
C THR C 284 -28.15 11.49 0.58
N TRP C 285 -27.61 11.53 -0.65
CA TRP C 285 -26.88 12.66 -1.17
C TRP C 285 -27.77 13.54 -2.06
N ASN C 286 -27.50 14.84 -2.06
CA ASN C 286 -28.12 15.76 -2.99
C ASN C 286 -27.42 15.68 -4.35
N VAL C 287 -28.22 15.60 -5.41
CA VAL C 287 -27.71 15.49 -6.78
C VAL C 287 -26.74 16.64 -7.14
N HIS C 288 -26.87 17.81 -6.52
CA HIS C 288 -25.99 18.94 -6.86
C HIS C 288 -24.68 18.98 -6.05
N ASP C 289 -24.49 18.01 -5.16
CA ASP C 289 -23.28 17.90 -4.35
C ASP C 289 -22.18 17.32 -5.23
N ASN C 290 -21.18 18.13 -5.56
CA ASN C 290 -20.09 17.73 -6.46
C ASN C 290 -19.12 16.71 -5.83
N GLN C 291 -19.29 16.38 -4.54
CA GLN C 291 -18.53 15.29 -3.94
C GLN C 291 -19.29 13.94 -3.84
N ARG C 292 -20.48 13.85 -4.42
CA ARG C 292 -21.31 12.64 -4.24
C ARG C 292 -20.82 11.43 -5.04
N ARG C 293 -20.28 11.69 -6.23
CA ARG C 293 -19.86 10.62 -7.13
C ARG C 293 -18.34 10.47 -7.12
N ASP C 294 -17.64 11.58 -7.25
CA ASP C 294 -16.21 11.61 -6.98
C ASP C 294 -15.99 12.58 -5.80
N TRP C 295 -15.51 12.02 -4.71
CA TRP C 295 -15.34 12.73 -3.43
C TRP C 295 -14.35 13.88 -3.55
N TRP C 296 -13.45 13.77 -4.53
CA TRP C 296 -12.44 14.74 -4.77
C TRP C 296 -12.89 15.85 -5.73
N GLY C 297 -14.16 15.77 -6.16
CA GLY C 297 -14.75 16.77 -7.02
C GLY C 297 -14.39 16.66 -8.49
N ASN C 298 -13.72 15.57 -8.90
CA ASN C 298 -13.41 15.40 -10.30
C ASN C 298 -14.70 15.23 -11.11
N PRO C 299 -14.71 15.75 -12.35
CA PRO C 299 -15.96 15.73 -13.11
C PRO C 299 -16.32 14.33 -13.58
N VAL C 300 -17.62 14.07 -13.72
CA VAL C 300 -18.12 12.82 -14.32
C VAL C 300 -18.33 13.04 -15.81
N VAL C 301 -17.58 12.31 -16.62
CA VAL C 301 -17.66 12.52 -18.08
C VAL C 301 -19.03 12.12 -18.61
N PRO C 302 -19.54 12.85 -19.62
CA PRO C 302 -20.93 12.61 -20.03
C PRO C 302 -21.19 11.16 -20.47
N SER C 303 -20.20 10.50 -21.07
CA SER C 303 -20.37 9.11 -21.53
C SER C 303 -20.75 8.17 -20.39
N TRP C 304 -20.30 8.49 -19.17
CA TRP C 304 -20.64 7.68 -18.00
C TRP C 304 -22.14 7.72 -17.71
N TYR C 305 -22.78 8.86 -17.98
CA TYR C 305 -24.22 8.99 -17.84
C TYR C 305 -25.01 8.42 -19.02
N THR C 306 -24.48 8.50 -20.24
CA THR C 306 -25.28 8.23 -21.43
C THR C 306 -25.07 6.85 -22.03
N GLU C 307 -23.88 6.26 -21.85
CA GLU C 307 -23.56 4.98 -22.50
C GLU C 307 -23.73 3.81 -21.53
N ALA C 308 -24.32 2.74 -22.03
CA ALA C 308 -24.51 1.50 -21.27
C ALA C 308 -24.81 0.37 -22.24
N SER C 309 -24.70 -0.88 -21.78
CA SER C 309 -24.82 -2.08 -22.64
C SER C 309 -26.27 -2.48 -22.84
N LYS C 310 -26.58 -2.89 -24.07
CA LYS C 310 -27.83 -3.55 -24.35
C LYS C 310 -27.99 -4.77 -23.44
N VAL C 311 -29.24 -5.16 -23.17
CA VAL C 311 -29.54 -6.44 -22.55
C VAL C 311 -30.45 -7.27 -23.45
N LEU C 312 -30.36 -8.59 -23.31
CA LEU C 312 -31.16 -9.53 -24.10
C LEU C 312 -32.37 -10.07 -23.33
N ASP C 313 -33.39 -10.43 -24.10
CA ASP C 313 -34.47 -11.26 -23.61
C ASP C 313 -34.10 -12.74 -23.65
N LEU C 314 -35.02 -13.62 -23.28
CA LEU C 314 -34.71 -15.04 -23.13
C LEU C 314 -34.54 -15.72 -24.49
N ASP C 315 -35.02 -15.08 -25.55
CA ASP C 315 -34.75 -15.55 -26.93
C ASP C 315 -33.41 -15.11 -27.48
N GLY C 316 -32.70 -14.26 -26.74
CA GLY C 316 -31.44 -13.68 -27.19
C GLY C 316 -31.59 -12.45 -28.07
N ASN C 317 -32.79 -11.88 -28.12
CA ASN C 317 -32.99 -10.61 -28.82
C ASN C 317 -32.83 -9.40 -27.91
N VAL C 318 -32.37 -8.28 -28.47
CA VAL C 318 -32.16 -7.05 -27.73
C VAL C 318 -33.50 -6.51 -27.17
N GLN C 319 -33.50 -6.22 -25.88
CA GLN C 319 -34.66 -5.60 -25.21
C GLN C 319 -34.83 -4.18 -25.64
N GLU C 320 -36.06 -3.85 -26.00
CA GLU C 320 -36.43 -2.47 -26.29
C GLU C 320 -36.23 -1.57 -25.09
N ILE C 321 -35.86 -0.32 -25.36
N ILE C 321 -35.85 -0.32 -25.39
CA ILE C 321 -35.49 0.64 -24.33
CA ILE C 321 -35.49 0.70 -24.39
C ILE C 321 -36.61 1.66 -24.13
C ILE C 321 -36.66 1.66 -24.14
N ILE C 322 -36.86 2.02 -22.87
CA ILE C 322 -37.83 3.03 -22.47
C ILE C 322 -37.09 4.29 -22.01
N GLU C 323 -37.50 5.46 -22.50
CA GLU C 323 -36.84 6.72 -22.14
C GLU C 323 -37.25 7.17 -20.74
N ARG C 324 -36.26 7.59 -19.97
CA ARG C 324 -36.53 8.26 -18.69
C ARG C 324 -37.26 9.58 -18.89
N THR C 325 -38.36 9.76 -18.15
CA THR C 325 -39.10 11.02 -18.18
C THR C 325 -38.80 11.90 -16.97
N ASP C 326 -38.29 11.29 -15.88
CA ASP C 326 -37.76 12.06 -14.73
C ASP C 326 -36.54 12.89 -15.13
N ASP C 327 -36.22 13.91 -14.33
CA ASP C 327 -35.03 14.73 -14.59
C ASP C 327 -33.75 13.89 -14.73
N SER C 328 -32.84 14.40 -15.57
CA SER C 328 -31.58 13.75 -15.86
C SER C 328 -30.48 14.31 -14.98
N GLU C 329 -29.74 13.40 -14.33
CA GLU C 329 -28.61 13.80 -13.51
C GLU C 329 -27.57 14.57 -14.30
N LEU C 330 -27.25 14.09 -15.50
CA LEU C 330 -26.36 14.82 -16.39
C LEU C 330 -26.88 16.26 -16.58
N GLU C 331 -28.14 16.41 -16.95
CA GLU C 331 -28.65 17.74 -17.28
C GLU C 331 -28.64 18.69 -16.08
N VAL C 332 -29.04 18.19 -14.91
CA VAL C 332 -29.14 19.09 -13.75
C VAL C 332 -27.80 19.37 -13.07
N THR C 333 -26.73 18.66 -13.44
CA THR C 333 -25.42 18.90 -12.81
C THR C 333 -24.36 19.51 -13.73
N ILE C 334 -24.27 19.01 -14.97
CA ILE C 334 -23.21 19.44 -15.88
C ILE C 334 -23.72 19.91 -17.23
N GLY C 335 -25.03 19.88 -17.46
CA GLY C 335 -25.61 20.42 -18.69
C GLY C 335 -25.69 21.93 -18.63
N ALA C 336 -26.24 22.51 -19.70
CA ALA C 336 -26.25 23.96 -19.91
C ALA C 336 -26.96 24.70 -18.78
N ASP C 337 -28.00 24.09 -18.22
CA ASP C 337 -28.77 24.66 -17.11
C ASP C 337 -28.48 24.00 -15.76
N GLY C 338 -27.38 23.25 -15.68
CA GLY C 338 -27.07 22.45 -14.52
C GLY C 338 -26.18 23.20 -13.55
N PHE C 339 -26.02 22.63 -12.36
CA PHE C 339 -25.08 23.19 -11.42
C PHE C 339 -24.71 22.16 -10.36
N SER C 340 -23.55 22.39 -9.75
CA SER C 340 -23.11 21.66 -8.59
C SER C 340 -22.34 22.58 -7.66
N PHE C 341 -22.20 22.12 -6.42
CA PHE C 341 -21.51 22.86 -5.37
C PHE C 341 -20.46 21.97 -4.69
N THR C 342 -19.46 22.61 -4.09
CA THR C 342 -18.54 21.93 -3.19
C THR C 342 -19.06 22.03 -1.75
N ARG C 343 -19.42 23.24 -1.34
CA ARG C 343 -20.03 23.49 -0.04
C ARG C 343 -21.42 24.08 -0.30
N ALA C 344 -22.44 23.47 0.30
CA ALA C 344 -23.82 23.89 0.03
C ALA C 344 -23.98 25.35 0.41
N GLY C 345 -24.59 26.14 -0.48
CA GLY C 345 -24.81 27.56 -0.27
C GLY C 345 -23.64 28.48 -0.56
N ASP C 346 -22.51 27.93 -1.00
CA ASP C 346 -21.31 28.72 -1.29
C ASP C 346 -21.07 28.77 -2.81
N GLU C 347 -21.05 29.98 -3.38
CA GLU C 347 -20.80 30.15 -4.83
C GLU C 347 -19.33 29.91 -5.19
N ASP C 348 -18.44 30.15 -4.23
CA ASP C 348 -17.05 29.71 -4.36
C ASP C 348 -16.99 28.17 -4.37
N GLY C 349 -16.35 27.62 -5.40
CA GLY C 349 -16.35 26.16 -5.64
C GLY C 349 -17.63 25.58 -6.21
N SER C 350 -18.52 26.43 -6.72
N SER C 350 -18.50 26.43 -6.75
CA SER C 350 -19.69 25.97 -7.45
CA SER C 350 -19.69 25.99 -7.45
C SER C 350 -19.46 26.09 -8.94
C SER C 350 -19.45 26.08 -8.94
N TYR C 351 -20.22 25.29 -9.68
CA TYR C 351 -20.08 25.17 -11.12
C TYR C 351 -21.47 25.31 -11.73
N HIS C 352 -21.58 26.20 -12.71
CA HIS C 352 -22.86 26.50 -13.35
C HIS C 352 -22.69 26.32 -14.85
N GLY C 353 -23.53 25.47 -15.44
CA GLY C 353 -23.56 25.29 -16.88
C GLY C 353 -22.30 24.62 -17.41
N GLN C 354 -21.55 23.97 -16.52
CA GLN C 354 -20.32 23.27 -16.87
C GLN C 354 -19.94 22.34 -15.74
N ALA C 355 -19.05 21.40 -16.04
CA ALA C 355 -18.53 20.49 -15.04
C ALA C 355 -17.40 21.15 -14.22
N SER C 356 -16.95 20.45 -13.19
CA SER C 356 -15.89 20.93 -12.30
C SER C 356 -14.52 20.95 -12.95
N LYS C 357 -13.58 21.63 -12.28
CA LYS C 357 -12.11 21.55 -12.52
C LYS C 357 -11.73 22.31 -13.79
N GLU D 4 -21.21 -33.26 26.75
CA GLU D 4 -21.75 -32.84 25.41
C GLU D 4 -22.98 -31.96 25.56
N ILE D 5 -23.09 -30.93 24.73
CA ILE D 5 -24.11 -29.90 24.96
C ILE D 5 -25.29 -30.13 24.01
N PRO D 6 -26.48 -30.42 24.57
CA PRO D 6 -27.57 -30.83 23.69
C PRO D 6 -28.11 -29.63 22.91
N LYS D 7 -28.69 -29.91 21.74
CA LYS D 7 -29.38 -28.91 20.95
C LYS D 7 -30.74 -28.62 21.60
N PRO D 8 -31.00 -27.37 22.00
CA PRO D 8 -32.34 -27.05 22.49
C PRO D 8 -33.43 -27.28 21.46
N VAL D 9 -34.64 -27.57 21.95
CA VAL D 9 -35.83 -27.48 21.12
C VAL D 9 -36.15 -26.01 20.77
N ALA D 10 -35.95 -25.10 21.72
CA ALA D 10 -36.12 -23.68 21.46
C ALA D 10 -35.24 -23.22 20.30
N PRO D 11 -35.78 -22.37 19.41
CA PRO D 11 -34.98 -21.84 18.29
C PRO D 11 -33.82 -20.93 18.73
N ALA D 12 -32.70 -21.03 18.03
CA ALA D 12 -31.56 -20.17 18.28
C ALA D 12 -31.92 -18.73 17.90
N PRO D 13 -31.37 -17.76 18.65
CA PRO D 13 -31.44 -16.38 18.14
C PRO D 13 -30.69 -16.25 16.84
N ASP D 14 -31.16 -15.35 15.99
CA ASP D 14 -30.46 -14.97 14.77
C ASP D 14 -29.37 -13.93 15.08
N ILE D 15 -28.12 -14.37 15.11
CA ILE D 15 -26.99 -13.51 15.47
C ILE D 15 -26.44 -12.87 14.20
N LEU D 16 -26.27 -11.55 14.23
CA LEU D 16 -25.71 -10.79 13.09
C LEU D 16 -24.19 -10.87 13.02
N ARG D 17 -23.55 -10.59 14.16
CA ARG D 17 -22.11 -10.35 14.19
C ARG D 17 -21.65 -10.15 15.63
N CYS D 18 -20.36 -10.35 15.86
CA CYS D 18 -19.74 -9.72 17.02
C CYS D 18 -19.93 -8.18 16.98
N ALA D 19 -20.15 -7.59 18.16
CA ALA D 19 -20.48 -6.16 18.22
C ALA D 19 -19.60 -5.35 19.18
N TYR D 20 -19.36 -5.88 20.38
CA TYR D 20 -18.47 -5.19 21.31
C TYR D 20 -17.98 -6.13 22.40
N ALA D 21 -16.87 -5.74 23.05
CA ALA D 21 -16.43 -6.38 24.28
C ALA D 21 -16.37 -5.37 25.40
N GLU D 22 -16.73 -5.84 26.60
CA GLU D 22 -16.46 -5.10 27.82
C GLU D 22 -15.28 -5.74 28.53
N LEU D 23 -14.18 -4.98 28.64
CA LEU D 23 -12.97 -5.38 29.32
C LEU D 23 -12.85 -4.60 30.64
N VAL D 24 -12.55 -5.31 31.72
CA VAL D 24 -12.19 -4.68 32.95
C VAL D 24 -10.70 -4.35 32.90
N VAL D 25 -10.38 -3.12 33.28
CA VAL D 25 -9.02 -2.61 33.29
C VAL D 25 -8.75 -2.02 34.68
N THR D 26 -7.48 -2.02 35.08
CA THR D 26 -7.15 -1.63 36.45
C THR D 26 -6.83 -0.14 36.57
N ASP D 27 -6.29 0.46 35.50
CA ASP D 27 -5.91 1.86 35.50
C ASP D 27 -6.49 2.51 34.25
N LEU D 28 -7.57 3.25 34.44
CA LEU D 28 -8.36 3.72 33.32
C LEU D 28 -7.57 4.69 32.44
N ALA D 29 -6.77 5.55 33.08
CA ALA D 29 -5.98 6.53 32.34
C ALA D 29 -4.91 5.87 31.47
N LYS D 30 -4.23 4.86 32.00
CA LYS D 30 -3.22 4.15 31.22
C LYS D 30 -3.87 3.40 30.06
N SER D 31 -5.02 2.79 30.33
CA SER D 31 -5.76 2.10 29.27
C SER D 31 -6.22 3.10 28.21
N ARG D 32 -6.69 4.26 28.62
CA ARG D 32 -7.08 5.29 27.65
C ARG D 32 -5.92 5.71 26.74
N ASN D 33 -4.75 5.92 27.32
CA ASN D 33 -3.58 6.27 26.54
C ASN D 33 -3.34 5.22 25.44
N PHE D 34 -3.51 3.95 25.79
CA PHE D 34 -3.26 2.86 24.83
C PHE D 34 -4.30 2.85 23.73
N TYR D 35 -5.56 2.81 24.10
CA TYR D 35 -6.61 2.60 23.10
C TYR D 35 -6.94 3.85 22.27
N VAL D 36 -6.79 5.03 22.88
CA VAL D 36 -7.09 6.28 22.20
C VAL D 36 -5.81 6.89 21.63
N ASP D 37 -4.81 7.13 22.45
CA ASP D 37 -3.62 7.86 21.98
C ASP D 37 -2.69 6.99 21.11
N VAL D 38 -2.51 5.73 21.47
CA VAL D 38 -1.70 4.84 20.64
C VAL D 38 -2.51 4.31 19.45
N LEU D 39 -3.64 3.68 19.72
CA LEU D 39 -4.41 2.98 18.67
C LEU D 39 -5.43 3.83 17.93
N GLY D 40 -5.79 4.99 18.48
CA GLY D 40 -6.63 5.92 17.74
C GLY D 40 -8.11 5.60 17.69
N LEU D 41 -8.61 4.77 18.60
CA LEU D 41 -10.06 4.52 18.63
C LEU D 41 -10.80 5.79 19.06
N HIS D 42 -12.09 5.85 18.74
CA HIS D 42 -12.87 7.08 18.88
C HIS D 42 -13.80 6.99 20.09
N VAL D 43 -13.83 8.05 20.87
CA VAL D 43 -14.57 8.04 22.14
C VAL D 43 -16.03 8.37 21.87
N SER D 44 -16.92 7.45 22.24
CA SER D 44 -18.37 7.71 22.22
C SER D 44 -18.90 8.32 23.53
N TYR D 45 -18.31 7.92 24.64
CA TYR D 45 -18.65 8.41 25.97
C TYR D 45 -17.50 8.04 26.89
N GLU D 46 -17.21 8.89 27.87
CA GLU D 46 -16.31 8.51 28.93
C GLU D 46 -16.57 9.27 30.21
N ASP D 47 -16.23 8.62 31.31
CA ASP D 47 -16.23 9.25 32.62
C ASP D 47 -15.15 8.60 33.47
N GLU D 48 -15.17 8.84 34.79
CA GLU D 48 -14.14 8.29 35.68
C GLU D 48 -14.20 6.77 35.85
N ASN D 49 -15.29 6.15 35.42
CA ASN D 49 -15.50 4.70 35.62
C ASN D 49 -15.35 3.88 34.33
N GLN D 50 -15.65 4.47 33.18
CA GLN D 50 -15.64 3.75 31.91
C GLN D 50 -15.26 4.65 30.74
N ILE D 51 -14.72 4.01 29.71
CA ILE D 51 -14.51 4.63 28.40
C ILE D 51 -15.15 3.74 27.34
N TYR D 52 -15.98 4.36 26.51
CA TYR D 52 -16.70 3.70 25.42
C TYR D 52 -16.04 4.15 24.10
N LEU D 53 -15.60 3.15 23.33
CA LEU D 53 -14.78 3.35 22.15
C LEU D 53 -15.37 2.67 20.94
N ARG D 54 -15.23 3.29 19.78
CA ARG D 54 -15.67 2.69 18.52
C ARG D 54 -14.64 2.86 17.43
N SER D 55 -14.77 2.01 16.42
CA SER D 55 -13.92 2.03 15.25
C SER D 55 -14.42 3.07 14.22
N PHE D 56 -13.59 3.28 13.19
CA PHE D 56 -13.80 4.37 12.24
C PHE D 56 -15.11 4.23 11.47
N GLU D 57 -15.52 3.00 11.16
CA GLU D 57 -16.70 2.78 10.30
C GLU D 57 -17.95 2.38 11.08
N GLU D 58 -17.89 2.40 12.41
CA GLU D 58 -18.99 1.89 13.20
C GLU D 58 -20.11 2.95 13.35
N PHE D 59 -21.36 2.48 13.35
CA PHE D 59 -22.52 3.32 13.66
C PHE D 59 -23.24 3.00 14.96
N ILE D 60 -23.08 1.78 15.49
CA ILE D 60 -23.60 1.46 16.82
C ILE D 60 -22.73 2.17 17.87
N HIS D 61 -23.19 2.21 19.11
CA HIS D 61 -22.66 3.15 20.07
C HIS D 61 -21.16 2.92 20.34
N HIS D 62 -20.76 1.64 20.39
CA HIS D 62 -19.35 1.31 20.68
C HIS D 62 -19.00 -0.10 20.24
N ASN D 63 -17.68 -0.31 20.10
CA ASN D 63 -17.10 -1.66 19.94
C ASN D 63 -16.30 -2.18 21.13
N LEU D 64 -16.01 -1.30 22.08
CA LEU D 64 -15.18 -1.64 23.22
C LEU D 64 -15.58 -0.74 24.39
N VAL D 65 -15.84 -1.37 25.53
CA VAL D 65 -16.08 -0.67 26.79
C VAL D 65 -14.96 -1.05 27.75
N LEU D 66 -14.24 -0.04 28.23
CA LEU D 66 -13.20 -0.24 29.24
C LEU D 66 -13.83 0.16 30.58
N THR D 67 -13.91 -0.80 31.50
CA THR D 67 -14.58 -0.57 32.78
C THR D 67 -13.52 -0.74 33.86
N LYS D 68 -13.34 0.32 34.65
CA LYS D 68 -12.43 0.24 35.79
C LYS D 68 -12.90 -0.80 36.82
N GLY D 69 -11.98 -1.64 37.24
CA GLY D 69 -12.24 -2.64 38.27
C GLY D 69 -10.97 -3.22 38.88
N PRO D 70 -11.13 -4.04 39.91
CA PRO D 70 -9.98 -4.49 40.69
C PRO D 70 -9.13 -5.54 39.97
N VAL D 71 -9.76 -6.33 39.10
CA VAL D 71 -9.11 -7.46 38.49
C VAL D 71 -9.36 -7.42 36.98
N ALA D 72 -8.29 -7.28 36.19
CA ALA D 72 -8.44 -7.19 34.74
C ALA D 72 -8.97 -8.49 34.18
N ALA D 73 -9.96 -8.40 33.30
CA ALA D 73 -10.71 -9.57 32.84
C ALA D 73 -11.68 -9.18 31.75
N LEU D 74 -12.13 -10.17 30.98
CA LEU D 74 -13.28 -10.00 30.12
C LEU D 74 -14.56 -10.04 30.95
N LYS D 75 -15.39 -9.01 30.83
CA LYS D 75 -16.70 -9.01 31.51
C LYS D 75 -17.85 -9.46 30.62
N ALA D 76 -17.78 -9.13 29.33
CA ALA D 76 -18.81 -9.61 28.38
C ALA D 76 -18.29 -9.55 26.98
N MET D 77 -18.59 -10.58 26.19
N MET D 77 -18.55 -10.62 26.22
CA MET D 77 -18.43 -10.48 24.75
CA MET D 77 -18.46 -10.63 24.75
C MET D 77 -19.81 -10.50 24.12
C MET D 77 -19.86 -10.48 24.19
N ALA D 78 -20.11 -9.42 23.39
CA ALA D 78 -21.47 -9.12 22.95
C ALA D 78 -21.64 -9.32 21.46
N PHE D 79 -22.76 -9.98 21.12
CA PHE D 79 -23.21 -10.21 19.76
C PHE D 79 -24.52 -9.49 19.53
N ARG D 80 -24.61 -8.79 18.40
CA ARG D 80 -25.86 -8.16 18.06
C ARG D 80 -26.75 -9.19 17.35
N VAL D 81 -28.04 -9.18 17.68
CA VAL D 81 -29.02 -10.07 17.04
C VAL D 81 -29.94 -9.27 16.12
N ARG D 82 -30.69 -9.97 15.26
CA ARG D 82 -31.30 -9.32 14.10
C ARG D 82 -32.53 -8.47 14.47
N THR D 83 -33.27 -8.91 15.48
CA THR D 83 -34.52 -8.23 15.92
C THR D 83 -34.61 -8.21 17.44
N PRO D 84 -35.43 -7.30 17.98
CA PRO D 84 -35.73 -7.35 19.43
C PRO D 84 -36.20 -8.74 19.92
N GLU D 85 -37.00 -9.42 19.11
CA GLU D 85 -37.55 -10.74 19.47
C GLU D 85 -36.43 -11.78 19.64
N ASP D 86 -35.30 -11.57 18.96
CA ASP D 86 -34.19 -12.50 19.09
C ASP D 86 -33.55 -12.47 20.48
N VAL D 87 -33.70 -11.37 21.22
CA VAL D 87 -33.23 -11.35 22.60
C VAL D 87 -34.09 -12.28 23.46
N ASP D 88 -35.40 -12.27 23.23
CA ASP D 88 -36.28 -13.22 23.89
C ASP D 88 -35.89 -14.66 23.51
N LYS D 89 -35.58 -14.89 22.24
CA LYS D 89 -35.17 -16.21 21.81
C LYS D 89 -33.89 -16.65 22.52
N ALA D 90 -32.90 -15.75 22.61
CA ALA D 90 -31.66 -16.09 23.32
C ALA D 90 -31.95 -16.48 24.78
N GLU D 91 -32.86 -15.78 25.43
CA GLU D 91 -33.16 -16.07 26.83
C GLU D 91 -33.75 -17.47 26.98
N ALA D 92 -34.71 -17.80 26.13
CA ALA D 92 -35.34 -19.13 26.16
C ALA D 92 -34.32 -20.23 25.84
N TYR D 93 -33.45 -19.96 24.87
CA TYR D 93 -32.46 -20.94 24.43
C TYR D 93 -31.49 -21.28 25.57
N TYR D 94 -30.93 -20.26 26.21
CA TYR D 94 -29.96 -20.52 27.25
C TYR D 94 -30.61 -21.05 28.52
N GLN D 95 -31.87 -20.69 28.76
CA GLN D 95 -32.63 -21.28 29.87
C GLN D 95 -32.83 -22.77 29.63
N GLU D 96 -33.17 -23.16 28.41
CA GLU D 96 -33.26 -24.59 28.09
C GLU D 96 -31.93 -25.32 28.24
N LEU D 97 -30.82 -24.66 27.93
CA LEU D 97 -29.49 -25.23 28.17
C LEU D 97 -29.14 -25.32 29.67
N GLY D 98 -29.88 -24.64 30.53
CA GLY D 98 -29.64 -24.68 31.96
C GLY D 98 -28.59 -23.69 32.42
N CYS D 99 -28.40 -22.63 31.65
CA CYS D 99 -27.42 -21.62 31.95
C CYS D 99 -28.02 -20.49 32.78
N ARG D 100 -27.18 -19.94 33.65
CA ARG D 100 -27.49 -18.70 34.34
C ARG D 100 -27.64 -17.54 33.38
N THR D 101 -28.74 -16.82 33.50
CA THR D 101 -29.03 -15.68 32.66
C THR D 101 -29.44 -14.46 33.48
N GLU D 102 -29.23 -13.29 32.89
CA GLU D 102 -29.66 -12.01 33.46
C GLU D 102 -30.12 -11.09 32.34
N ARG D 103 -31.34 -10.60 32.47
CA ARG D 103 -31.96 -9.74 31.47
C ARG D 103 -32.10 -8.34 32.05
N ARG D 104 -31.64 -7.33 31.32
CA ARG D 104 -31.86 -5.93 31.70
C ARG D 104 -32.49 -5.17 30.55
N LYS D 105 -33.71 -4.70 30.75
CA LYS D 105 -34.47 -4.03 29.70
C LYS D 105 -33.82 -2.75 29.24
N ASP D 106 -33.01 -2.13 30.11
CA ASP D 106 -32.34 -0.89 29.74
C ASP D 106 -30.83 -1.05 29.64
N GLY D 107 -30.35 -2.28 29.52
CA GLY D 107 -28.94 -2.52 29.22
C GLY D 107 -28.04 -2.63 30.43
N PHE D 108 -26.85 -3.19 30.19
CA PHE D 108 -25.77 -3.32 31.19
C PHE D 108 -24.76 -2.18 31.05
N VAL D 109 -24.58 -1.69 29.83
CA VAL D 109 -23.67 -0.59 29.55
C VAL D 109 -24.40 0.48 28.75
N LYS D 110 -23.89 1.71 28.82
CA LYS D 110 -24.50 2.82 28.09
C LYS D 110 -24.53 2.57 26.59
N GLY D 111 -25.61 3.05 25.95
CA GLY D 111 -25.77 2.93 24.51
C GLY D 111 -26.27 1.58 24.03
N ILE D 112 -26.55 0.66 24.94
CA ILE D 112 -27.20 -0.61 24.64
C ILE D 112 -28.53 -0.64 25.40
N GLY D 113 -29.58 -1.10 24.74
CA GLY D 113 -30.90 -1.20 25.36
C GLY D 113 -31.11 -2.61 25.86
N ASP D 114 -32.28 -3.16 25.62
CA ASP D 114 -32.63 -4.46 26.14
C ASP D 114 -31.57 -5.51 25.81
N ALA D 115 -31.04 -6.12 26.85
CA ALA D 115 -29.90 -7.02 26.70
C ALA D 115 -29.97 -8.21 27.64
N LEU D 116 -29.49 -9.35 27.16
CA LEU D 116 -29.36 -10.58 27.92
C LEU D 116 -27.89 -10.95 28.05
N ARG D 117 -27.43 -11.10 29.29
CA ARG D 117 -26.14 -11.74 29.56
C ARG D 117 -26.31 -13.13 30.12
N VAL D 118 -25.41 -14.03 29.71
CA VAL D 118 -25.48 -15.43 30.11
C VAL D 118 -24.06 -15.89 30.48
N GLU D 119 -23.97 -16.78 31.46
CA GLU D 119 -22.80 -17.63 31.64
C GLU D 119 -22.98 -18.88 30.77
N ASP D 120 -22.26 -18.94 29.65
CA ASP D 120 -22.59 -19.94 28.65
C ASP D 120 -21.99 -21.30 29.07
N PRO D 121 -22.29 -22.38 28.31
CA PRO D 121 -21.84 -23.73 28.72
C PRO D 121 -20.33 -23.91 28.79
N LEU D 122 -19.59 -23.01 28.13
CA LEU D 122 -18.14 -23.01 28.19
C LEU D 122 -17.59 -22.07 29.24
N GLY D 123 -18.46 -21.42 30.02
CA GLY D 123 -18.02 -20.55 31.10
C GLY D 123 -17.82 -19.10 30.68
N PHE D 124 -18.21 -18.75 29.45
CA PHE D 124 -18.03 -17.40 28.93
C PHE D 124 -19.24 -16.48 29.14
N PRO D 125 -18.95 -15.20 29.45
CA PRO D 125 -20.03 -14.22 29.59
C PRO D 125 -20.40 -13.64 28.21
N TYR D 126 -21.47 -14.16 27.62
CA TYR D 126 -21.97 -13.67 26.33
C TYR D 126 -23.09 -12.69 26.60
N GLU D 127 -23.16 -11.63 25.80
CA GLU D 127 -24.32 -10.75 25.72
C GLU D 127 -25.00 -10.83 24.35
N PHE D 128 -26.33 -10.77 24.38
CA PHE D 128 -27.13 -10.60 23.16
C PHE D 128 -28.02 -9.37 23.29
N PHE D 129 -28.02 -8.55 22.26
CA PHE D 129 -28.82 -7.31 22.24
C PHE D 129 -29.19 -6.98 20.79
N PHE D 130 -30.31 -6.27 20.61
CA PHE D 130 -30.60 -5.58 19.37
C PHE D 130 -30.45 -4.06 19.51
N GLU D 131 -31.12 -3.48 20.51
CA GLU D 131 -31.28 -2.05 20.64
C GLU D 131 -29.94 -1.42 20.99
N THR D 132 -29.57 -0.40 20.23
CA THR D 132 -28.36 0.36 20.53
C THR D 132 -28.54 1.77 19.98
N THR D 133 -27.93 2.72 20.68
CA THR D 133 -27.88 4.11 20.27
C THR D 133 -26.93 4.31 19.10
N HIS D 134 -27.46 4.81 17.98
CA HIS D 134 -26.64 5.15 16.82
C HIS D 134 -25.83 6.44 17.04
N VAL D 135 -24.64 6.45 16.48
CA VAL D 135 -23.73 7.58 16.59
C VAL D 135 -23.29 8.01 15.19
N GLU D 136 -22.54 9.11 15.09
CA GLU D 136 -22.01 9.54 13.79
C GLU D 136 -21.07 8.47 13.24
N ARG D 137 -21.42 7.98 12.06
CA ARG D 137 -20.55 7.01 11.39
C ARG D 137 -19.37 7.78 10.78
N LEU D 138 -18.14 7.49 11.25
CA LEU D 138 -16.97 8.30 10.89
C LEU D 138 -16.24 7.87 9.61
N HIS D 139 -16.90 7.06 8.78
CA HIS D 139 -16.23 6.36 7.69
C HIS D 139 -15.62 7.24 6.60
N MET D 140 -16.11 8.47 6.47
CA MET D 140 -15.53 9.43 5.54
C MET D 140 -14.87 10.62 6.22
N ARG D 141 -14.58 10.48 7.50
CA ARG D 141 -13.94 11.55 8.26
C ARG D 141 -12.42 11.46 8.12
N TYR D 142 -11.96 11.70 6.89
CA TYR D 142 -10.55 11.60 6.59
C TYR D 142 -9.72 12.72 7.21
N ASP D 143 -10.38 13.76 7.71
CA ASP D 143 -9.75 14.72 8.61
C ASP D 143 -9.32 14.13 9.97
N LEU D 144 -9.92 13.00 10.36
CA LEU D 144 -9.57 12.26 11.59
C LEU D 144 -8.68 11.02 11.35
N TYR D 145 -8.66 10.55 10.12
CA TYR D 145 -8.10 9.22 9.81
C TYR D 145 -6.62 9.19 10.16
N SER D 146 -6.23 8.22 10.97
N SER D 146 -6.27 8.18 10.94
CA SER D 146 -4.82 8.07 11.29
CA SER D 146 -4.88 7.90 11.36
C SER D 146 -4.16 7.06 10.38
C SER D 146 -4.16 7.03 10.35
N ALA D 147 -2.84 7.16 10.30
CA ALA D 147 -2.05 6.22 9.49
C ALA D 147 -2.20 4.74 9.91
N GLY D 148 -2.67 4.50 11.13
CA GLY D 148 -2.95 3.15 11.61
C GLY D 148 -4.42 2.87 11.90
N GLU D 149 -5.33 3.56 11.21
CA GLU D 149 -6.74 3.58 11.60
C GLU D 149 -7.39 2.18 11.71
N LEU D 150 -8.04 1.96 12.85
CA LEU D 150 -8.84 0.76 13.10
C LEU D 150 -10.26 1.00 12.62
N VAL D 151 -10.69 0.23 11.62
CA VAL D 151 -11.92 0.55 10.90
C VAL D 151 -13.17 -0.25 11.32
N ARG D 152 -12.98 -1.47 11.81
N ARG D 152 -13.01 -1.50 11.76
CA ARG D 152 -14.09 -2.32 12.27
CA ARG D 152 -14.14 -2.33 12.20
C ARG D 152 -13.63 -3.13 13.44
C ARG D 152 -13.68 -3.25 13.32
N LEU D 153 -14.60 -3.60 14.22
CA LEU D 153 -14.41 -4.81 15.05
C LEU D 153 -14.62 -6.05 14.20
N ASP D 154 -13.67 -6.95 14.19
CA ASP D 154 -13.82 -8.19 13.43
C ASP D 154 -14.23 -9.44 14.20
N HIS D 155 -13.60 -9.73 15.33
CA HIS D 155 -13.84 -11.00 15.99
C HIS D 155 -13.30 -11.08 17.40
N PHE D 156 -13.76 -12.13 18.09
CA PHE D 156 -13.20 -12.57 19.36
C PHE D 156 -12.50 -13.91 19.16
N ASN D 157 -11.62 -14.25 20.09
CA ASN D 157 -11.02 -15.59 20.14
C ASN D 157 -11.00 -16.05 21.58
N GLN D 158 -11.55 -17.23 21.81
CA GLN D 158 -11.76 -17.82 23.14
C GLN D 158 -10.88 -19.04 23.38
N VAL D 159 -10.28 -19.14 24.57
CA VAL D 159 -9.51 -20.33 24.93
C VAL D 159 -10.42 -21.25 25.74
N THR D 160 -10.52 -22.50 25.28
CA THR D 160 -11.39 -23.49 25.92
C THR D 160 -10.74 -24.87 25.81
N PRO D 161 -10.92 -25.75 26.81
CA PRO D 161 -10.12 -27.00 26.83
C PRO D 161 -10.53 -28.04 25.80
N ASP D 162 -11.79 -28.04 25.42
CA ASP D 162 -12.37 -29.10 24.55
C ASP D 162 -12.99 -28.43 23.31
N VAL D 163 -12.24 -28.38 22.23
CA VAL D 163 -12.68 -27.61 21.08
C VAL D 163 -13.92 -28.23 20.40
N PRO D 164 -13.94 -29.56 20.14
CA PRO D 164 -15.16 -30.15 19.53
C PRO D 164 -16.46 -29.88 20.33
N ARG D 165 -16.38 -29.92 21.66
CA ARG D 165 -17.53 -29.65 22.52
C ARG D 165 -18.06 -28.23 22.30
N GLY D 166 -17.15 -27.25 22.28
CA GLY D 166 -17.55 -25.87 22.03
C GLY D 166 -18.03 -25.63 20.61
N ARG D 167 -17.38 -26.30 19.66
CA ARG D 167 -17.71 -26.14 18.26
C ARG D 167 -19.15 -26.60 17.98
N LYS D 168 -19.50 -27.75 18.52
CA LYS D 168 -20.86 -28.28 18.32
C LYS D 168 -21.92 -27.29 18.84
N TYR D 169 -21.64 -26.74 20.02
CA TYR D 169 -22.53 -25.82 20.70
C TYR D 169 -22.69 -24.56 19.85
N LEU D 170 -21.58 -24.06 19.31
CA LEU D 170 -21.64 -22.85 18.48
C LEU D 170 -22.34 -23.09 17.14
N GLU D 171 -22.17 -24.29 16.59
CA GLU D 171 -22.89 -24.66 15.37
C GLU D 171 -24.41 -24.66 15.58
N ASP D 172 -24.87 -25.18 16.70
CA ASP D 172 -26.30 -25.15 17.03
C ASP D 172 -26.84 -23.72 17.17
N LEU D 173 -25.99 -22.82 17.67
N LEU D 173 -25.99 -22.82 17.69
CA LEU D 173 -26.29 -21.40 17.73
CA LEU D 173 -26.28 -21.39 17.71
C LEU D 173 -26.19 -20.69 16.37
C LEU D 173 -26.31 -20.73 16.34
N GLY D 174 -25.81 -21.41 15.31
CA GLY D 174 -25.89 -20.92 13.94
C GLY D 174 -24.55 -20.47 13.37
N PHE D 175 -23.48 -20.55 14.16
CA PHE D 175 -22.15 -20.22 13.64
C PHE D 175 -21.73 -21.33 12.69
N ARG D 176 -21.07 -20.98 11.58
CA ARG D 176 -20.56 -21.98 10.66
C ARG D 176 -19.03 -22.02 10.69
N VAL D 177 -18.48 -23.22 10.85
CA VAL D 177 -17.03 -23.42 10.85
C VAL D 177 -16.47 -23.16 9.46
N THR D 178 -15.44 -22.35 9.40
CA THR D 178 -14.76 -22.02 8.15
C THR D 178 -13.41 -22.73 8.03
N GLU D 179 -12.63 -22.69 9.10
CA GLU D 179 -11.30 -23.31 9.15
C GLU D 179 -11.09 -23.99 10.48
N ASP D 180 -10.22 -25.00 10.50
CA ASP D 180 -9.76 -25.57 11.76
C ASP D 180 -8.37 -26.17 11.64
N ILE D 181 -7.85 -26.56 12.78
CA ILE D 181 -6.51 -27.17 12.87
C ILE D 181 -6.65 -28.50 13.62
N GLN D 182 -6.18 -29.58 12.99
CA GLN D 182 -6.30 -30.93 13.54
C GLN D 182 -4.99 -31.69 13.35
N ASP D 183 -4.82 -32.81 14.03
CA ASP D 183 -3.74 -33.74 13.67
C ASP D 183 -4.28 -35.02 13.05
N ASP D 184 -3.40 -35.91 12.67
CA ASP D 184 -3.81 -37.14 12.01
C ASP D 184 -4.48 -38.16 12.96
N GLU D 185 -4.37 -37.94 14.27
CA GLU D 185 -4.88 -38.87 15.28
C GLU D 185 -6.10 -38.27 15.99
N GLY D 186 -6.79 -37.35 15.31
CA GLY D 186 -8.13 -36.95 15.66
C GLY D 186 -8.26 -35.89 16.73
N THR D 187 -7.17 -35.22 17.08
CA THR D 187 -7.21 -34.09 18.00
C THR D 187 -7.46 -32.80 17.24
N THR D 188 -8.36 -31.97 17.77
CA THR D 188 -8.64 -30.65 17.25
C THR D 188 -8.01 -29.60 18.16
N TYR D 189 -7.26 -28.68 17.55
CA TYR D 189 -6.50 -27.68 18.29
C TYR D 189 -7.15 -26.29 18.25
N ALA D 190 -7.93 -26.03 17.23
CA ALA D 190 -8.55 -24.72 17.04
C ALA D 190 -9.61 -24.80 15.96
N ALA D 191 -10.61 -23.92 16.08
CA ALA D 191 -11.66 -23.78 15.06
C ALA D 191 -12.13 -22.33 14.97
N TRP D 192 -12.53 -21.96 13.76
CA TRP D 192 -12.95 -20.60 13.44
C TRP D 192 -14.39 -20.68 12.93
N MET D 193 -15.24 -19.74 13.35
CA MET D 193 -16.64 -19.84 12.95
C MET D 193 -17.34 -18.48 12.88
N HIS D 194 -18.31 -18.37 11.94
CA HIS D 194 -18.82 -17.07 11.56
C HIS D 194 -20.33 -17.01 11.52
N ARG D 195 -20.82 -15.79 11.65
CA ARG D 195 -22.17 -15.41 11.24
C ARG D 195 -22.19 -14.35 10.11
N LYS D 196 -21.29 -13.36 10.15
CA LYS D 196 -21.39 -12.21 9.27
C LYS D 196 -20.79 -12.34 7.87
N GLY D 197 -20.21 -13.47 7.53
CA GLY D 197 -19.74 -13.67 6.16
C GLY D 197 -18.26 -13.33 5.99
N THR D 198 -17.53 -13.21 7.10
CA THR D 198 -16.06 -13.22 7.10
C THR D 198 -15.58 -14.55 7.69
N VAL D 199 -14.26 -14.72 7.83
CA VAL D 199 -13.77 -16.00 8.32
C VAL D 199 -14.32 -16.33 9.71
N HIS D 200 -14.49 -15.32 10.55
CA HIS D 200 -15.03 -15.58 11.88
C HIS D 200 -15.58 -14.37 12.58
N ASP D 201 -16.52 -14.66 13.47
CA ASP D 201 -16.95 -13.74 14.52
C ASP D 201 -16.43 -14.16 15.88
N THR D 202 -16.27 -15.46 16.09
CA THR D 202 -15.49 -15.96 17.21
C THR D 202 -14.75 -17.20 16.79
N ALA D 203 -13.86 -17.65 17.65
CA ALA D 203 -12.99 -18.76 17.36
C ALA D 203 -12.62 -19.38 18.67
N LEU D 204 -12.29 -20.67 18.59
CA LEU D 204 -11.91 -21.46 19.77
C LEU D 204 -10.47 -21.89 19.59
N THR D 205 -9.68 -21.60 20.62
CA THR D 205 -8.30 -22.03 20.71
C THR D 205 -8.22 -23.04 21.86
N GLY D 206 -7.71 -24.24 21.59
CA GLY D 206 -7.58 -25.29 22.62
C GLY D 206 -6.61 -24.85 23.71
N GLY D 207 -7.05 -24.89 24.97
CA GLY D 207 -6.17 -24.54 26.09
C GLY D 207 -6.96 -24.48 27.38
N ASN D 208 -6.27 -24.23 28.48
CA ASN D 208 -6.97 -24.06 29.75
C ASN D 208 -7.95 -22.89 29.67
N GLY D 209 -9.18 -23.09 30.13
CA GLY D 209 -10.18 -22.04 30.04
C GLY D 209 -11.36 -22.23 30.95
N PRO D 210 -12.32 -21.28 30.93
CA PRO D 210 -12.46 -20.18 29.97
C PRO D 210 -11.45 -19.05 30.16
N ARG D 211 -10.80 -18.65 29.07
CA ARG D 211 -10.01 -17.42 29.03
C ARG D 211 -10.26 -16.75 27.68
N LEU D 212 -10.11 -15.43 27.62
CA LEU D 212 -10.24 -14.68 26.38
C LEU D 212 -8.86 -14.50 25.75
N HIS D 213 -8.69 -15.07 24.57
CA HIS D 213 -7.40 -14.97 23.92
C HIS D 213 -7.16 -13.58 23.36
N HIS D 214 -8.10 -13.05 22.57
CA HIS D 214 -7.95 -11.69 22.04
C HIS D 214 -9.26 -11.14 21.50
N VAL D 215 -9.26 -9.83 21.29
CA VAL D 215 -10.24 -9.13 20.49
C VAL D 215 -9.52 -8.58 19.26
N ALA D 216 -10.17 -8.64 18.10
CA ALA D 216 -9.55 -8.21 16.86
C ALA D 216 -10.30 -7.07 16.17
N PHE D 217 -9.53 -6.08 15.73
CA PHE D 217 -10.01 -4.99 14.90
C PHE D 217 -9.36 -5.05 13.53
N SER D 218 -10.05 -4.52 12.52
N SER D 218 -10.03 -4.53 12.51
CA SER D 218 -9.56 -4.52 11.15
CA SER D 218 -9.48 -4.56 11.17
C SER D 218 -8.93 -3.18 10.81
C SER D 218 -9.03 -3.19 10.72
N THR D 219 -8.07 -3.17 9.79
CA THR D 219 -7.68 -1.96 9.06
C THR D 219 -8.10 -2.09 7.60
N HIS D 220 -7.98 -1.00 6.86
CA HIS D 220 -8.20 -1.06 5.41
C HIS D 220 -7.09 -1.82 4.69
N GLU D 221 -5.84 -1.51 5.01
CA GLU D 221 -4.71 -1.99 4.22
C GLU D 221 -3.58 -2.50 5.11
N LYS D 222 -2.69 -3.25 4.49
CA LYS D 222 -1.59 -3.86 5.21
C LYS D 222 -0.66 -2.81 5.81
N HIS D 223 -0.47 -1.70 5.08
CA HIS D 223 0.42 -0.66 5.58
C HIS D 223 -0.08 -0.03 6.87
N ASN D 224 -1.40 -0.09 7.12
CA ASN D 224 -1.94 0.47 8.34
C ASN D 224 -1.45 -0.34 9.54
N ILE D 225 -1.33 -1.65 9.34
CA ILE D 225 -0.79 -2.54 10.39
C ILE D 225 0.70 -2.28 10.60
N ILE D 226 1.44 -2.13 9.51
N ILE D 226 1.44 -2.14 9.51
CA ILE D 226 2.85 -1.77 9.58
CA ILE D 226 2.86 -1.78 9.60
C ILE D 226 3.05 -0.50 10.41
C ILE D 226 3.06 -0.50 10.41
N GLN D 227 2.21 0.50 10.16
CA GLN D 227 2.30 1.78 10.88
C GLN D 227 2.09 1.61 12.39
N ILE D 228 1.19 0.73 12.79
CA ILE D 228 1.00 0.51 14.23
C ILE D 228 2.32 0.02 14.84
N CYS D 229 2.98 -0.92 14.17
CA CYS D 229 4.29 -1.41 14.63
C CYS D 229 5.31 -0.26 14.68
N ASP D 230 5.34 0.53 13.61
CA ASP D 230 6.29 1.63 13.51
C ASP D 230 6.06 2.63 14.63
N LYS D 231 4.79 2.94 14.92
CA LYS D 231 4.47 3.88 15.96
C LYS D 231 4.85 3.35 17.34
N MET D 232 4.63 2.06 17.58
CA MET D 232 5.04 1.47 18.86
C MET D 232 6.57 1.49 19.03
N GLY D 233 7.31 1.31 17.94
CA GLY D 233 8.75 1.52 18.00
C GLY D 233 9.13 2.96 18.38
N ALA D 234 8.45 3.93 17.76
CA ALA D 234 8.71 5.36 18.02
C ALA D 234 8.39 5.77 19.46
N LEU D 235 7.35 5.15 20.00
CA LEU D 235 6.97 5.36 21.40
C LEU D 235 7.80 4.53 22.36
N ARG D 236 8.73 3.73 21.83
CA ARG D 236 9.61 2.88 22.63
C ARG D 236 8.82 1.91 23.53
N ILE D 237 7.78 1.34 22.94
CA ILE D 237 6.96 0.29 23.56
C ILE D 237 6.88 -0.94 22.66
N SER D 238 7.96 -1.20 21.91
CA SER D 238 8.03 -2.39 21.06
C SER D 238 7.94 -3.70 21.84
N ASP D 239 8.25 -3.66 23.14
CA ASP D 239 8.05 -4.82 23.99
C ASP D 239 6.58 -5.21 24.17
N ARG D 240 5.66 -4.35 23.78
CA ARG D 240 4.23 -4.66 23.79
C ARG D 240 3.73 -5.21 22.46
N ILE D 241 4.61 -5.33 21.47
CA ILE D 241 4.32 -6.11 20.27
C ILE D 241 4.65 -7.55 20.58
N GLU D 242 3.65 -8.41 20.59
CA GLU D 242 3.82 -9.83 21.02
C GLU D 242 4.23 -10.74 19.87
N ARG D 243 3.51 -10.62 18.76
CA ARG D 243 3.61 -11.54 17.66
C ARG D 243 3.22 -10.84 16.37
N GLY D 244 3.98 -11.08 15.31
CA GLY D 244 3.77 -10.43 14.03
C GLY D 244 4.66 -9.22 13.78
N PRO D 245 4.35 -8.46 12.73
CA PRO D 245 3.25 -8.68 11.82
C PRO D 245 3.50 -9.87 10.90
N GLY D 246 2.42 -10.41 10.37
CA GLY D 246 2.52 -11.60 9.55
C GLY D 246 1.37 -11.75 8.60
N ARG D 247 1.44 -12.81 7.82
CA ARG D 247 0.30 -13.30 7.05
C ARG D 247 -0.16 -14.59 7.70
N HIS D 248 -1.45 -14.68 8.04
CA HIS D 248 -1.94 -15.93 8.61
C HIS D 248 -2.09 -16.98 7.52
N GLY D 249 -1.94 -18.25 7.89
CA GLY D 249 -2.35 -19.37 7.02
C GLY D 249 -3.88 -19.47 7.07
N VAL D 250 -4.36 -20.01 8.17
CA VAL D 250 -5.76 -19.97 8.50
C VAL D 250 -6.25 -18.51 8.39
N SER D 251 -7.28 -18.30 7.61
CA SER D 251 -7.90 -17.00 7.32
C SER D 251 -7.26 -16.16 6.21
N ASN D 252 -5.99 -16.40 5.90
CA ASN D 252 -5.26 -15.62 4.93
C ASN D 252 -5.16 -14.12 5.24
N ALA D 253 -5.42 -13.71 6.49
CA ALA D 253 -5.41 -12.30 6.85
C ALA D 253 -4.00 -11.83 7.24
N PHE D 254 -3.70 -10.57 6.97
CA PHE D 254 -2.49 -9.91 7.48
C PHE D 254 -2.77 -9.49 8.92
N TYR D 255 -1.79 -9.66 9.82
CA TYR D 255 -2.10 -9.60 11.25
C TYR D 255 -0.96 -9.05 12.08
N LEU D 256 -1.33 -8.66 13.32
CA LEU D 256 -0.42 -8.24 14.38
C LEU D 256 -1.10 -8.49 15.72
N TYR D 257 -0.34 -8.94 16.73
CA TYR D 257 -0.86 -9.04 18.11
C TYR D 257 -0.06 -8.13 19.02
N ILE D 258 -0.78 -7.31 19.78
CA ILE D 258 -0.18 -6.39 20.74
C ILE D 258 -0.85 -6.55 22.11
N LEU D 259 -0.21 -6.03 23.16
CA LEU D 259 -0.70 -6.24 24.51
C LEU D 259 -1.02 -4.91 25.17
N ASP D 260 -2.24 -4.78 25.68
CA ASP D 260 -2.64 -3.57 26.38
C ASP D 260 -2.02 -3.51 27.80
N PRO D 261 -2.25 -2.39 28.53
CA PRO D 261 -1.57 -2.24 29.85
C PRO D 261 -1.89 -3.32 30.89
N ASP D 262 -3.02 -4.02 30.73
CA ASP D 262 -3.37 -5.14 31.61
C ASP D 262 -3.08 -6.52 30.98
N ASN D 263 -2.27 -6.52 29.92
N ASN D 263 -2.27 -6.52 29.92
CA ASN D 263 -1.96 -7.68 29.11
CA ASN D 263 -1.99 -7.69 29.09
C ASN D 263 -3.10 -8.30 28.32
C ASN D 263 -3.18 -8.36 28.44
N HIS D 264 -4.24 -7.59 28.20
CA HIS D 264 -5.27 -8.04 27.26
C HIS D 264 -4.66 -7.98 25.87
N ARG D 265 -4.81 -9.06 25.10
CA ARG D 265 -4.26 -9.16 23.76
C ARG D 265 -5.23 -8.58 22.73
N ILE D 266 -4.72 -7.71 21.86
CA ILE D 266 -5.50 -7.12 20.77
C ILE D 266 -4.84 -7.55 19.46
N GLU D 267 -5.65 -8.05 18.53
CA GLU D 267 -5.18 -8.37 17.18
C GLU D 267 -5.64 -7.27 16.23
N ILE D 268 -4.75 -6.89 15.32
CA ILE D 268 -5.10 -6.06 14.20
C ILE D 268 -5.03 -6.96 12.96
N TYR D 269 -6.01 -6.86 12.08
CA TYR D 269 -6.33 -7.92 11.12
C TYR D 269 -6.85 -7.27 9.83
N THR D 270 -6.47 -7.79 8.66
CA THR D 270 -7.06 -7.30 7.43
C THR D 270 -7.02 -8.32 6.32
N GLN D 271 -8.05 -8.25 5.47
CA GLN D 271 -8.05 -8.90 4.14
C GLN D 271 -8.17 -10.43 4.20
N ASP D 272 -9.07 -10.91 5.04
CA ASP D 272 -9.61 -12.26 4.87
C ASP D 272 -10.69 -12.27 3.75
N TYR D 273 -11.40 -13.39 3.62
CA TYR D 273 -12.20 -13.70 2.43
C TYR D 273 -13.68 -13.91 2.81
N TYR D 274 -14.52 -13.92 1.78
CA TYR D 274 -15.98 -14.05 1.93
C TYR D 274 -16.39 -15.50 2.20
N THR D 275 -17.23 -15.67 3.23
CA THR D 275 -17.66 -16.99 3.66
C THR D 275 -19.19 -17.14 3.71
N GLY D 276 -19.92 -16.15 3.20
CA GLY D 276 -21.38 -16.11 3.36
C GLY D 276 -22.19 -17.18 2.62
N ASP D 277 -21.60 -17.89 1.64
CA ASP D 277 -22.36 -18.97 0.99
C ASP D 277 -22.47 -20.16 1.95
N PRO D 278 -23.63 -20.85 1.99
CA PRO D 278 -23.79 -21.89 3.02
C PRO D 278 -22.93 -23.15 2.83
N ASP D 279 -22.45 -23.38 1.61
CA ASP D 279 -21.55 -24.49 1.32
C ASP D 279 -20.12 -23.99 1.16
N ASN D 280 -19.82 -22.86 1.78
CA ASN D 280 -18.46 -22.33 1.81
C ASN D 280 -17.48 -23.45 2.16
N PRO D 281 -16.44 -23.66 1.33
CA PRO D 281 -15.59 -24.83 1.59
C PRO D 281 -14.80 -24.67 2.88
N THR D 282 -14.89 -25.67 3.75
N THR D 282 -14.89 -25.68 3.73
CA THR D 282 -14.12 -25.65 4.98
CA THR D 282 -14.15 -25.74 4.99
C THR D 282 -12.67 -26.03 4.68
C THR D 282 -12.68 -26.07 4.71
N ILE D 283 -11.77 -25.49 5.47
CA ILE D 283 -10.33 -25.75 5.27
C ILE D 283 -9.78 -26.30 6.59
N THR D 284 -9.16 -27.48 6.51
CA THR D 284 -8.53 -28.09 7.67
C THR D 284 -7.01 -28.13 7.46
N TRP D 285 -6.29 -27.60 8.43
CA TRP D 285 -4.83 -27.60 8.43
C TRP D 285 -4.29 -28.63 9.41
N ASN D 286 -3.16 -29.23 9.08
CA ASN D 286 -2.47 -30.12 9.99
C ASN D 286 -1.70 -29.29 11.00
N VAL D 287 -1.76 -29.66 12.27
CA VAL D 287 -1.09 -28.92 13.34
C VAL D 287 0.43 -28.80 13.12
N HIS D 288 1.02 -29.74 12.40
CA HIS D 288 2.47 -29.74 12.16
C HIS D 288 2.90 -28.88 10.96
N ASP D 289 1.93 -28.33 10.24
CA ASP D 289 2.21 -27.50 9.08
C ASP D 289 2.68 -26.12 9.57
N ASN D 290 3.95 -25.83 9.33
CA ASN D 290 4.55 -24.59 9.83
C ASN D 290 4.08 -23.33 9.07
N GLN D 291 3.25 -23.50 8.04
CA GLN D 291 2.61 -22.33 7.41
C GLN D 291 1.16 -22.08 7.86
N ARG D 292 0.67 -22.83 8.84
CA ARG D 292 -0.76 -22.74 9.18
C ARG D 292 -1.11 -21.47 9.96
N ARG D 293 -0.20 -21.01 10.81
CA ARG D 293 -0.46 -19.84 11.64
C ARG D 293 0.20 -18.58 11.11
N ASP D 294 1.46 -18.72 10.76
CA ASP D 294 2.17 -17.75 9.96
C ASP D 294 2.58 -18.40 8.67
N TRP D 295 2.00 -17.89 7.58
CA TRP D 295 2.19 -18.42 6.24
C TRP D 295 3.64 -18.36 5.79
N TRP D 296 4.40 -17.43 6.37
CA TRP D 296 5.82 -17.25 6.00
C TRP D 296 6.73 -18.12 6.86
N GLY D 297 6.12 -18.91 7.76
CA GLY D 297 6.87 -19.84 8.55
C GLY D 297 7.48 -19.24 9.80
N ASN D 298 7.18 -17.98 10.12
CA ASN D 298 7.76 -17.38 11.32
C ASN D 298 7.21 -18.05 12.57
N PRO D 299 8.06 -18.18 13.62
CA PRO D 299 7.68 -18.98 14.77
C PRO D 299 6.60 -18.29 15.58
N VAL D 300 5.76 -19.10 16.21
CA VAL D 300 4.75 -18.59 17.13
C VAL D 300 5.33 -18.53 18.53
N VAL D 301 5.37 -17.34 19.09
CA VAL D 301 5.95 -17.14 20.41
C VAL D 301 5.15 -17.92 21.47
N PRO D 302 5.85 -18.53 22.45
CA PRO D 302 5.15 -19.39 23.41
C PRO D 302 4.04 -18.67 24.19
N SER D 303 4.25 -17.40 24.52
CA SER D 303 3.23 -16.63 25.24
C SER D 303 1.91 -16.60 24.51
N TRP D 304 1.95 -16.70 23.18
CA TRP D 304 0.72 -16.67 22.39
C TRP D 304 -0.10 -17.92 22.69
N TYR D 305 0.60 -19.03 22.95
CA TYR D 305 -0.08 -20.26 23.33
C TYR D 305 -0.49 -20.33 24.79
N THR D 306 0.22 -19.67 25.69
CA THR D 306 0.02 -19.93 27.12
C THR D 306 -0.77 -18.82 27.85
N GLU D 307 -0.70 -17.59 27.34
CA GLU D 307 -1.25 -16.46 28.07
C GLU D 307 -2.58 -16.02 27.46
N ALA D 308 -3.52 -15.66 28.31
CA ALA D 308 -4.83 -15.15 27.88
C ALA D 308 -5.51 -14.53 29.09
N SER D 309 -6.56 -13.74 28.84
CA SER D 309 -7.25 -13.00 29.88
C SER D 309 -8.25 -13.83 30.68
N LYS D 310 -8.33 -13.55 31.97
CA LYS D 310 -9.38 -14.07 32.81
C LYS D 310 -10.76 -13.65 32.26
N VAL D 311 -11.80 -14.44 32.55
CA VAL D 311 -13.16 -14.00 32.29
C VAL D 311 -13.97 -14.00 33.58
N LEU D 312 -15.00 -13.15 33.61
CA LEU D 312 -15.85 -13.03 34.78
C LEU D 312 -17.18 -13.76 34.60
N ASP D 313 -17.75 -14.18 35.73
CA ASP D 313 -19.16 -14.56 35.76
C ASP D 313 -20.07 -13.34 35.95
N LEU D 314 -21.38 -13.59 36.06
CA LEU D 314 -22.36 -12.50 36.06
C LEU D 314 -22.32 -11.71 37.36
N ASP D 315 -21.66 -12.23 38.39
CA ASP D 315 -21.41 -11.48 39.64
C ASP D 315 -20.15 -10.65 39.63
N GLY D 316 -19.35 -10.75 38.57
CA GLY D 316 -18.07 -10.08 38.52
C GLY D 316 -16.91 -10.86 39.11
N ASN D 317 -17.14 -12.12 39.49
CA ASN D 317 -16.03 -12.95 39.98
C ASN D 317 -15.36 -13.72 38.85
N VAL D 318 -14.08 -13.99 39.00
CA VAL D 318 -13.32 -14.68 37.98
C VAL D 318 -13.81 -16.14 37.88
N GLN D 319 -14.00 -16.62 36.67
CA GLN D 319 -14.32 -18.02 36.41
C GLN D 319 -13.12 -18.91 36.65
N GLU D 320 -13.37 -20.01 37.36
CA GLU D 320 -12.38 -21.06 37.54
C GLU D 320 -11.92 -21.61 36.18
N ILE D 321 -10.63 -21.92 36.11
CA ILE D 321 -9.99 -22.46 34.91
C ILE D 321 -10.09 -23.98 34.97
N ILE D 322 -10.42 -24.59 33.84
N ILE D 322 -10.48 -24.59 33.85
CA ILE D 322 -10.39 -26.04 33.69
CA ILE D 322 -10.41 -26.03 33.65
C ILE D 322 -9.28 -26.43 32.72
C ILE D 322 -9.21 -26.35 32.76
N GLU D 323 -8.44 -27.37 33.13
CA GLU D 323 -7.25 -27.76 32.37
C GLU D 323 -7.60 -28.57 31.13
N ARG D 324 -6.96 -28.25 30.02
CA ARG D 324 -7.01 -29.07 28.82
C ARG D 324 -6.28 -30.40 29.03
N THR D 325 -6.93 -31.48 28.62
CA THR D 325 -6.34 -32.83 28.64
C THR D 325 -5.91 -33.34 27.24
N ASP D 326 -6.53 -32.83 26.18
CA ASP D 326 -6.04 -33.13 24.83
C ASP D 326 -4.63 -32.54 24.62
N ASP D 327 -3.96 -32.98 23.57
CA ASP D 327 -2.59 -32.53 23.30
C ASP D 327 -2.48 -31.00 23.13
N SER D 328 -1.31 -30.47 23.50
CA SER D 328 -1.03 -29.01 23.44
C SER D 328 -0.36 -28.66 22.12
N GLU D 329 -0.92 -27.67 21.42
CA GLU D 329 -0.32 -27.21 20.16
C GLU D 329 1.13 -26.76 20.33
N LEU D 330 1.41 -25.98 21.37
CA LEU D 330 2.78 -25.59 21.68
C LEU D 330 3.68 -26.83 21.73
N GLU D 331 3.30 -27.82 22.54
CA GLU D 331 4.22 -28.92 22.81
C GLU D 331 4.46 -29.73 21.53
N VAL D 332 3.40 -29.97 20.74
CA VAL D 332 3.53 -30.84 19.56
C VAL D 332 4.20 -30.15 18.36
N THR D 333 4.36 -28.84 18.42
CA THR D 333 4.99 -28.09 17.33
C THR D 333 6.37 -27.47 17.65
N ILE D 334 6.51 -26.82 18.80
CA ILE D 334 7.74 -26.06 19.09
C ILE D 334 8.43 -26.45 20.40
N GLY D 335 7.84 -27.38 21.15
CA GLY D 335 8.46 -27.88 22.38
C GLY D 335 9.54 -28.87 22.05
N ALA D 336 10.24 -29.35 23.09
CA ALA D 336 11.39 -30.22 22.90
C ALA D 336 11.07 -31.52 22.15
N ASP D 337 9.83 -32.03 22.25
CA ASP D 337 9.39 -33.20 21.46
C ASP D 337 8.49 -32.83 20.27
N GLY D 338 8.48 -31.56 19.91
CA GLY D 338 7.55 -31.06 18.92
C GLY D 338 8.17 -31.18 17.55
N PHE D 339 7.35 -31.06 16.53
CA PHE D 339 7.90 -30.86 15.20
C PHE D 339 6.95 -30.11 14.28
N SER D 340 7.54 -29.54 13.23
CA SER D 340 6.76 -28.90 12.21
C SER D 340 7.49 -29.06 10.86
N PHE D 341 6.73 -28.93 9.78
CA PHE D 341 7.26 -29.04 8.43
C PHE D 341 6.90 -27.83 7.57
N THR D 342 7.69 -27.62 6.52
CA THR D 342 7.37 -26.68 5.46
C THR D 342 6.61 -27.40 4.34
N ARG D 343 7.12 -28.55 3.94
CA ARG D 343 6.50 -29.42 2.94
C ARG D 343 6.21 -30.76 3.59
N ALA D 344 4.94 -31.18 3.55
CA ALA D 344 4.54 -32.45 4.15
C ALA D 344 5.43 -33.57 3.61
N GLY D 345 6.01 -34.35 4.53
CA GLY D 345 6.88 -35.47 4.17
C GLY D 345 8.32 -35.13 3.86
N ASP D 346 8.69 -33.85 3.88
CA ASP D 346 10.05 -33.43 3.54
C ASP D 346 10.84 -33.07 4.81
N GLU D 347 11.97 -33.73 5.02
N GLU D 347 11.97 -33.72 5.04
CA GLU D 347 12.88 -33.40 6.12
CA GLU D 347 12.83 -33.38 6.16
C GLU D 347 13.48 -32.01 5.99
C GLU D 347 13.51 -32.01 5.99
N ASP D 348 13.81 -31.63 4.76
CA ASP D 348 14.34 -30.27 4.49
C ASP D 348 13.27 -29.24 4.82
N GLY D 349 13.61 -28.23 5.61
CA GLY D 349 12.62 -27.26 6.05
C GLY D 349 11.71 -27.76 7.17
N SER D 350 12.10 -28.86 7.81
N SER D 350 12.11 -28.86 7.81
CA SER D 350 11.40 -29.32 8.99
CA SER D 350 11.41 -29.34 8.99
C SER D 350 12.18 -28.98 10.25
C SER D 350 12.18 -28.96 10.25
N TYR D 351 11.46 -28.86 11.35
CA TYR D 351 12.01 -28.41 12.63
C TYR D 351 11.60 -29.43 13.66
N HIS D 352 12.58 -29.89 14.43
CA HIS D 352 12.38 -30.93 15.43
C HIS D 352 12.91 -30.44 16.77
N GLY D 353 12.03 -30.37 17.75
CA GLY D 353 12.39 -29.96 19.09
C GLY D 353 12.73 -28.49 19.25
N GLN D 354 12.39 -27.69 18.24
CA GLN D 354 12.53 -26.26 18.37
C GLN D 354 11.62 -25.58 17.38
N ALA D 355 11.59 -24.26 17.45
CA ALA D 355 10.76 -23.48 16.55
C ALA D 355 11.48 -23.28 15.23
N SER D 356 10.76 -22.71 14.28
CA SER D 356 11.32 -22.38 12.98
C SER D 356 12.37 -21.27 13.12
N LYS D 357 13.17 -21.12 12.06
CA LYS D 357 14.04 -19.97 11.84
C LYS D 357 15.29 -19.96 12.73
N GLY D 358 15.43 -20.90 13.66
CA GLY D 358 16.68 -21.08 14.40
C GLY D 358 16.57 -20.83 15.89
N PHE D 359 15.35 -20.61 16.38
CA PHE D 359 15.10 -20.37 17.80
C PHE D 359 14.62 -21.62 18.50
N LYS D 360 14.88 -21.70 19.80
CA LYS D 360 14.11 -22.59 20.67
C LYS D 360 13.40 -21.76 21.73
N LEU D 361 12.62 -22.44 22.57
CA LEU D 361 11.82 -21.78 23.59
C LEU D 361 12.74 -21.08 24.59
N GLY D 362 12.43 -19.82 24.87
CA GLY D 362 13.10 -19.10 25.96
C GLY D 362 12.60 -19.48 27.33
FE FE2 E . 6.53 18.76 -10.80
O1 P6G F . 11.73 41.94 3.93
C2 P6G F . 10.78 41.87 4.99
C3 P6G F . 9.69 40.87 4.60
O4 P6G F . 9.32 41.08 3.25
C5 P6G F . 7.96 40.76 2.96
C6 P6G F . 7.88 40.09 1.61
O7 P6G F . 9.07 40.37 0.85
C8 P6G F . 8.89 41.38 -0.15
C9 P6G F . 9.78 42.55 0.17
O10 P6G F . 11.13 42.13 0.03
C11 P6G F . 12.02 43.17 0.37
C12 P6G F . 13.42 42.70 0.12
O13 P6G F . 13.79 41.80 1.16
C14 P6G F . 15.17 41.41 1.05
C15 P6G F . 15.51 40.55 2.26
O16 P6G F . 14.59 39.46 2.30
C17 P6G F . 14.78 38.66 3.48
C18 P6G F . 14.01 37.35 3.34
O19 P6G F . 12.59 37.59 3.35
CL CL G . 2.75 16.70 -16.14
S1 MPO H . 3.71 5.48 -29.09
O1 MPO H . 3.60 4.25 -28.34
O2 MPO H . 4.55 5.28 -30.26
O4 MPO H . 9.84 7.34 -24.65
N1 MPO H . 7.32 7.03 -25.75
C1 MPO H . 4.47 6.65 -28.16
O3 MPO H . 2.20 5.97 -29.40
C2 MPO H . 5.75 6.13 -27.47
C3 MPO H . 6.43 7.34 -26.87
C4 MPO H . 7.78 8.30 -25.20
C5 MPO H . 8.71 7.98 -24.06
C6 MPO H . 9.48 6.06 -25.17
C7 MPO H . 8.46 6.28 -26.28
FE FE2 I . 21.30 -4.66 3.92
CA CA J . 29.34 -2.24 27.72
O1 P6G K . 37.04 -18.77 -16.00
C2 P6G K . 35.65 -18.47 -15.83
C3 P6G K . 34.97 -19.62 -15.10
O4 P6G K . 34.11 -19.13 -14.09
C5 P6G K . 33.65 -20.14 -13.19
C6 P6G K . 33.33 -19.52 -11.85
O7 P6G K . 34.47 -18.83 -11.36
C8 P6G K . 35.38 -19.62 -10.56
C9 P6G K . 36.70 -19.78 -11.30
O10 P6G K . 37.23 -18.49 -11.60
C11 P6G K . 38.41 -18.58 -12.41
C12 P6G K . 38.99 -17.20 -12.65
O13 P6G K . 38.16 -16.49 -13.55
C14 P6G K . 38.57 -15.15 -13.83
C15 P6G K . 37.75 -14.59 -14.98
O16 P6G K . 36.42 -14.38 -14.53
C17 P6G K . 35.53 -13.93 -15.54
C18 P6G K . 34.14 -13.70 -14.92
O19 P6G K . 33.61 -14.93 -14.43
O1 P6G L . 29.18 6.87 19.99
C2 P6G L . 29.18 5.49 20.44
C3 P6G L . 29.65 5.36 21.89
O4 P6G L . 28.70 5.87 22.82
C5 P6G L . 28.96 5.58 24.20
C6 P6G L . 27.85 6.11 25.12
O7 P6G L . 26.63 5.33 25.01
C8 P6G L . 25.46 6.11 25.26
C9 P6G L . 24.17 5.28 25.14
O10 P6G L . 24.06 4.27 26.15
C11 P6G L . 22.80 3.56 26.07
C12 P6G L . 22.48 2.86 27.39
O13 P6G L . 22.04 3.80 28.36
C14 P6G L . 21.61 3.20 29.57
C15 P6G L . 21.33 4.25 30.64
O16 P6G L . 20.22 5.03 30.22
C17 P6G L . 19.91 6.13 31.05
C18 P6G L . 18.63 6.77 30.57
O19 P6G L . 18.83 7.38 29.29
CL CL M . 19.62 -5.31 10.52
S1 MPO N . 16.45 5.15 23.94
O1 MPO N . 17.19 6.20 24.63
O2 MPO N . 16.19 3.96 24.74
O4 MPO N . 19.43 7.78 17.17
N1 MPO N . 18.25 6.29 19.19
C1 MPO N . 17.35 4.77 22.57
O3 MPO N . 15.01 5.78 23.53
C2 MPO N . 17.32 5.91 21.53
C3 MPO N . 18.36 5.54 20.47
C4 MPO N . 19.29 5.74 18.30
C5 MPO N . 19.17 6.41 16.95
C6 MPO N . 18.41 8.39 17.98
C7 MPO N . 18.43 7.73 19.36
FE FE2 O . -20.46 0.48 -9.29
O1 P6G P . -27.78 -20.81 -28.35
C2 P6G P . -26.80 -20.17 -27.49
C3 P6G P . -26.59 -18.79 -28.07
O4 P6G P . -25.45 -18.08 -27.61
C5 P6G P . -25.09 -17.06 -28.55
C6 P6G P . -25.19 -15.68 -27.95
O7 P6G P . -26.43 -15.47 -27.24
C8 P6G P . -27.32 -14.64 -27.97
C9 P6G P . -28.37 -15.54 -28.58
O10 P6G P . -29.06 -16.20 -27.53
C11 P6G P . -30.02 -17.12 -28.04
C12 P6G P . -30.81 -17.74 -26.90
O13 P6G P . -29.95 -18.56 -26.11
C14 P6G P . -30.63 -19.06 -24.94
C15 P6G P . -29.73 -20.10 -24.26
O16 P6G P . -28.59 -19.41 -23.76
C17 P6G P . -27.66 -20.27 -23.11
C18 P6G P . -26.61 -19.36 -22.46
O19 P6G P . -25.83 -18.66 -23.45
O11 4SX Q . -19.98 7.49 -8.75
S9 4SX Q . -20.79 7.02 -7.44
O12 4SX Q . -20.13 7.52 -6.21
O10 4SX Q . -22.15 7.54 -7.51
C4 4SX Q . -20.90 5.30 -7.37
C3 4SX Q . -20.93 4.59 -8.58
C5 4SX Q . -20.71 4.63 -6.14
C6 4SX Q . -20.51 3.23 -6.10
C1 4SX Q . -20.46 2.53 -7.32
O7 4SX Q . -20.14 1.18 -7.35
C2 4SX Q . -20.67 3.22 -8.57
O8 4SX Q . -20.59 2.53 -9.72
CL CL R . -20.34 7.28 -9.10
FE FE2 S . -7.74 -13.63 15.64
O1 P6G T . -20.94 -2.96 39.49
C2 P6G T . -20.73 -2.47 38.16
C3 P6G T . -19.32 -1.94 38.03
O4 P6G T . -18.43 -3.04 37.93
C5 P6G T . -17.09 -2.63 37.65
C6 P6G T . -16.10 -3.79 37.58
O7 P6G T . -16.62 -4.99 36.97
C8 P6G T . -16.34 -6.14 37.78
C9 P6G T . -17.37 -6.29 38.89
O10 P6G T . -18.62 -6.71 38.35
C11 P6G T . -19.68 -6.64 39.30
C12 P6G T . -20.99 -7.09 38.67
O13 P6G T . -21.41 -6.17 37.66
C14 P6G T . -22.64 -6.53 37.01
C15 P6G T . -23.17 -5.38 36.14
O16 P6G T . -22.18 -5.04 35.17
C17 P6G T . -22.51 -3.85 34.46
C18 P6G T . -21.49 -3.57 33.37
O19 P6G T . -20.16 -3.34 33.90
O11 4SX U . -2.41 -17.73 13.72
S9 4SX U . -3.64 -18.30 12.82
O12 4SX U . -3.33 -18.34 11.39
O10 4SX U . -4.00 -19.63 13.31
C4 4SX U . -4.98 -17.30 13.07
C3 4SX U . -5.09 -16.63 14.31
C5 4SX U . -5.79 -16.95 11.98
C6 4SX U . -6.75 -15.93 12.17
C1 4SX U . -6.89 -15.28 13.42
O7 4SX U . -7.82 -14.26 13.60
C2 4SX U . -6.05 -15.63 14.53
O8 4SX U . -6.12 -14.93 15.69
CL CL V . -2.52 -17.76 14.19
O1 PG4 W . -30.29 3.43 30.31
C1 PG4 W . -29.72 4.08 31.44
C2 PG4 W . -28.20 4.17 31.33
O2 PG4 W . -27.63 5.33 31.98
C3 PG4 W . -28.29 6.59 31.77
C4 PG4 W . -27.35 7.79 31.93
O3 PG4 W . -26.36 7.85 30.89
C5 PG4 W . -26.23 9.10 30.20
C6 PG4 W . -25.35 8.96 28.94
O4 PG4 W . -25.67 7.77 28.22
C7 PG4 W . -25.40 7.72 26.81
C8 PG4 W . -26.69 7.99 26.02
O5 PG4 W . -27.11 6.86 25.23
#